data_4O46
#
_entry.id   4O46
#
_cell.length_a   121.829
_cell.length_b   121.829
_cell.length_c   314.221
_cell.angle_alpha   90.000
_cell.angle_beta   90.000
_cell.angle_gamma   90.000
#
_symmetry.space_group_name_H-M   'P 41 21 2'
#
loop_
_entity.id
_entity.type
_entity.pdbx_description
1 polymer '14-3-3 protein gamma'
2 polymer 'Nonstructural protein 1'
3 polymer 'Unidentified polymer'
4 non-polymer 'UNKNOWN ATOM OR ION'
#
loop_
_entity_poly.entity_id
_entity_poly.type
_entity_poly.pdbx_seq_one_letter_code
_entity_poly.pdbx_strand_id
1 'polypeptide(L)'
;MVDREQLVQKARLAEQAERYDDMAAAMKNVTELNEPLSNEERNLLSVAYKNVVGARRSSWRVISSIEQKTSADGNEKKIE
MVRAYREKIEKELEAVCQDVLSLLDNYLIKNCSETQYESKVFYLKMKGDYYRYLAEVATGEKRATVVESSEKAYSEAHEI
SKEHMQPTHPIRLGLALNYSVFYYEIQNAPEQACHLAKTAFDDAIAELDTLNEDSYKDSTLIMQLLRDNLTLWTSDQQDD
DGGEGNNSLEHHHHHH
;
A,B,C,D,E,F
2 'polypeptide(L)' PKQKRKMARTAR(SEP)KV G,H,I,J,K,L
3 'polypeptide(L)'
;(UNK)(UNK)(UNK)(UNK)(UNK)(UNK)(UNK)(UNK)(UNK)(UNK)(UNK)(UNK)(UNK)(UNK)(UNK)(UNK)
(UNK)(UNK)(UNK)(UNK)(UNK)(UNK)(UNK)(UNK)
;
M,N,O,V
#
# COMPACT_ATOMS: atom_id res chain seq x y z
N VAL A 2 -45.86 2.19 -4.60
CA VAL A 2 -46.00 3.21 -5.62
C VAL A 2 -46.29 2.60 -7.00
N ASP A 3 -47.26 3.18 -7.73
CA ASP A 3 -47.61 2.73 -9.08
C ASP A 3 -46.52 3.16 -10.07
N ARG A 4 -46.42 2.46 -11.21
CA ARG A 4 -45.44 2.68 -12.26
C ARG A 4 -45.36 4.14 -12.71
N GLU A 5 -46.54 4.79 -12.91
CA GLU A 5 -46.64 6.19 -13.32
C GLU A 5 -45.95 7.15 -12.35
N GLN A 6 -46.08 6.91 -11.02
CA GLN A 6 -45.45 7.72 -9.99
C GLN A 6 -43.94 7.62 -10.03
N LEU A 7 -43.40 6.41 -10.29
CA LEU A 7 -41.97 6.12 -10.41
C LEU A 7 -41.40 6.86 -11.61
N VAL A 8 -42.10 6.83 -12.77
CA VAL A 8 -41.68 7.50 -14.01
C VAL A 8 -41.66 9.01 -13.77
N GLN A 9 -42.66 9.52 -13.04
CA GLN A 9 -42.76 10.94 -12.71
C GLN A 9 -41.66 11.34 -11.71
N LYS A 10 -41.25 10.44 -10.78
CA LYS A 10 -40.15 10.72 -9.83
C LYS A 10 -38.83 10.89 -10.59
N ALA A 11 -38.60 10.03 -11.61
CA ALA A 11 -37.42 10.08 -12.46
C ALA A 11 -37.38 11.43 -13.21
N ARG A 12 -38.54 11.86 -13.73
CA ARG A 12 -38.67 13.15 -14.43
C ARG A 12 -38.32 14.32 -13.50
N LEU A 13 -38.77 14.26 -12.22
CA LEU A 13 -38.50 15.28 -11.20
C LEU A 13 -37.03 15.32 -10.84
N ALA A 14 -36.46 14.14 -10.51
CA ALA A 14 -35.05 14.01 -10.15
C ALA A 14 -34.13 14.55 -11.25
N GLU A 15 -34.47 14.29 -12.52
CA GLU A 15 -33.69 14.78 -13.66
C GLU A 15 -33.60 16.31 -13.62
N GLN A 16 -34.74 16.98 -13.38
CA GLN A 16 -34.83 18.43 -13.30
C GLN A 16 -34.11 18.95 -12.07
N ALA A 17 -34.17 18.20 -10.96
CA ALA A 17 -33.50 18.51 -9.70
C ALA A 17 -32.02 18.11 -9.71
N GLU A 18 -31.54 17.52 -10.82
CA GLU A 18 -30.16 17.04 -11.04
C GLU A 18 -29.73 16.06 -9.93
N ARG A 19 -30.65 15.16 -9.57
CA ARG A 19 -30.45 14.13 -8.55
C ARG A 19 -30.51 12.80 -9.26
N TYR A 20 -29.43 12.51 -10.01
CA TYR A 20 -29.31 11.34 -10.87
C TYR A 20 -29.30 10.00 -10.12
N ASP A 21 -28.87 9.96 -8.84
CA ASP A 21 -28.92 8.72 -8.04
C ASP A 21 -30.40 8.35 -7.82
N ASP A 22 -31.26 9.35 -7.46
CA ASP A 22 -32.70 9.22 -7.27
C ASP A 22 -33.41 8.84 -8.57
N MET A 23 -32.95 9.40 -9.71
CA MET A 23 -33.49 9.14 -11.05
C MET A 23 -33.21 7.67 -11.42
N ALA A 24 -31.94 7.21 -11.23
CA ALA A 24 -31.52 5.83 -11.52
C ALA A 24 -32.28 4.84 -10.64
N ALA A 25 -32.49 5.16 -9.36
CA ALA A 25 -33.22 4.32 -8.41
C ALA A 25 -34.65 4.12 -8.84
N ALA A 26 -35.28 5.19 -9.35
CA ALA A 26 -36.66 5.19 -9.81
C ALA A 26 -36.82 4.34 -11.08
N MET A 27 -35.90 4.52 -12.05
CA MET A 27 -35.92 3.80 -13.31
C MET A 27 -35.55 2.32 -13.12
N LYS A 28 -34.71 2.00 -12.11
CA LYS A 28 -34.36 0.62 -11.76
C LYS A 28 -35.64 -0.10 -11.28
N ASN A 29 -36.44 0.58 -10.42
CA ASN A 29 -37.71 0.07 -9.90
C ASN A 29 -38.71 -0.20 -11.02
N VAL A 30 -38.76 0.69 -12.04
CA VAL A 30 -39.64 0.57 -13.21
C VAL A 30 -39.23 -0.69 -14.00
N THR A 31 -37.92 -0.86 -14.24
CA THR A 31 -37.33 -2.00 -14.95
C THR A 31 -37.66 -3.31 -14.23
N GLU A 32 -37.55 -3.30 -12.88
CA GLU A 32 -37.80 -4.45 -12.01
C GLU A 32 -39.27 -4.89 -11.97
N LEU A 33 -40.17 -4.19 -12.71
CA LEU A 33 -41.59 -4.54 -12.82
C LEU A 33 -41.81 -5.59 -13.91
N ASN A 34 -40.71 -5.92 -14.63
CA ASN A 34 -40.60 -6.91 -15.71
C ASN A 34 -41.53 -6.61 -16.92
N GLU A 35 -41.97 -5.36 -17.05
CA GLU A 35 -42.76 -4.89 -18.19
C GLU A 35 -41.81 -4.08 -19.09
N PRO A 36 -41.92 -4.18 -20.43
CA PRO A 36 -41.00 -3.43 -21.32
C PRO A 36 -41.06 -1.91 -21.15
N LEU A 37 -39.94 -1.23 -21.41
CA LEU A 37 -39.86 0.23 -21.29
C LEU A 37 -40.21 0.90 -22.61
N SER A 38 -40.87 2.06 -22.53
CA SER A 38 -41.21 2.87 -23.70
C SER A 38 -39.94 3.62 -24.15
N ASN A 39 -39.98 4.31 -25.30
CA ASN A 39 -38.83 5.09 -25.79
C ASN A 39 -38.42 6.15 -24.75
N GLU A 40 -39.42 6.82 -24.12
CA GLU A 40 -39.21 7.84 -23.09
C GLU A 40 -38.57 7.23 -21.84
N GLU A 41 -39.14 6.11 -21.34
CA GLU A 41 -38.66 5.37 -20.16
C GLU A 41 -37.25 4.82 -20.39
N ARG A 42 -36.98 4.30 -21.59
CA ARG A 42 -35.69 3.77 -22.02
C ARG A 42 -34.61 4.85 -21.94
N ASN A 43 -34.94 6.08 -22.36
CA ASN A 43 -34.01 7.20 -22.33
C ASN A 43 -33.84 7.76 -20.92
N LEU A 44 -34.91 7.75 -20.10
CA LEU A 44 -34.84 8.20 -18.70
C LEU A 44 -33.84 7.33 -17.92
N LEU A 45 -33.89 6.00 -18.12
CA LEU A 45 -32.97 5.04 -17.52
C LEU A 45 -31.53 5.28 -17.98
N SER A 46 -31.33 5.46 -19.31
CA SER A 46 -30.04 5.68 -19.94
C SER A 46 -29.37 6.95 -19.42
N VAL A 47 -30.11 8.09 -19.40
CA VAL A 47 -29.66 9.40 -18.91
C VAL A 47 -29.26 9.30 -17.42
N ALA A 48 -30.11 8.64 -16.61
CA ALA A 48 -29.88 8.48 -15.18
C ALA A 48 -28.55 7.81 -14.90
N TYR A 49 -28.37 6.58 -15.41
CA TYR A 49 -27.16 5.82 -15.20
C TYR A 49 -25.93 6.43 -15.90
N LYS A 50 -26.11 7.11 -17.05
CA LYS A 50 -25.00 7.77 -17.77
C LYS A 50 -24.38 8.86 -16.90
N ASN A 51 -25.24 9.67 -16.23
CA ASN A 51 -24.83 10.73 -15.32
C ASN A 51 -24.21 10.18 -14.01
N VAL A 52 -24.76 9.08 -13.46
CA VAL A 52 -24.25 8.43 -12.25
C VAL A 52 -22.82 7.90 -12.51
N VAL A 53 -22.64 7.05 -13.54
CA VAL A 53 -21.35 6.49 -13.90
C VAL A 53 -20.38 7.60 -14.38
N GLY A 54 -20.93 8.59 -15.12
CA GLY A 54 -20.18 9.72 -15.64
C GLY A 54 -19.45 10.51 -14.57
N ALA A 55 -20.10 10.71 -13.42
CA ALA A 55 -19.54 11.41 -12.27
C ALA A 55 -18.29 10.68 -11.77
N ARG A 56 -18.35 9.33 -11.69
CA ARG A 56 -17.24 8.49 -11.26
C ARG A 56 -16.13 8.47 -12.31
N ARG A 57 -16.50 8.41 -13.62
CA ARG A 57 -15.57 8.40 -14.74
C ARG A 57 -14.74 9.68 -14.73
N SER A 58 -15.40 10.84 -14.56
CA SER A 58 -14.77 12.14 -14.49
C SER A 58 -13.81 12.23 -13.30
N SER A 59 -14.26 11.77 -12.11
CA SER A 59 -13.45 11.78 -10.87
C SER A 59 -12.23 10.90 -11.03
N TRP A 60 -12.43 9.67 -11.57
CA TRP A 60 -11.37 8.69 -11.82
C TRP A 60 -10.28 9.28 -12.70
N ARG A 61 -10.67 9.95 -13.81
CA ARG A 61 -9.73 10.58 -14.73
C ARG A 61 -8.89 11.65 -14.03
N VAL A 62 -9.53 12.49 -13.19
CA VAL A 62 -8.87 13.56 -12.42
C VAL A 62 -7.84 12.96 -11.44
N ILE A 63 -8.26 11.94 -10.63
CA ILE A 63 -7.39 11.27 -9.65
C ILE A 63 -6.23 10.56 -10.35
N SER A 64 -6.51 9.82 -11.46
CA SER A 64 -5.48 9.12 -12.26
C SER A 64 -4.42 10.07 -12.78
N SER A 65 -4.85 11.27 -13.26
CA SER A 65 -3.98 12.33 -13.76
C SER A 65 -3.05 12.84 -12.65
N ILE A 66 -3.60 13.03 -11.42
CA ILE A 66 -2.87 13.45 -10.23
C ILE A 66 -1.88 12.34 -9.82
N GLU A 67 -2.33 11.07 -9.85
CA GLU A 67 -1.53 9.89 -9.52
C GLU A 67 -0.28 9.77 -10.42
N GLN A 68 -0.41 10.10 -11.72
CA GLN A 68 0.69 10.05 -12.68
C GLN A 68 1.73 11.14 -12.36
N LYS A 69 1.27 12.36 -12.01
CA LYS A 69 2.13 13.48 -11.64
C LYS A 69 2.77 13.26 -10.25
N THR A 70 2.00 12.73 -9.27
CA THR A 70 2.46 12.45 -7.91
C THR A 70 3.52 11.33 -7.87
N SER A 71 3.44 10.34 -8.80
CA SER A 71 4.39 9.22 -8.90
C SER A 71 5.80 9.71 -9.25
N ALA A 72 5.88 10.78 -10.06
CA ALA A 72 7.12 11.42 -10.52
C ALA A 72 7.90 12.09 -9.38
N ASP A 73 7.20 12.79 -8.45
CA ASP A 73 7.84 13.48 -7.32
C ASP A 73 8.39 12.51 -6.25
N GLY A 74 7.76 11.34 -6.12
CA GLY A 74 8.18 10.30 -5.18
C GLY A 74 7.84 10.57 -3.73
N ASN A 75 6.55 10.82 -3.43
CA ASN A 75 6.04 11.05 -2.08
C ASN A 75 5.26 9.78 -1.67
N GLU A 76 5.92 8.91 -0.88
CA GLU A 76 5.41 7.63 -0.40
C GLU A 76 4.00 7.68 0.19
N LYS A 77 3.77 8.52 1.23
CA LYS A 77 2.49 8.66 1.92
C LYS A 77 1.38 9.20 1.01
N LYS A 78 1.71 10.19 0.15
CA LYS A 78 0.77 10.81 -0.78
C LYS A 78 0.31 9.83 -1.87
N ILE A 79 1.27 9.14 -2.55
CA ILE A 79 1.01 8.16 -3.62
C ILE A 79 -0.02 7.09 -3.20
N GLU A 80 0.14 6.53 -1.98
CA GLU A 80 -0.74 5.50 -1.39
C GLU A 80 -2.16 6.03 -1.19
N MET A 81 -2.29 7.24 -0.62
CA MET A 81 -3.53 7.94 -0.36
C MET A 81 -4.28 8.20 -1.67
N VAL A 82 -3.55 8.62 -2.72
CA VAL A 82 -4.08 8.88 -4.06
C VAL A 82 -4.56 7.56 -4.66
N ARG A 83 -3.69 6.52 -4.61
CA ARG A 83 -3.94 5.15 -5.11
C ARG A 83 -5.20 4.59 -4.49
N ALA A 84 -5.32 4.75 -3.16
CA ALA A 84 -6.47 4.29 -2.38
C ALA A 84 -7.75 5.01 -2.80
N TYR A 85 -7.66 6.33 -3.07
CA TYR A 85 -8.81 7.14 -3.47
C TYR A 85 -9.27 6.74 -4.86
N ARG A 86 -8.31 6.45 -5.77
CA ARG A 86 -8.58 5.98 -7.14
C ARG A 86 -9.35 4.65 -7.04
N GLU A 87 -8.87 3.74 -6.17
CA GLU A 87 -9.47 2.44 -5.91
C GLU A 87 -10.90 2.58 -5.33
N LYS A 88 -11.14 3.58 -4.45
CA LYS A 88 -12.45 3.85 -3.85
C LYS A 88 -13.47 4.23 -4.95
N ILE A 89 -13.09 5.16 -5.85
CA ILE A 89 -13.90 5.64 -6.98
C ILE A 89 -14.11 4.48 -7.98
N GLU A 90 -13.04 3.69 -8.25
CA GLU A 90 -13.07 2.53 -9.14
C GLU A 90 -14.17 1.55 -8.71
N LYS A 91 -14.18 1.18 -7.40
CA LYS A 91 -15.16 0.27 -6.80
C LYS A 91 -16.57 0.82 -6.97
N GLU A 92 -16.75 2.16 -6.79
CA GLU A 92 -18.05 2.83 -6.95
C GLU A 92 -18.54 2.70 -8.40
N LEU A 93 -17.65 2.99 -9.36
CA LEU A 93 -17.87 2.92 -10.80
C LEU A 93 -18.28 1.51 -11.20
N GLU A 94 -17.50 0.50 -10.77
CA GLU A 94 -17.72 -0.92 -11.06
C GLU A 94 -19.09 -1.39 -10.56
N ALA A 95 -19.50 -0.93 -9.37
CA ALA A 95 -20.79 -1.24 -8.75
C ALA A 95 -21.95 -0.69 -9.59
N VAL A 96 -21.80 0.54 -10.12
CA VAL A 96 -22.80 1.19 -10.99
C VAL A 96 -22.93 0.39 -12.29
N CYS A 97 -21.80 0.01 -12.89
CA CYS A 97 -21.77 -0.78 -14.12
C CYS A 97 -22.44 -2.12 -13.91
N GLN A 98 -22.11 -2.86 -12.82
CA GLN A 98 -22.72 -4.17 -12.52
C GLN A 98 -24.23 -4.02 -12.32
N ASP A 99 -24.66 -2.90 -11.69
CA ASP A 99 -26.08 -2.60 -11.43
C ASP A 99 -26.82 -2.47 -12.76
N VAL A 100 -26.27 -1.68 -13.71
CA VAL A 100 -26.83 -1.47 -15.06
C VAL A 100 -26.84 -2.79 -15.85
N LEU A 101 -25.67 -3.47 -15.91
CA LEU A 101 -25.49 -4.69 -16.68
C LEU A 101 -26.44 -5.82 -16.25
N SER A 102 -26.75 -5.91 -14.94
CA SER A 102 -27.68 -6.93 -14.43
C SER A 102 -29.10 -6.59 -14.88
N LEU A 103 -29.48 -5.29 -14.90
CA LEU A 103 -30.81 -4.84 -15.35
C LEU A 103 -30.96 -5.17 -16.83
N LEU A 104 -29.90 -4.93 -17.62
CA LEU A 104 -29.86 -5.21 -19.06
C LEU A 104 -29.99 -6.72 -19.34
N ASP A 105 -29.19 -7.55 -18.65
CA ASP A 105 -29.19 -8.99 -18.85
C ASP A 105 -30.40 -9.73 -18.30
N ASN A 106 -30.86 -9.37 -17.09
CA ASN A 106 -31.95 -10.07 -16.43
C ASN A 106 -33.35 -9.49 -16.68
N TYR A 107 -33.47 -8.28 -17.26
CA TYR A 107 -34.78 -7.67 -17.51
C TYR A 107 -34.96 -7.11 -18.92
N LEU A 108 -34.12 -6.15 -19.32
CA LEU A 108 -34.25 -5.39 -20.56
C LEU A 108 -34.03 -6.18 -21.86
N ILE A 109 -32.83 -6.79 -22.06
CA ILE A 109 -32.53 -7.58 -23.28
C ILE A 109 -33.45 -8.81 -23.32
N LYS A 110 -33.64 -9.45 -22.14
CA LYS A 110 -34.45 -10.64 -21.93
C LYS A 110 -35.89 -10.49 -22.46
N ASN A 111 -36.55 -9.36 -22.13
CA ASN A 111 -37.94 -9.09 -22.49
C ASN A 111 -38.15 -8.50 -23.91
N CYS A 112 -37.07 -8.35 -24.71
CA CYS A 112 -37.20 -7.85 -26.08
C CYS A 112 -37.78 -8.94 -26.98
N SER A 113 -38.87 -8.62 -27.71
CA SER A 113 -39.49 -9.55 -28.65
C SER A 113 -38.64 -9.62 -29.93
N GLU A 114 -38.86 -10.67 -30.75
CA GLU A 114 -38.14 -10.89 -32.01
C GLU A 114 -38.17 -9.65 -32.91
N THR A 115 -39.34 -8.98 -33.00
CA THR A 115 -39.56 -7.79 -33.82
C THR A 115 -39.10 -6.47 -33.18
N GLN A 116 -38.77 -6.47 -31.86
CA GLN A 116 -38.33 -5.26 -31.14
C GLN A 116 -36.83 -4.99 -31.36
N TYR A 117 -36.44 -4.74 -32.63
CA TYR A 117 -35.07 -4.49 -33.07
C TYR A 117 -34.44 -3.23 -32.45
N GLU A 118 -35.15 -2.07 -32.44
CA GLU A 118 -34.65 -0.80 -31.88
C GLU A 118 -34.19 -0.96 -30.43
N SER A 119 -35.07 -1.57 -29.58
CA SER A 119 -34.81 -1.83 -28.16
C SER A 119 -33.61 -2.77 -27.99
N LYS A 120 -33.57 -3.86 -28.77
CA LYS A 120 -32.49 -4.85 -28.73
C LYS A 120 -31.13 -4.20 -29.02
N VAL A 121 -31.05 -3.31 -30.04
CA VAL A 121 -29.82 -2.59 -30.40
C VAL A 121 -29.47 -1.58 -29.30
N PHE A 122 -30.47 -0.80 -28.81
CA PHE A 122 -30.29 0.19 -27.74
C PHE A 122 -29.67 -0.44 -26.49
N TYR A 123 -30.23 -1.57 -26.02
CA TYR A 123 -29.77 -2.28 -24.83
C TYR A 123 -28.42 -2.98 -25.04
N LEU A 124 -28.18 -3.58 -26.23
CA LEU A 124 -26.89 -4.21 -26.52
C LEU A 124 -25.77 -3.16 -26.61
N LYS A 125 -26.10 -1.96 -27.16
CA LYS A 125 -25.18 -0.83 -27.23
C LYS A 125 -24.84 -0.39 -25.80
N MET A 126 -25.86 -0.32 -24.89
CA MET A 126 -25.69 0.01 -23.47
C MET A 126 -24.76 -1.01 -22.82
N LYS A 127 -25.00 -2.31 -23.09
CA LYS A 127 -24.18 -3.41 -22.58
C LYS A 127 -22.72 -3.21 -23.01
N GLY A 128 -22.51 -2.84 -24.27
CA GLY A 128 -21.19 -2.56 -24.82
C GLY A 128 -20.52 -1.38 -24.13
N ASP A 129 -21.32 -0.32 -23.90
CA ASP A 129 -20.88 0.92 -23.26
C ASP A 129 -20.40 0.70 -21.83
N TYR A 130 -21.21 0.03 -21.00
CA TYR A 130 -20.87 -0.19 -19.60
C TYR A 130 -19.72 -1.18 -19.40
N TYR A 131 -19.51 -2.14 -20.34
CA TYR A 131 -18.35 -3.03 -20.28
C TYR A 131 -17.10 -2.24 -20.73
N ARG A 132 -17.29 -1.24 -21.63
CA ARG A 132 -16.23 -0.34 -22.10
C ARG A 132 -15.81 0.58 -20.92
N TYR A 133 -16.80 1.04 -20.11
CA TYR A 133 -16.52 1.88 -18.94
C TYR A 133 -15.74 1.08 -17.88
N LEU A 134 -16.02 -0.23 -17.80
CA LEU A 134 -15.30 -1.16 -16.91
C LEU A 134 -13.88 -1.35 -17.44
N ALA A 135 -13.71 -1.45 -18.79
CA ALA A 135 -12.41 -1.63 -19.44
C ALA A 135 -11.49 -0.45 -19.16
N GLU A 136 -12.05 0.77 -19.18
CA GLU A 136 -11.36 2.03 -18.96
C GLU A 136 -10.56 2.05 -17.66
N VAL A 137 -11.06 1.35 -16.62
CA VAL A 137 -10.41 1.31 -15.29
C VAL A 137 -9.72 -0.05 -15.00
N ALA A 138 -10.01 -1.09 -15.77
CA ALA A 138 -9.44 -2.41 -15.54
C ALA A 138 -8.03 -2.60 -16.12
N THR A 139 -7.28 -3.57 -15.57
CA THR A 139 -5.92 -3.95 -16.01
C THR A 139 -5.80 -5.48 -16.06
N GLY A 140 -4.73 -5.97 -16.68
CA GLY A 140 -4.44 -7.40 -16.81
C GLY A 140 -5.53 -8.25 -17.43
N GLU A 141 -5.74 -9.45 -16.84
CA GLU A 141 -6.73 -10.41 -17.31
C GLU A 141 -8.16 -9.94 -17.05
N LYS A 142 -8.38 -9.12 -15.99
CA LYS A 142 -9.69 -8.55 -15.70
C LYS A 142 -10.13 -7.63 -16.86
N ARG A 143 -9.16 -6.87 -17.43
CA ARG A 143 -9.40 -5.99 -18.56
C ARG A 143 -9.74 -6.80 -19.80
N ALA A 144 -8.96 -7.86 -20.09
CA ALA A 144 -9.19 -8.74 -21.23
C ALA A 144 -10.62 -9.29 -21.26
N THR A 145 -11.17 -9.63 -20.06
CA THR A 145 -12.51 -10.19 -19.88
C THR A 145 -13.59 -9.17 -20.26
N VAL A 146 -13.57 -7.98 -19.65
CA VAL A 146 -14.57 -6.92 -19.92
C VAL A 146 -14.48 -6.40 -21.38
N VAL A 147 -13.27 -6.38 -21.98
CA VAL A 147 -13.05 -5.97 -23.38
C VAL A 147 -13.76 -6.98 -24.33
N GLU A 148 -13.63 -8.28 -24.03
CA GLU A 148 -14.26 -9.39 -24.76
C GLU A 148 -15.78 -9.27 -24.68
N SER A 149 -16.32 -8.96 -23.47
CA SER A 149 -17.74 -8.77 -23.20
C SER A 149 -18.30 -7.58 -23.98
N SER A 150 -17.55 -6.45 -24.00
CA SER A 150 -17.91 -5.21 -24.71
C SER A 150 -17.99 -5.47 -26.22
N GLU A 151 -16.98 -6.16 -26.79
CA GLU A 151 -16.91 -6.53 -28.19
C GLU A 151 -18.12 -7.38 -28.57
N LYS A 152 -18.43 -8.42 -27.74
CA LYS A 152 -19.55 -9.34 -27.95
C LYS A 152 -20.89 -8.61 -28.02
N ALA A 153 -21.09 -7.61 -27.14
CA ALA A 153 -22.32 -6.80 -27.08
C ALA A 153 -22.44 -5.89 -28.29
N TYR A 154 -21.36 -5.15 -28.63
CA TYR A 154 -21.33 -4.23 -29.76
C TYR A 154 -21.49 -4.97 -31.09
N SER A 155 -20.78 -6.11 -31.26
CA SER A 155 -20.83 -6.95 -32.44
C SER A 155 -22.26 -7.44 -32.72
N GLU A 156 -22.98 -7.89 -31.67
CA GLU A 156 -24.35 -8.38 -31.79
C GLU A 156 -25.29 -7.24 -32.20
N ALA A 157 -25.16 -6.04 -31.55
CA ALA A 157 -25.96 -4.84 -31.84
C ALA A 157 -25.73 -4.35 -33.28
N HIS A 158 -24.47 -4.44 -33.74
CA HIS A 158 -24.08 -4.04 -35.09
C HIS A 158 -24.71 -4.94 -36.15
N GLU A 159 -24.74 -6.26 -35.90
CA GLU A 159 -25.35 -7.23 -36.81
C GLU A 159 -26.86 -7.01 -36.94
N ILE A 160 -27.57 -6.73 -35.82
CA ILE A 160 -29.02 -6.46 -35.81
C ILE A 160 -29.33 -5.14 -36.53
N SER A 161 -28.61 -4.06 -36.17
CA SER A 161 -28.82 -2.73 -36.75
C SER A 161 -28.59 -2.71 -38.27
N LYS A 162 -27.57 -3.45 -38.77
CA LYS A 162 -27.26 -3.53 -40.21
C LYS A 162 -28.38 -4.22 -40.96
N GLU A 163 -28.97 -5.25 -40.35
CA GLU A 163 -30.03 -6.06 -40.94
C GLU A 163 -31.42 -5.41 -40.90
N HIS A 164 -31.77 -4.75 -39.77
CA HIS A 164 -33.12 -4.23 -39.58
C HIS A 164 -33.29 -2.72 -39.48
N MET A 165 -32.21 -1.96 -39.36
CA MET A 165 -32.32 -0.50 -39.24
C MET A 165 -31.69 0.22 -40.42
N GLN A 166 -32.26 1.39 -40.76
CA GLN A 166 -31.77 2.22 -41.85
C GLN A 166 -30.43 2.87 -41.45
N PRO A 167 -29.47 3.05 -42.39
CA PRO A 167 -28.16 3.61 -42.00
C PRO A 167 -28.19 5.01 -41.36
N THR A 168 -29.31 5.73 -41.52
CA THR A 168 -29.52 7.07 -40.98
C THR A 168 -30.18 7.06 -39.60
N HIS A 169 -30.61 5.88 -39.09
CA HIS A 169 -31.26 5.79 -37.77
C HIS A 169 -30.33 6.26 -36.66
N PRO A 170 -30.79 7.21 -35.80
CA PRO A 170 -29.91 7.71 -34.72
C PRO A 170 -29.32 6.61 -33.84
N ILE A 171 -30.09 5.55 -33.50
CA ILE A 171 -29.61 4.43 -32.67
C ILE A 171 -28.47 3.68 -33.41
N ARG A 172 -28.64 3.43 -34.73
CA ARG A 172 -27.64 2.75 -35.55
C ARG A 172 -26.35 3.57 -35.65
N LEU A 173 -26.47 4.88 -35.93
CA LEU A 173 -25.34 5.80 -36.01
C LEU A 173 -24.64 5.94 -34.65
N GLY A 174 -25.42 6.06 -33.57
CA GLY A 174 -24.94 6.17 -32.20
C GLY A 174 -24.11 4.97 -31.78
N LEU A 175 -24.52 3.77 -32.21
CA LEU A 175 -23.83 2.51 -31.94
C LEU A 175 -22.49 2.50 -32.70
N ALA A 176 -22.51 2.90 -33.97
CA ALA A 176 -21.32 2.98 -34.82
C ALA A 176 -20.29 3.93 -34.25
N LEU A 177 -20.77 5.05 -33.64
CA LEU A 177 -19.94 6.06 -33.00
C LEU A 177 -19.21 5.48 -31.77
N ASN A 178 -19.95 4.85 -30.85
CA ASN A 178 -19.38 4.26 -29.63
C ASN A 178 -18.53 3.01 -29.91
N TYR A 179 -18.94 2.17 -30.87
CA TYR A 179 -18.20 0.97 -31.27
C TYR A 179 -16.84 1.36 -31.91
N SER A 180 -16.80 2.43 -32.73
CA SER A 180 -15.55 2.92 -33.33
C SER A 180 -14.64 3.49 -32.25
N VAL A 181 -15.22 4.19 -31.25
CA VAL A 181 -14.50 4.74 -30.08
C VAL A 181 -13.87 3.56 -29.31
N PHE A 182 -14.61 2.44 -29.17
CA PHE A 182 -14.15 1.22 -28.52
C PHE A 182 -12.92 0.66 -29.24
N TYR A 183 -12.98 0.58 -30.59
CA TYR A 183 -11.86 0.09 -31.39
C TYR A 183 -10.60 0.94 -31.24
N TYR A 184 -10.75 2.28 -31.28
CA TYR A 184 -9.63 3.21 -31.16
C TYR A 184 -9.06 3.28 -29.75
N GLU A 185 -9.89 3.67 -28.77
CA GLU A 185 -9.45 3.86 -27.39
C GLU A 185 -9.15 2.58 -26.62
N ILE A 186 -10.05 1.57 -26.67
CA ILE A 186 -9.90 0.33 -25.88
C ILE A 186 -9.06 -0.74 -26.59
N GLN A 187 -9.41 -1.11 -27.82
CA GLN A 187 -8.71 -2.18 -28.56
C GLN A 187 -7.39 -1.72 -29.21
N ASN A 188 -7.17 -0.39 -29.32
CA ASN A 188 -6.01 0.23 -29.98
C ASN A 188 -5.89 -0.29 -31.44
N ALA A 189 -7.05 -0.32 -32.12
CA ALA A 189 -7.20 -0.76 -33.51
C ALA A 189 -7.70 0.47 -34.31
N PRO A 190 -6.79 1.42 -34.68
CA PRO A 190 -7.25 2.62 -35.40
C PRO A 190 -7.79 2.33 -36.79
N GLU A 191 -7.24 1.31 -37.49
CA GLU A 191 -7.69 0.93 -38.84
C GLU A 191 -9.13 0.42 -38.81
N GLN A 192 -9.48 -0.41 -37.81
CA GLN A 192 -10.84 -0.93 -37.61
C GLN A 192 -11.80 0.19 -37.18
N ALA A 193 -11.31 1.12 -36.32
CA ALA A 193 -12.05 2.27 -35.81
C ALA A 193 -12.46 3.20 -36.95
N CYS A 194 -11.48 3.55 -37.82
CA CYS A 194 -11.68 4.42 -38.97
C CYS A 194 -12.59 3.79 -40.01
N HIS A 195 -12.41 2.49 -40.30
CA HIS A 195 -13.23 1.76 -41.26
C HIS A 195 -14.69 1.73 -40.83
N LEU A 196 -14.97 1.45 -39.54
CA LEU A 196 -16.32 1.42 -38.99
C LEU A 196 -16.99 2.80 -39.04
N ALA A 197 -16.26 3.85 -38.64
CA ALA A 197 -16.76 5.23 -38.64
C ALA A 197 -17.00 5.75 -40.05
N LYS A 198 -16.10 5.40 -41.02
CA LYS A 198 -16.25 5.82 -42.42
C LYS A 198 -17.43 5.11 -43.09
N THR A 199 -17.55 3.76 -42.92
CA THR A 199 -18.64 2.95 -43.49
C THR A 199 -19.99 3.49 -43.01
N ALA A 200 -20.14 3.71 -41.69
CA ALA A 200 -21.36 4.24 -41.07
C ALA A 200 -21.75 5.60 -41.63
N PHE A 201 -20.75 6.49 -41.81
CA PHE A 201 -20.95 7.84 -42.34
C PHE A 201 -21.30 7.79 -43.84
N ASP A 202 -20.55 7.00 -44.63
CA ASP A 202 -20.77 6.82 -46.07
C ASP A 202 -22.12 6.17 -46.38
N ASP A 203 -22.54 5.17 -45.57
CA ASP A 203 -23.83 4.50 -45.74
C ASP A 203 -25.00 5.44 -45.45
N ALA A 204 -24.86 6.30 -44.43
CA ALA A 204 -25.86 7.30 -44.05
C ALA A 204 -25.91 8.43 -45.07
N ILE A 205 -24.75 8.77 -45.69
CA ILE A 205 -24.66 9.81 -46.73
C ILE A 205 -25.32 9.30 -48.02
N ALA A 206 -25.12 8.00 -48.36
CA ALA A 206 -25.70 7.34 -49.53
C ALA A 206 -27.24 7.31 -49.48
N GLU A 207 -27.82 7.23 -48.27
CA GLU A 207 -29.26 7.22 -48.09
C GLU A 207 -29.77 8.39 -47.25
N LEU A 208 -29.28 9.61 -47.52
CA LEU A 208 -29.77 10.79 -46.81
C LEU A 208 -31.26 10.99 -47.01
N ASP A 209 -31.80 10.45 -48.13
CA ASP A 209 -33.22 10.50 -48.44
C ASP A 209 -34.07 9.75 -47.40
N THR A 210 -33.45 8.86 -46.61
CA THR A 210 -34.18 8.12 -45.58
C THR A 210 -34.30 8.89 -44.25
N LEU A 211 -33.67 10.09 -44.12
CA LEU A 211 -33.78 10.87 -42.88
C LEU A 211 -35.22 11.16 -42.60
N ASN A 212 -35.61 11.01 -41.32
CA ASN A 212 -36.96 11.22 -40.81
C ASN A 212 -37.08 12.66 -40.34
N GLU A 213 -38.20 13.34 -40.72
CA GLU A 213 -38.47 14.73 -40.36
C GLU A 213 -38.37 14.98 -38.85
N ASP A 214 -38.71 13.97 -38.03
CA ASP A 214 -38.69 14.10 -36.58
C ASP A 214 -37.32 13.82 -35.95
N SER A 215 -36.44 13.05 -36.64
CA SER A 215 -35.14 12.68 -36.09
C SER A 215 -33.94 13.03 -37.01
N TYR A 216 -34.12 13.94 -38.00
CA TYR A 216 -33.02 14.31 -38.92
C TYR A 216 -31.89 15.02 -38.19
N LYS A 217 -32.25 15.93 -37.25
CA LYS A 217 -31.31 16.70 -36.42
C LYS A 217 -30.47 15.77 -35.53
N ASP A 218 -31.08 14.72 -34.96
CA ASP A 218 -30.40 13.75 -34.10
C ASP A 218 -29.36 12.92 -34.88
N SER A 219 -29.72 12.53 -36.13
CA SER A 219 -28.87 11.75 -37.03
C SER A 219 -27.66 12.55 -37.49
N THR A 220 -27.87 13.80 -37.95
CA THR A 220 -26.81 14.68 -38.44
C THR A 220 -25.84 15.07 -37.32
N LEU A 221 -26.33 15.20 -36.06
CA LEU A 221 -25.51 15.49 -34.89
C LEU A 221 -24.47 14.37 -34.64
N ILE A 222 -24.88 13.08 -34.82
CA ILE A 222 -23.99 11.93 -34.67
C ILE A 222 -23.04 11.85 -35.87
N MET A 223 -23.56 12.10 -37.09
CA MET A 223 -22.80 12.08 -38.35
C MET A 223 -21.63 13.08 -38.27
N GLN A 224 -21.86 14.24 -37.60
CA GLN A 224 -20.85 15.27 -37.39
C GLN A 224 -19.75 14.72 -36.48
N LEU A 225 -20.13 14.05 -35.38
CA LEU A 225 -19.22 13.42 -34.42
C LEU A 225 -18.40 12.31 -35.07
N LEU A 226 -19.02 11.54 -35.99
CA LEU A 226 -18.36 10.48 -36.75
C LEU A 226 -17.27 11.06 -37.65
N ARG A 227 -17.53 12.23 -38.28
CA ARG A 227 -16.55 12.90 -39.13
C ARG A 227 -15.45 13.57 -38.27
N ASP A 228 -15.85 14.20 -37.14
CA ASP A 228 -14.94 14.86 -36.20
C ASP A 228 -13.90 13.86 -35.67
N ASN A 229 -14.37 12.65 -35.27
CA ASN A 229 -13.52 11.56 -34.78
C ASN A 229 -12.59 11.07 -35.88
N LEU A 230 -13.11 10.89 -37.11
CA LEU A 230 -12.34 10.44 -38.27
C LEU A 230 -11.24 11.44 -38.63
N THR A 231 -11.57 12.76 -38.60
CA THR A 231 -10.64 13.86 -38.89
C THR A 231 -9.50 13.81 -37.87
N LEU A 232 -9.84 13.59 -36.60
CA LEU A 232 -8.92 13.49 -35.47
C LEU A 232 -8.00 12.27 -35.63
N TRP A 233 -8.60 11.10 -35.90
CA TRP A 233 -7.89 9.84 -36.03
C TRP A 233 -6.98 9.78 -37.27
N THR A 234 -7.35 10.48 -38.36
CA THR A 234 -6.55 10.50 -39.59
C THR A 234 -5.54 11.67 -39.60
N SER A 235 -5.51 12.47 -38.51
CA SER A 235 -4.55 13.57 -38.29
C SER A 235 -3.43 12.94 -37.44
N ASP A 236 -3.84 12.14 -36.40
CA ASP A 236 -2.99 11.42 -35.47
C ASP A 236 -2.37 10.19 -36.15
N VAL B 2 -0.44 -7.28 -5.50
CA VAL B 2 0.32 -8.38 -4.89
C VAL B 2 0.12 -9.69 -5.67
N ASP B 3 1.05 -10.67 -5.48
CA ASP B 3 1.02 -12.02 -6.11
C ASP B 3 -0.30 -12.72 -5.79
N ARG B 4 -0.69 -13.71 -6.62
CA ARG B 4 -1.87 -14.53 -6.37
C ARG B 4 -1.77 -15.19 -4.97
N GLU B 5 -0.57 -15.72 -4.63
CA GLU B 5 -0.26 -16.38 -3.34
C GLU B 5 -0.51 -15.43 -2.15
N GLN B 6 -0.09 -14.15 -2.29
CA GLN B 6 -0.26 -13.12 -1.25
C GLN B 6 -1.74 -12.79 -1.04
N LEU B 7 -2.51 -12.73 -2.13
CA LEU B 7 -3.94 -12.48 -2.10
C LEU B 7 -4.68 -13.61 -1.34
N VAL B 8 -4.34 -14.88 -1.65
CA VAL B 8 -4.91 -16.07 -0.99
C VAL B 8 -4.57 -16.06 0.50
N GLN B 9 -3.34 -15.66 0.83
CA GLN B 9 -2.87 -15.57 2.21
C GLN B 9 -3.58 -14.43 2.96
N LYS B 10 -3.91 -13.31 2.26
CA LYS B 10 -4.66 -12.20 2.87
C LYS B 10 -6.07 -12.67 3.25
N ALA B 11 -6.71 -13.48 2.37
CA ALA B 11 -8.04 -14.03 2.62
C ALA B 11 -8.02 -14.94 3.85
N ARG B 12 -6.95 -15.75 3.98
CA ARG B 12 -6.76 -16.65 5.12
C ARG B 12 -6.61 -15.85 6.43
N LEU B 13 -5.87 -14.71 6.39
CA LEU B 13 -5.68 -13.80 7.53
C LEU B 13 -6.98 -13.12 7.93
N ALA B 14 -7.68 -12.52 6.93
CA ALA B 14 -8.94 -11.82 7.11
C ALA B 14 -10.01 -12.73 7.74
N GLU B 15 -10.02 -14.05 7.36
CA GLU B 15 -10.95 -15.04 7.89
C GLU B 15 -10.73 -15.20 9.39
N GLN B 16 -9.45 -15.33 9.80
CA GLN B 16 -9.06 -15.49 11.20
C GLN B 16 -9.36 -14.23 12.00
N ALA B 17 -9.16 -13.05 11.38
CA ALA B 17 -9.42 -11.73 11.95
C ALA B 17 -10.92 -11.36 11.90
N GLU B 18 -11.77 -12.26 11.32
CA GLU B 18 -13.23 -12.09 11.15
C GLU B 18 -13.55 -10.78 10.40
N ARG B 19 -12.77 -10.50 9.35
CA ARG B 19 -12.90 -9.33 8.50
C ARG B 19 -13.29 -9.85 7.12
N TYR B 20 -14.55 -10.27 7.02
CA TYR B 20 -15.09 -10.91 5.82
C TYR B 20 -15.21 -9.99 4.62
N ASP B 21 -15.31 -8.65 4.81
CA ASP B 21 -15.32 -7.71 3.68
C ASP B 21 -13.93 -7.75 3.00
N ASP B 22 -12.85 -7.74 3.81
CA ASP B 22 -11.45 -7.84 3.35
C ASP B 22 -11.18 -9.20 2.70
N MET B 23 -11.81 -10.28 3.24
CA MET B 23 -11.70 -11.65 2.73
C MET B 23 -12.34 -11.77 1.36
N ALA B 24 -13.55 -11.20 1.19
CA ALA B 24 -14.30 -11.20 -0.07
C ALA B 24 -13.56 -10.39 -1.11
N ALA B 25 -12.99 -9.23 -0.73
CA ALA B 25 -12.23 -8.35 -1.61
C ALA B 25 -11.00 -9.06 -2.17
N ALA B 26 -10.31 -9.85 -1.31
CA ALA B 26 -9.12 -10.63 -1.66
C ALA B 26 -9.44 -11.73 -2.65
N MET B 27 -10.51 -12.50 -2.37
CA MET B 27 -10.95 -13.62 -3.21
C MET B 27 -11.57 -13.14 -4.53
N LYS B 28 -12.17 -11.93 -4.54
CA LYS B 28 -12.71 -11.32 -5.77
C LYS B 28 -11.52 -11.02 -6.70
N ASN B 29 -10.41 -10.47 -6.15
CA ASN B 29 -9.18 -10.17 -6.88
C ASN B 29 -8.57 -11.42 -7.48
N VAL B 30 -8.58 -12.55 -6.73
CA VAL B 30 -8.06 -13.85 -7.17
C VAL B 30 -8.88 -14.33 -8.37
N THR B 31 -10.22 -14.27 -8.26
CA THR B 31 -11.18 -14.65 -9.29
C THR B 31 -10.96 -13.84 -10.58
N GLU B 32 -10.72 -12.52 -10.42
CA GLU B 32 -10.51 -11.56 -11.49
C GLU B 32 -9.19 -11.77 -12.26
N LEU B 33 -8.38 -12.76 -11.85
CA LEU B 33 -7.12 -13.11 -12.53
C LEU B 33 -7.38 -14.08 -13.68
N ASN B 34 -8.66 -14.50 -13.84
CA ASN B 34 -9.21 -15.37 -14.87
C ASN B 34 -8.57 -16.77 -14.90
N GLU B 35 -7.92 -17.17 -13.80
CA GLU B 35 -7.37 -18.52 -13.63
C GLU B 35 -8.30 -19.31 -12.72
N PRO B 36 -8.55 -20.62 -12.98
CA PRO B 36 -9.48 -21.38 -12.13
C PRO B 36 -9.09 -21.46 -10.65
N LEU B 37 -10.08 -21.56 -9.77
CA LEU B 37 -9.85 -21.65 -8.33
C LEU B 37 -9.73 -23.10 -7.88
N SER B 38 -8.84 -23.36 -6.89
CA SER B 38 -8.66 -24.68 -6.28
C SER B 38 -9.83 -24.94 -5.31
N ASN B 39 -9.94 -26.15 -4.75
CA ASN B 39 -11.00 -26.47 -3.78
C ASN B 39 -10.93 -25.54 -2.56
N GLU B 40 -9.68 -25.24 -2.08
CA GLU B 40 -9.43 -24.35 -0.95
C GLU B 40 -9.85 -22.93 -1.29
N GLU B 41 -9.41 -22.41 -2.46
CA GLU B 41 -9.73 -21.07 -2.97
C GLU B 41 -11.24 -20.89 -3.19
N ARG B 42 -11.94 -21.91 -3.75
CA ARG B 42 -13.41 -21.90 -3.96
C ARG B 42 -14.12 -21.74 -2.63
N ASN B 43 -13.64 -22.45 -1.59
CA ASN B 43 -14.28 -22.39 -0.28
C ASN B 43 -13.98 -21.08 0.42
N LEU B 44 -12.77 -20.51 0.22
CA LEU B 44 -12.39 -19.21 0.80
C LEU B 44 -13.33 -18.12 0.26
N LEU B 45 -13.62 -18.14 -1.06
CA LEU B 45 -14.54 -17.21 -1.72
C LEU B 45 -15.95 -17.37 -1.19
N SER B 46 -16.42 -18.63 -1.10
CA SER B 46 -17.76 -18.98 -0.62
C SER B 46 -18.00 -18.51 0.81
N VAL B 47 -17.06 -18.83 1.74
CA VAL B 47 -17.11 -18.44 3.16
C VAL B 47 -17.14 -16.92 3.28
N ALA B 48 -16.25 -16.22 2.52
CA ALA B 48 -16.13 -14.77 2.49
C ALA B 48 -17.45 -14.10 2.20
N TYR B 49 -18.04 -14.38 1.03
CA TYR B 49 -19.30 -13.79 0.60
C TYR B 49 -20.49 -14.28 1.41
N LYS B 50 -20.47 -15.54 1.92
CA LYS B 50 -21.55 -16.09 2.73
C LYS B 50 -21.70 -15.27 4.01
N ASN B 51 -20.57 -14.92 4.65
CA ASN B 51 -20.53 -14.12 5.88
C ASN B 51 -20.93 -12.66 5.62
N VAL B 52 -20.48 -12.08 4.47
CA VAL B 52 -20.81 -10.70 4.08
C VAL B 52 -22.33 -10.56 3.89
N VAL B 53 -22.93 -11.40 3.01
CA VAL B 53 -24.37 -11.38 2.75
C VAL B 53 -25.16 -11.82 4.01
N GLY B 54 -24.61 -12.79 4.76
CA GLY B 54 -25.19 -13.30 5.99
C GLY B 54 -25.46 -12.24 7.04
N ALA B 55 -24.53 -11.28 7.17
CA ALA B 55 -24.64 -10.14 8.09
C ALA B 55 -25.88 -9.31 7.74
N ARG B 56 -26.10 -9.07 6.44
CA ARG B 56 -27.24 -8.30 5.93
C ARG B 56 -28.54 -9.08 6.09
N ARG B 57 -28.50 -10.41 5.82
CA ARG B 57 -29.65 -11.32 5.94
C ARG B 57 -30.15 -11.32 7.38
N SER B 58 -29.22 -11.47 8.34
CA SER B 58 -29.54 -11.46 9.77
C SER B 58 -30.16 -10.12 10.19
N SER B 59 -29.56 -8.99 9.76
CA SER B 59 -30.04 -7.65 10.07
C SER B 59 -31.43 -7.43 9.49
N TRP B 60 -31.63 -7.81 8.21
CA TRP B 60 -32.90 -7.69 7.50
C TRP B 60 -34.01 -8.42 8.26
N ARG B 61 -33.76 -9.67 8.70
CA ARG B 61 -34.71 -10.47 9.48
C ARG B 61 -35.10 -9.75 10.79
N VAL B 62 -34.13 -9.17 11.51
CA VAL B 62 -34.35 -8.44 12.76
C VAL B 62 -35.22 -7.20 12.52
N ILE B 63 -34.88 -6.37 11.51
CA ILE B 63 -35.62 -5.15 11.16
C ILE B 63 -37.04 -5.49 10.69
N SER B 64 -37.19 -6.54 9.83
CA SER B 64 -38.48 -7.03 9.31
C SER B 64 -39.42 -7.43 10.45
N SER B 65 -38.86 -8.13 11.45
CA SER B 65 -39.57 -8.60 12.65
C SER B 65 -40.07 -7.40 13.46
N ILE B 66 -39.22 -6.35 13.61
CA ILE B 66 -39.54 -5.10 14.31
C ILE B 66 -40.63 -4.35 13.54
N GLU B 67 -40.51 -4.29 12.20
CA GLU B 67 -41.46 -3.62 11.30
C GLU B 67 -42.89 -4.15 11.45
N GLN B 68 -43.05 -5.49 11.57
CA GLN B 68 -44.34 -6.16 11.73
C GLN B 68 -44.96 -5.86 13.10
N LYS B 69 -44.13 -5.77 14.15
CA LYS B 69 -44.56 -5.44 15.51
C LYS B 69 -44.84 -3.94 15.66
N THR B 70 -43.99 -3.06 15.03
CA THR B 70 -44.13 -1.60 15.06
C THR B 70 -45.39 -1.11 14.34
N SER B 71 -45.80 -1.82 13.27
CA SER B 71 -47.00 -1.50 12.48
C SER B 71 -48.28 -1.62 13.32
N ALA B 72 -48.29 -2.58 14.27
CA ALA B 72 -49.40 -2.87 15.19
C ALA B 72 -49.64 -1.74 16.19
N ASP B 73 -48.57 -1.13 16.76
CA ASP B 73 -48.66 -0.05 17.75
C ASP B 73 -49.16 1.27 17.14
N GLY B 74 -48.88 1.48 15.85
CA GLY B 74 -49.33 2.66 15.11
C GLY B 74 -48.59 3.95 15.41
N ASN B 75 -47.25 3.93 15.26
CA ASN B 75 -46.39 5.10 15.42
C ASN B 75 -45.91 5.50 14.02
N GLU B 76 -46.56 6.52 13.44
CA GLU B 76 -46.33 7.04 12.08
C GLU B 76 -44.84 7.28 11.74
N LYS B 77 -44.15 8.13 12.54
CA LYS B 77 -42.75 8.50 12.35
C LYS B 77 -41.80 7.30 12.48
N LYS B 78 -42.06 6.40 13.46
CA LYS B 78 -41.24 5.22 13.72
C LYS B 78 -41.33 4.20 12.58
N ILE B 79 -42.56 3.87 12.11
CA ILE B 79 -42.82 2.94 11.01
C ILE B 79 -42.07 3.28 9.75
N GLU B 80 -42.08 4.58 9.34
CA GLU B 80 -41.39 5.06 8.13
C GLU B 80 -39.87 4.84 8.24
N MET B 81 -39.31 5.16 9.41
CA MET B 81 -37.89 5.05 9.75
C MET B 81 -37.43 3.59 9.72
N VAL B 82 -38.26 2.66 10.25
CA VAL B 82 -37.97 1.22 10.26
C VAL B 82 -37.99 0.69 8.81
N ARG B 83 -38.95 1.16 8.00
CA ARG B 83 -39.15 0.82 6.59
C ARG B 83 -37.93 1.24 5.75
N ALA B 84 -37.47 2.49 5.93
CA ALA B 84 -36.33 3.07 5.24
C ALA B 84 -35.04 2.34 5.60
N TYR B 85 -34.93 1.86 6.87
CA TYR B 85 -33.76 1.14 7.35
C TYR B 85 -33.72 -0.26 6.73
N ARG B 86 -34.89 -0.91 6.60
CA ARG B 86 -35.04 -2.22 5.95
C ARG B 86 -34.59 -2.10 4.49
N GLU B 87 -35.04 -1.02 3.81
CA GLU B 87 -34.69 -0.72 2.42
C GLU B 87 -33.17 -0.49 2.26
N LYS B 88 -32.54 0.21 3.24
CA LYS B 88 -31.10 0.47 3.26
C LYS B 88 -30.30 -0.85 3.27
N ILE B 89 -30.68 -1.78 4.18
CA ILE B 89 -30.06 -3.10 4.35
C ILE B 89 -30.32 -3.95 3.09
N GLU B 90 -31.56 -3.91 2.56
CA GLU B 90 -31.98 -4.60 1.33
C GLU B 90 -31.04 -4.26 0.17
N LYS B 91 -30.83 -2.93 -0.08
CA LYS B 91 -29.94 -2.41 -1.13
C LYS B 91 -28.52 -2.93 -0.96
N GLU B 92 -28.01 -2.99 0.30
CA GLU B 92 -26.67 -3.50 0.62
C GLU B 92 -26.58 -4.98 0.25
N LEU B 93 -27.57 -5.77 0.67
CA LEU B 93 -27.69 -7.20 0.41
C LEU B 93 -27.70 -7.47 -1.09
N GLU B 94 -28.56 -6.76 -1.83
CA GLU B 94 -28.71 -6.90 -3.29
C GLU B 94 -27.40 -6.62 -4.04
N ALA B 95 -26.65 -5.60 -3.58
CA ALA B 95 -25.34 -5.21 -4.12
C ALA B 95 -24.32 -6.35 -3.95
N VAL B 96 -24.32 -7.02 -2.76
CA VAL B 96 -23.42 -8.13 -2.46
C VAL B 96 -23.75 -9.32 -3.38
N CYS B 97 -25.05 -9.65 -3.52
CA CYS B 97 -25.53 -10.71 -4.38
C CYS B 97 -25.14 -10.45 -5.84
N GLN B 98 -25.37 -9.20 -6.37
CA GLN B 98 -25.00 -8.81 -7.74
C GLN B 98 -23.49 -8.99 -8.00
N ASP B 99 -22.66 -8.70 -6.98
CA ASP B 99 -21.19 -8.78 -7.04
C ASP B 99 -20.70 -10.21 -7.26
N VAL B 100 -21.13 -11.13 -6.38
CA VAL B 100 -20.75 -12.53 -6.45
C VAL B 100 -21.42 -13.21 -7.66
N LEU B 101 -22.66 -12.80 -8.03
CA LEU B 101 -23.33 -13.39 -9.19
C LEU B 101 -22.61 -13.07 -10.48
N SER B 102 -22.02 -11.87 -10.57
CA SER B 102 -21.28 -11.48 -11.76
C SER B 102 -19.96 -12.26 -11.81
N LEU B 103 -19.28 -12.44 -10.65
CA LEU B 103 -18.04 -13.21 -10.58
C LEU B 103 -18.29 -14.63 -11.08
N LEU B 104 -19.44 -15.21 -10.68
CA LEU B 104 -19.86 -16.55 -11.08
C LEU B 104 -20.12 -16.61 -12.59
N ASP B 105 -20.90 -15.67 -13.13
CA ASP B 105 -21.26 -15.64 -14.55
C ASP B 105 -20.12 -15.24 -15.49
N ASN B 106 -19.34 -14.23 -15.13
CA ASN B 106 -18.29 -13.70 -16.01
C ASN B 106 -16.90 -14.31 -15.82
N TYR B 107 -16.66 -15.07 -14.73
CA TYR B 107 -15.36 -15.69 -14.48
C TYR B 107 -15.40 -17.17 -14.13
N LEU B 108 -16.10 -17.53 -13.04
CA LEU B 108 -16.10 -18.87 -12.48
C LEU B 108 -16.80 -19.95 -13.33
N ILE B 109 -18.10 -19.81 -13.63
CA ILE B 109 -18.85 -20.78 -14.46
C ILE B 109 -18.26 -20.80 -15.88
N LYS B 110 -17.92 -19.62 -16.40
CA LYS B 110 -17.35 -19.40 -17.74
C LYS B 110 -16.08 -20.24 -17.99
N ASN B 111 -15.14 -20.26 -17.03
CA ASN B 111 -13.86 -20.96 -17.15
C ASN B 111 -13.91 -22.45 -16.80
N CYS B 112 -15.10 -23.01 -16.51
CA CYS B 112 -15.24 -24.44 -16.20
C CYS B 112 -15.17 -25.24 -17.49
N SER B 113 -14.25 -26.21 -17.58
CA SER B 113 -14.15 -27.08 -18.75
C SER B 113 -15.26 -28.14 -18.69
N GLU B 114 -15.54 -28.82 -19.83
CA GLU B 114 -16.58 -29.86 -19.93
C GLU B 114 -16.43 -30.94 -18.85
N THR B 115 -15.20 -31.36 -18.55
CA THR B 115 -14.87 -32.38 -17.55
C THR B 115 -14.82 -31.84 -16.10
N GLN B 116 -14.83 -30.52 -15.90
CA GLN B 116 -14.78 -29.92 -14.55
C GLN B 116 -16.17 -29.87 -13.90
N TYR B 117 -16.76 -31.06 -13.65
CA TYR B 117 -18.09 -31.26 -13.08
C TYR B 117 -18.24 -30.70 -11.64
N GLU B 118 -17.30 -31.01 -10.72
CA GLU B 118 -17.33 -30.54 -9.33
C GLU B 118 -17.45 -29.02 -9.25
N SER B 119 -16.58 -28.29 -9.98
CA SER B 119 -16.58 -26.83 -10.03
C SER B 119 -17.89 -26.28 -10.60
N LYS B 120 -18.38 -26.88 -11.70
CA LYS B 120 -19.62 -26.48 -12.35
C LYS B 120 -20.81 -26.57 -11.39
N VAL B 121 -20.90 -27.67 -10.61
CA VAL B 121 -21.97 -27.89 -9.63
C VAL B 121 -21.81 -26.89 -8.47
N PHE B 122 -20.57 -26.72 -7.95
CA PHE B 122 -20.27 -25.79 -6.87
C PHE B 122 -20.76 -24.37 -7.17
N TYR B 123 -20.36 -23.86 -8.35
CA TYR B 123 -20.67 -22.52 -8.79
C TYR B 123 -22.15 -22.35 -9.14
N LEU B 124 -22.79 -23.36 -9.76
CA LEU B 124 -24.22 -23.28 -10.08
C LEU B 124 -25.05 -23.34 -8.79
N LYS B 125 -24.55 -24.06 -7.75
CA LYS B 125 -25.16 -24.15 -6.41
C LYS B 125 -25.10 -22.77 -5.75
N MET B 126 -23.96 -22.05 -5.92
CA MET B 126 -23.73 -20.70 -5.41
C MET B 126 -24.68 -19.72 -6.12
N LYS B 127 -24.80 -19.86 -7.45
CA LYS B 127 -25.69 -19.04 -8.27
C LYS B 127 -27.14 -19.19 -7.74
N GLY B 128 -27.52 -20.44 -7.43
CA GLY B 128 -28.83 -20.79 -6.88
C GLY B 128 -29.05 -20.14 -5.52
N ASP B 129 -28.01 -20.16 -4.67
CA ASP B 129 -28.02 -19.59 -3.31
C ASP B 129 -28.21 -18.08 -3.29
N TYR B 130 -27.43 -17.35 -4.09
CA TYR B 130 -27.48 -15.89 -4.10
C TYR B 130 -28.75 -15.34 -4.76
N TYR B 131 -29.36 -16.09 -5.69
CA TYR B 131 -30.64 -15.69 -6.26
C TYR B 131 -31.75 -15.98 -5.24
N ARG B 132 -31.55 -17.02 -4.40
CA ARG B 132 -32.47 -17.38 -3.31
C ARG B 132 -32.42 -16.28 -2.23
N TYR B 133 -31.20 -15.75 -1.95
CA TYR B 133 -31.02 -14.66 -0.98
C TYR B 133 -31.72 -13.39 -1.45
N LEU B 134 -31.70 -13.16 -2.79
CA LEU B 134 -32.38 -12.05 -3.43
C LEU B 134 -33.89 -12.25 -3.34
N ALA B 135 -34.37 -13.51 -3.52
CA ALA B 135 -35.78 -13.90 -3.45
C ALA B 135 -36.37 -13.69 -2.06
N GLU B 136 -35.55 -13.88 -1.01
CA GLU B 136 -35.93 -13.71 0.39
C GLU B 136 -36.40 -12.29 0.72
N VAL B 137 -35.85 -11.27 0.03
CA VAL B 137 -36.17 -9.85 0.26
C VAL B 137 -37.06 -9.25 -0.87
N ALA B 138 -37.17 -9.93 -2.01
CA ALA B 138 -37.93 -9.45 -3.15
C ALA B 138 -39.44 -9.71 -3.05
N THR B 139 -40.23 -8.91 -3.78
CA THR B 139 -41.70 -8.99 -3.87
C THR B 139 -42.12 -8.82 -5.33
N GLY B 140 -43.39 -9.13 -5.62
CA GLY B 140 -43.98 -9.00 -6.94
C GLY B 140 -43.24 -9.68 -8.07
N GLU B 141 -43.14 -8.98 -9.22
CA GLU B 141 -42.50 -9.49 -10.43
C GLU B 141 -41.00 -9.61 -10.29
N LYS B 142 -40.38 -8.76 -9.44
CA LYS B 142 -38.94 -8.81 -9.15
C LYS B 142 -38.62 -10.16 -8.49
N ARG B 143 -39.52 -10.63 -7.58
CA ARG B 143 -39.38 -11.90 -6.88
C ARG B 143 -39.51 -13.05 -7.86
N ALA B 144 -40.52 -13.02 -8.74
CA ALA B 144 -40.76 -14.05 -9.76
C ALA B 144 -39.51 -14.29 -10.60
N THR B 145 -38.80 -13.20 -10.97
CA THR B 145 -37.58 -13.22 -11.80
C THR B 145 -36.43 -13.96 -11.09
N VAL B 146 -36.06 -13.52 -9.87
CA VAL B 146 -34.97 -14.12 -9.11
C VAL B 146 -35.28 -15.58 -8.69
N VAL B 147 -36.57 -15.93 -8.46
CA VAL B 147 -37.00 -17.30 -8.11
C VAL B 147 -36.75 -18.23 -9.31
N GLU B 148 -37.08 -17.75 -10.53
CA GLU B 148 -36.88 -18.44 -11.80
C GLU B 148 -35.38 -18.68 -12.02
N SER B 149 -34.54 -17.65 -11.76
CA SER B 149 -33.09 -17.70 -11.88
C SER B 149 -32.47 -18.72 -10.91
N SER B 150 -32.96 -18.74 -9.66
CA SER B 150 -32.52 -19.66 -8.60
C SER B 150 -32.84 -21.11 -8.97
N GLU B 151 -34.09 -21.36 -9.45
CA GLU B 151 -34.55 -22.67 -9.88
C GLU B 151 -33.67 -23.16 -11.03
N LYS B 152 -33.42 -22.30 -12.06
CA LYS B 152 -32.61 -22.59 -13.24
C LYS B 152 -31.19 -23.03 -12.86
N ALA B 153 -30.58 -22.35 -11.86
CA ALA B 153 -29.23 -22.63 -11.40
C ALA B 153 -29.18 -23.96 -10.64
N TYR B 154 -30.10 -24.16 -9.68
CA TYR B 154 -30.17 -25.37 -8.86
C TYR B 154 -30.47 -26.59 -9.72
N SER B 155 -31.47 -26.47 -10.63
CA SER B 155 -31.91 -27.53 -11.56
C SER B 155 -30.75 -28.03 -12.43
N GLU B 156 -29.93 -27.10 -12.97
CA GLU B 156 -28.77 -27.43 -13.81
C GLU B 156 -27.72 -28.18 -13.00
N ALA B 157 -27.41 -27.68 -11.79
CA ALA B 157 -26.45 -28.27 -10.86
C ALA B 157 -26.89 -29.67 -10.44
N HIS B 158 -28.21 -29.87 -10.21
CA HIS B 158 -28.79 -31.14 -9.81
C HIS B 158 -28.65 -32.19 -10.90
N GLU B 159 -28.87 -31.80 -12.17
CA GLU B 159 -28.74 -32.69 -13.32
C GLU B 159 -27.29 -33.16 -13.52
N ILE B 160 -26.30 -32.25 -13.35
CA ILE B 160 -24.88 -32.55 -13.49
C ILE B 160 -24.41 -33.46 -12.35
N SER B 161 -24.75 -33.11 -11.09
CA SER B 161 -24.36 -33.87 -9.89
C SER B 161 -24.91 -35.30 -9.90
N LYS B 162 -26.15 -35.50 -10.37
CA LYS B 162 -26.78 -36.83 -10.45
C LYS B 162 -26.05 -37.71 -11.46
N GLU B 163 -25.62 -37.11 -12.58
CA GLU B 163 -24.93 -37.77 -13.68
C GLU B 163 -23.46 -38.07 -13.41
N HIS B 164 -22.72 -37.13 -12.82
CA HIS B 164 -21.27 -37.25 -12.66
C HIS B 164 -20.73 -37.38 -11.24
N MET B 165 -21.55 -37.17 -10.21
CA MET B 165 -21.06 -37.26 -8.84
C MET B 165 -21.72 -38.35 -8.04
N GLN B 166 -20.97 -38.92 -7.08
CA GLN B 166 -21.45 -39.98 -6.20
C GLN B 166 -22.44 -39.39 -5.19
N PRO B 167 -23.50 -40.15 -4.78
CA PRO B 167 -24.50 -39.57 -3.85
C PRO B 167 -23.96 -39.09 -2.50
N THR B 168 -22.75 -39.53 -2.13
CA THR B 168 -22.07 -39.15 -0.88
C THR B 168 -21.17 -37.92 -1.02
N HIS B 169 -20.98 -37.41 -2.25
CA HIS B 169 -20.12 -36.24 -2.46
C HIS B 169 -20.63 -35.03 -1.70
N PRO B 170 -19.76 -34.36 -0.89
CA PRO B 170 -20.22 -33.18 -0.13
C PRO B 170 -20.91 -32.11 -0.97
N ILE B 171 -20.40 -31.82 -2.19
CA ILE B 171 -20.96 -30.82 -3.09
C ILE B 171 -22.39 -31.25 -3.52
N ARG B 172 -22.57 -32.56 -3.86
CA ARG B 172 -23.86 -33.11 -4.27
C ARG B 172 -24.88 -33.03 -3.12
N LEU B 173 -24.48 -33.46 -1.90
CA LEU B 173 -25.31 -33.41 -0.71
C LEU B 173 -25.66 -31.96 -0.35
N GLY B 174 -24.66 -31.08 -0.39
CA GLY B 174 -24.80 -29.66 -0.08
C GLY B 174 -25.80 -28.96 -0.97
N LEU B 175 -25.82 -29.34 -2.26
CA LEU B 175 -26.74 -28.82 -3.25
C LEU B 175 -28.15 -29.28 -2.94
N ALA B 176 -28.31 -30.58 -2.63
CA ALA B 176 -29.59 -31.20 -2.27
C ALA B 176 -30.18 -30.54 -1.02
N LEU B 177 -29.32 -30.17 -0.06
CA LEU B 177 -29.71 -29.47 1.17
C LEU B 177 -30.28 -28.08 0.86
N ASN B 178 -29.54 -27.25 0.11
CA ASN B 178 -29.96 -25.88 -0.23
C ASN B 178 -31.15 -25.85 -1.22
N TYR B 179 -31.17 -26.78 -2.19
CA TYR B 179 -32.26 -26.89 -3.17
C TYR B 179 -33.57 -27.28 -2.46
N SER B 180 -33.51 -28.19 -1.46
CA SER B 180 -34.70 -28.59 -0.68
C SER B 180 -35.18 -27.40 0.18
N VAL B 181 -34.24 -26.61 0.74
CA VAL B 181 -34.54 -25.40 1.51
C VAL B 181 -35.28 -24.39 0.59
N PHE B 182 -34.83 -24.28 -0.68
CA PHE B 182 -35.42 -23.43 -1.71
C PHE B 182 -36.87 -23.83 -1.96
N TYR B 183 -37.13 -25.14 -2.11
CA TYR B 183 -38.47 -25.69 -2.32
C TYR B 183 -39.41 -25.39 -1.14
N TYR B 184 -38.94 -25.59 0.11
CA TYR B 184 -39.73 -25.36 1.32
C TYR B 184 -39.96 -23.87 1.58
N GLU B 185 -38.87 -23.09 1.77
CA GLU B 185 -38.95 -21.68 2.12
C GLU B 185 -39.40 -20.75 0.99
N ILE B 186 -38.82 -20.87 -0.22
CA ILE B 186 -39.13 -19.95 -1.34
C ILE B 186 -40.34 -20.39 -2.17
N GLN B 187 -40.36 -21.63 -2.66
CA GLN B 187 -41.42 -22.15 -3.53
C GLN B 187 -42.69 -22.58 -2.78
N ASN B 188 -42.59 -22.76 -1.44
CA ASN B 188 -43.65 -23.24 -0.56
C ASN B 188 -44.20 -24.59 -1.08
N ALA B 189 -43.26 -25.48 -1.45
CA ALA B 189 -43.51 -26.82 -1.96
C ALA B 189 -42.89 -27.80 -0.95
N PRO B 190 -43.57 -28.09 0.19
CA PRO B 190 -42.98 -29.00 1.20
C PRO B 190 -42.83 -30.43 0.71
N GLU B 191 -43.75 -30.92 -0.15
CA GLU B 191 -43.70 -32.28 -0.69
C GLU B 191 -42.45 -32.47 -1.57
N GLN B 192 -42.11 -31.47 -2.42
CA GLN B 192 -40.91 -31.48 -3.28
C GLN B 192 -39.65 -31.35 -2.44
N ALA B 193 -39.71 -30.52 -1.37
CA ALA B 193 -38.62 -30.28 -0.43
C ALA B 193 -38.24 -31.55 0.32
N CYS B 194 -39.25 -32.25 0.87
CA CYS B 194 -39.08 -33.50 1.63
C CYS B 194 -38.59 -34.62 0.74
N HIS B 195 -39.15 -34.75 -0.48
CA HIS B 195 -38.76 -35.79 -1.43
C HIS B 195 -37.29 -35.67 -1.81
N LEU B 196 -36.83 -34.43 -2.13
CA LEU B 196 -35.45 -34.16 -2.51
C LEU B 196 -34.48 -34.45 -1.36
N ALA B 197 -34.82 -34.02 -0.14
CA ALA B 197 -34.00 -34.24 1.05
C ALA B 197 -33.93 -35.72 1.44
N LYS B 198 -35.07 -36.46 1.33
CA LYS B 198 -35.11 -37.88 1.68
C LYS B 198 -34.33 -38.72 0.67
N THR B 199 -34.53 -38.47 -0.65
CA THR B 199 -33.84 -39.17 -1.74
C THR B 199 -32.33 -39.02 -1.59
N ALA B 200 -31.85 -37.79 -1.38
CA ALA B 200 -30.44 -37.45 -1.20
C ALA B 200 -29.84 -38.19 -0.01
N PHE B 201 -30.56 -38.23 1.13
CA PHE B 201 -30.12 -38.90 2.35
C PHE B 201 -30.09 -40.43 2.16
N ASP B 202 -31.18 -41.01 1.60
CA ASP B 202 -31.31 -42.43 1.34
C ASP B 202 -30.29 -42.95 0.33
N ASP B 203 -30.00 -42.15 -0.73
CA ASP B 203 -29.00 -42.52 -1.75
C ASP B 203 -27.58 -42.53 -1.18
N ALA B 204 -27.26 -41.57 -0.30
CA ALA B 204 -25.95 -41.48 0.38
C ALA B 204 -25.82 -42.59 1.44
N ILE B 205 -26.94 -42.96 2.09
CA ILE B 205 -26.93 -44.04 3.07
C ILE B 205 -26.69 -45.36 2.35
N ALA B 206 -27.33 -45.53 1.17
CA ALA B 206 -27.23 -46.70 0.29
C ALA B 206 -25.79 -46.96 -0.16
N GLU B 207 -24.98 -45.89 -0.33
CA GLU B 207 -23.58 -45.99 -0.77
C GLU B 207 -22.61 -45.34 0.21
N LEU B 208 -22.78 -45.57 1.53
CA LEU B 208 -21.85 -45.01 2.52
C LEU B 208 -20.44 -45.50 2.27
N ASP B 209 -20.29 -46.66 1.61
CA ASP B 209 -19.00 -47.25 1.25
C ASP B 209 -18.21 -46.33 0.30
N THR B 210 -18.88 -45.40 -0.39
CA THR B 210 -18.22 -44.48 -1.32
C THR B 210 -17.63 -43.25 -0.63
N LEU B 211 -17.85 -43.05 0.69
CA LEU B 211 -17.30 -41.88 1.41
C LEU B 211 -15.80 -41.85 1.23
N ASN B 212 -15.27 -40.63 0.99
CA ASN B 212 -13.86 -40.34 0.77
C ASN B 212 -13.21 -40.00 2.10
N GLU B 213 -12.03 -40.58 2.34
CA GLU B 213 -11.26 -40.38 3.58
C GLU B 213 -11.02 -38.90 3.88
N ASP B 214 -10.87 -38.07 2.83
CA ASP B 214 -10.59 -36.65 2.99
C ASP B 214 -11.84 -35.79 3.21
N SER B 215 -13.02 -36.26 2.76
CA SER B 215 -14.24 -35.47 2.88
C SER B 215 -15.42 -36.22 3.56
N TYR B 216 -15.17 -37.31 4.31
CA TYR B 216 -16.23 -38.06 4.99
C TYR B 216 -16.96 -37.19 6.04
N LYS B 217 -16.19 -36.37 6.81
CA LYS B 217 -16.70 -35.47 7.85
C LYS B 217 -17.63 -34.41 7.27
N ASP B 218 -17.28 -33.86 6.09
CA ASP B 218 -18.07 -32.85 5.40
C ASP B 218 -19.41 -33.43 4.92
N SER B 219 -19.40 -34.69 4.43
CA SER B 219 -20.58 -35.40 3.93
C SER B 219 -21.58 -35.71 5.05
N THR B 220 -21.09 -36.28 6.16
CA THR B 220 -21.90 -36.67 7.31
C THR B 220 -22.55 -35.47 7.99
N LEU B 221 -21.85 -34.31 8.00
CA LEU B 221 -22.37 -33.08 8.59
C LEU B 221 -23.61 -32.63 7.81
N ILE B 222 -23.55 -32.68 6.46
CA ILE B 222 -24.69 -32.30 5.61
C ILE B 222 -25.82 -33.31 5.78
N MET B 223 -25.49 -34.61 5.84
CA MET B 223 -26.45 -35.70 6.03
C MET B 223 -27.27 -35.50 7.31
N GLN B 224 -26.61 -34.99 8.37
CA GLN B 224 -27.24 -34.68 9.65
C GLN B 224 -28.26 -33.56 9.47
N LEU B 225 -27.86 -32.49 8.73
CA LEU B 225 -28.70 -31.32 8.42
C LEU B 225 -29.89 -31.72 7.56
N LEU B 226 -29.70 -32.66 6.62
CA LEU B 226 -30.75 -33.20 5.76
C LEU B 226 -31.81 -33.92 6.59
N ARG B 227 -31.38 -34.68 7.63
CA ARG B 227 -32.31 -35.38 8.53
C ARG B 227 -32.99 -34.39 9.47
N ASP B 228 -32.22 -33.43 10.02
CA ASP B 228 -32.71 -32.38 10.92
C ASP B 228 -33.85 -31.58 10.26
N ASN B 229 -33.65 -31.17 8.99
CA ASN B 229 -34.63 -30.44 8.19
C ASN B 229 -35.87 -31.28 7.93
N LEU B 230 -35.67 -32.56 7.57
CA LEU B 230 -36.76 -33.50 7.31
C LEU B 230 -37.60 -33.75 8.55
N THR B 231 -36.95 -33.89 9.73
CA THR B 231 -37.61 -34.09 11.03
C THR B 231 -38.50 -32.87 11.33
N LEU B 232 -37.97 -31.66 11.10
CA LEU B 232 -38.65 -30.38 11.30
C LEU B 232 -39.83 -30.23 10.34
N TRP B 233 -39.64 -30.56 9.04
CA TRP B 233 -40.66 -30.44 8.00
C TRP B 233 -41.77 -31.48 8.14
N THR B 234 -41.47 -32.68 8.67
CA THR B 234 -42.47 -33.74 8.87
C THR B 234 -43.07 -33.71 10.30
N SER B 235 -42.74 -32.68 11.09
CA SER B 235 -43.24 -32.51 12.46
C SER B 235 -44.68 -32.02 12.47
N MET C 1 -3.23 7.51 16.87
CA MET C 1 -3.56 8.83 16.35
C MET C 1 -3.79 8.85 14.83
N VAL C 2 -4.33 9.96 14.32
CA VAL C 2 -4.63 10.20 12.89
C VAL C 2 -3.75 11.36 12.37
N ASP C 3 -3.33 11.30 11.09
CA ASP C 3 -2.50 12.32 10.44
C ASP C 3 -3.37 13.43 9.83
N ARG C 4 -3.20 14.67 10.35
CA ARG C 4 -3.93 15.87 9.93
C ARG C 4 -3.61 16.21 8.48
N GLU C 5 -2.32 16.14 8.09
CA GLU C 5 -1.83 16.44 6.75
C GLU C 5 -2.49 15.59 5.68
N GLN C 6 -2.66 14.27 5.94
CA GLN C 6 -3.30 13.34 5.02
C GLN C 6 -4.77 13.68 4.80
N LEU C 7 -5.46 14.11 5.88
CA LEU C 7 -6.88 14.50 5.84
C LEU C 7 -7.07 15.76 4.98
N VAL C 8 -6.16 16.75 5.12
CA VAL C 8 -6.20 18.00 4.35
C VAL C 8 -5.91 17.68 2.90
N GLN C 9 -4.98 16.76 2.64
CA GLN C 9 -4.64 16.34 1.29
C GLN C 9 -5.81 15.58 0.64
N LYS C 10 -6.60 14.81 1.44
CA LYS C 10 -7.80 14.12 0.93
C LYS C 10 -8.84 15.15 0.49
N ALA C 11 -9.00 16.25 1.27
CA ALA C 11 -9.90 17.36 0.97
C ALA C 11 -9.51 18.05 -0.34
N ARG C 12 -8.19 18.19 -0.58
CA ARG C 12 -7.66 18.79 -1.80
C ARG C 12 -7.94 17.90 -3.02
N LEU C 13 -7.82 16.56 -2.85
CA LEU C 13 -8.09 15.57 -3.90
C LEU C 13 -9.58 15.55 -4.24
N ALA C 14 -10.44 15.46 -3.21
CA ALA C 14 -11.89 15.40 -3.35
C ALA C 14 -12.41 16.61 -4.10
N GLU C 15 -11.84 17.81 -3.82
CA GLU C 15 -12.22 19.07 -4.47
C GLU C 15 -11.99 18.98 -5.98
N GLN C 16 -10.81 18.46 -6.38
CA GLN C 16 -10.43 18.28 -7.78
C GLN C 16 -11.29 17.23 -8.45
N ALA C 17 -11.64 16.16 -7.70
CA ALA C 17 -12.50 15.06 -8.16
C ALA C 17 -13.99 15.42 -8.08
N GLU C 18 -14.33 16.64 -7.60
CA GLU C 18 -15.68 17.17 -7.43
C GLU C 18 -16.55 16.24 -6.56
N ARG C 19 -15.96 15.73 -5.48
CA ARG C 19 -16.57 14.82 -4.52
C ARG C 19 -16.65 15.58 -3.20
N TYR C 20 -17.59 16.54 -3.15
CA TYR C 20 -17.77 17.47 -2.05
C TYR C 20 -18.25 16.81 -0.75
N ASP C 21 -18.95 15.65 -0.82
CA ASP C 21 -19.35 14.93 0.40
C ASP C 21 -18.09 14.40 1.11
N ASP C 22 -17.15 13.81 0.34
CA ASP C 22 -15.85 13.31 0.80
C ASP C 22 -14.99 14.44 1.33
N MET C 23 -15.04 15.63 0.67
CA MET C 23 -14.31 16.85 1.02
C MET C 23 -14.77 17.33 2.37
N ALA C 24 -16.11 17.48 2.55
CA ALA C 24 -16.73 17.93 3.80
C ALA C 24 -16.39 16.99 4.95
N ALA C 25 -16.44 15.66 4.69
CA ALA C 25 -16.12 14.63 5.68
C ALA C 25 -14.68 14.77 6.19
N ALA C 26 -13.71 15.07 5.29
CA ALA C 26 -12.29 15.23 5.62
C ALA C 26 -12.06 16.47 6.43
N MET C 27 -12.68 17.60 6.00
CA MET C 27 -12.53 18.88 6.68
C MET C 27 -13.24 18.89 8.03
N LYS C 28 -14.33 18.09 8.19
CA LYS C 28 -15.02 17.93 9.48
C LYS C 28 -14.05 17.24 10.45
N ASN C 29 -13.35 16.18 9.98
CA ASN C 29 -12.37 15.43 10.76
C ASN C 29 -11.21 16.33 11.21
N VAL C 30 -10.75 17.24 10.32
CA VAL C 30 -9.67 18.19 10.61
C VAL C 30 -10.12 19.13 11.74
N THR C 31 -11.35 19.68 11.62
CA THR C 31 -11.98 20.58 12.58
C THR C 31 -12.09 19.91 13.96
N GLU C 32 -12.49 18.62 13.95
CA GLU C 32 -12.68 17.80 15.15
C GLU C 32 -11.38 17.49 15.90
N LEU C 33 -10.23 17.95 15.39
CA LEU C 33 -8.92 17.77 16.05
C LEU C 33 -8.66 18.89 17.05
N ASN C 34 -9.62 19.84 17.15
CA ASN C 34 -9.65 21.00 18.05
C ASN C 34 -8.45 21.97 17.90
N GLU C 35 -7.73 21.88 16.77
CA GLU C 35 -6.63 22.80 16.45
C GLU C 35 -7.16 23.81 15.44
N PRO C 36 -6.76 25.11 15.53
CA PRO C 36 -7.29 26.11 14.59
C PRO C 36 -6.97 25.82 13.12
N LEU C 37 -7.87 26.26 12.22
CA LEU C 37 -7.68 26.06 10.79
C LEU C 37 -6.92 27.23 10.17
N SER C 38 -6.06 26.94 9.19
CA SER C 38 -5.32 27.95 8.43
C SER C 38 -6.27 28.59 7.42
N ASN C 39 -5.84 29.66 6.72
CA ASN C 39 -6.67 30.32 5.71
C ASN C 39 -7.08 29.31 4.61
N GLU C 40 -6.14 28.44 4.18
CA GLU C 40 -6.36 27.41 3.17
C GLU C 40 -7.37 26.38 3.67
N GLU C 41 -7.15 25.84 4.90
CA GLU C 41 -8.01 24.85 5.55
C GLU C 41 -9.43 25.40 5.77
N ARG C 42 -9.52 26.67 6.19
CA ARG C 42 -10.78 27.40 6.43
C ARG C 42 -11.61 27.47 5.15
N ASN C 43 -10.94 27.72 4.00
CA ASN C 43 -11.61 27.82 2.71
C ASN C 43 -11.97 26.44 2.17
N LEU C 44 -11.14 25.41 2.43
CA LEU C 44 -11.42 24.04 2.01
C LEU C 44 -12.73 23.55 2.66
N LEU C 45 -12.92 23.84 3.97
CA LEU C 45 -14.13 23.51 4.74
C LEU C 45 -15.35 24.25 4.18
N SER C 46 -15.20 25.56 3.94
CA SER C 46 -16.23 26.45 3.42
C SER C 46 -16.73 25.98 2.05
N VAL C 47 -15.80 25.74 1.10
CA VAL C 47 -16.08 25.29 -0.25
C VAL C 47 -16.81 23.95 -0.21
N ALA C 48 -16.30 23.00 0.61
CA ALA C 48 -16.86 21.67 0.77
C ALA C 48 -18.33 21.73 1.13
N TYR C 49 -18.67 22.34 2.30
CA TYR C 49 -20.04 22.45 2.78
C TYR C 49 -20.92 23.35 1.91
N LYS C 50 -20.35 24.40 1.26
CA LYS C 50 -21.10 25.31 0.38
C LYS C 50 -21.66 24.53 -0.80
N ASN C 51 -20.83 23.63 -1.40
CA ASN C 51 -21.21 22.79 -2.53
C ASN C 51 -22.21 21.71 -2.12
N VAL C 52 -22.04 21.11 -0.92
CA VAL C 52 -22.94 20.07 -0.39
C VAL C 52 -24.35 20.67 -0.20
N VAL C 53 -24.46 21.77 0.59
CA VAL C 53 -25.74 22.43 0.84
C VAL C 53 -26.31 23.06 -0.46
N GLY C 54 -25.41 23.60 -1.30
CA GLY C 54 -25.74 24.22 -2.57
C GLY C 54 -26.53 23.31 -3.50
N ALA C 55 -26.12 22.03 -3.56
CA ALA C 55 -26.77 20.98 -4.37
C ALA C 55 -28.24 20.83 -3.94
N ARG C 56 -28.48 20.82 -2.62
CA ARG C 56 -29.82 20.70 -2.05
C ARG C 56 -30.63 21.97 -2.27
N ARG C 57 -29.99 23.15 -2.13
CA ARG C 57 -30.64 24.46 -2.32
C ARG C 57 -31.14 24.59 -3.76
N SER C 58 -30.29 24.22 -4.74
CA SER C 58 -30.64 24.24 -6.16
C SER C 58 -31.80 23.29 -6.46
N SER C 59 -31.75 22.04 -5.92
CA SER C 59 -32.79 21.03 -6.11
C SER C 59 -34.12 21.52 -5.50
N TRP C 60 -34.06 22.06 -4.26
CA TRP C 60 -35.22 22.58 -3.54
C TRP C 60 -35.94 23.67 -4.37
N ARG C 61 -35.17 24.62 -4.93
CA ARG C 61 -35.70 25.69 -5.78
C ARG C 61 -36.42 25.13 -7.01
N VAL C 62 -35.83 24.13 -7.68
CA VAL C 62 -36.38 23.48 -8.87
C VAL C 62 -37.71 22.79 -8.53
N ILE C 63 -37.72 21.96 -7.45
CA ILE C 63 -38.91 21.23 -6.98
C ILE C 63 -40.02 22.20 -6.55
N SER C 64 -39.67 23.26 -5.77
CA SER C 64 -40.61 24.30 -5.32
C SER C 64 -41.30 24.99 -6.50
N SER C 65 -40.54 25.31 -7.55
CA SER C 65 -41.01 25.93 -8.78
C SER C 65 -42.02 25.01 -9.49
N ILE C 66 -41.71 23.69 -9.55
CA ILE C 66 -42.57 22.66 -10.15
C ILE C 66 -43.84 22.52 -9.31
N GLU C 67 -43.71 22.52 -7.96
CA GLU C 67 -44.81 22.41 -7.00
C GLU C 67 -45.83 23.54 -7.18
N GLN C 68 -45.35 24.77 -7.46
CA GLN C 68 -46.21 25.94 -7.69
C GLN C 68 -47.03 25.80 -8.98
N LYS C 69 -46.37 25.32 -10.05
CA LYS C 69 -47.01 25.08 -11.36
C LYS C 69 -47.94 23.86 -11.31
N THR C 70 -47.53 22.76 -10.63
CA THR C 70 -48.31 21.53 -10.49
C THR C 70 -49.59 21.73 -9.67
N SER C 71 -49.57 22.66 -8.67
CA SER C 71 -50.71 22.98 -7.81
C SER C 71 -51.87 23.57 -8.63
N ALA C 72 -51.53 24.35 -9.67
CA ALA C 72 -52.47 25.02 -10.58
C ALA C 72 -53.27 24.03 -11.44
N ASP C 73 -52.63 22.95 -11.96
CA ASP C 73 -53.32 21.97 -12.81
C ASP C 73 -54.26 21.04 -12.02
N GLY C 74 -53.95 20.82 -10.73
CA GLY C 74 -54.77 19.99 -9.85
C GLY C 74 -54.69 18.50 -10.06
N ASN C 75 -53.46 17.94 -10.01
CA ASN C 75 -53.21 16.50 -10.13
C ASN C 75 -52.87 15.98 -8.72
N GLU C 76 -53.86 15.36 -8.06
CA GLU C 76 -53.79 14.83 -6.68
C GLU C 76 -52.55 13.98 -6.39
N LYS C 77 -52.34 12.88 -7.15
CA LYS C 77 -51.20 11.96 -6.98
C LYS C 77 -49.85 12.63 -7.20
N LYS C 78 -49.75 13.49 -8.25
CA LYS C 78 -48.52 14.18 -8.61
C LYS C 78 -48.14 15.21 -7.54
N ILE C 79 -49.11 16.05 -7.10
CA ILE C 79 -48.93 17.10 -6.08
C ILE C 79 -48.32 16.56 -4.78
N GLU C 80 -48.83 15.41 -4.28
CA GLU C 80 -48.35 14.77 -3.06
C GLU C 80 -46.89 14.31 -3.20
N MET C 81 -46.58 13.71 -4.36
CA MET C 81 -45.26 13.18 -4.71
C MET C 81 -44.23 14.31 -4.80
N VAL C 82 -44.59 15.47 -5.40
CA VAL C 82 -43.72 16.65 -5.54
C VAL C 82 -43.44 17.23 -4.14
N ARG C 83 -44.50 17.32 -3.29
CA ARG C 83 -44.44 17.83 -1.92
C ARG C 83 -43.52 16.97 -1.06
N ALA C 84 -43.69 15.62 -1.12
CA ALA C 84 -42.89 14.65 -0.37
C ALA C 84 -41.41 14.72 -0.79
N TYR C 85 -41.15 14.98 -2.09
CA TYR C 85 -39.80 15.10 -2.62
C TYR C 85 -39.15 16.39 -2.11
N ARG C 86 -39.91 17.50 -2.05
CA ARG C 86 -39.47 18.80 -1.52
C ARG C 86 -39.06 18.61 -0.05
N GLU C 87 -39.93 17.90 0.72
CA GLU C 87 -39.71 17.58 2.13
C GLU C 87 -38.46 16.72 2.34
N LYS C 88 -38.21 15.74 1.41
CA LYS C 88 -37.03 14.86 1.44
C LYS C 88 -35.74 15.69 1.33
N ILE C 89 -35.69 16.60 0.33
CA ILE C 89 -34.55 17.49 0.04
C ILE C 89 -34.38 18.46 1.22
N GLU C 90 -35.49 19.03 1.75
CA GLU C 90 -35.52 19.94 2.90
C GLU C 90 -34.79 19.32 4.09
N LYS C 91 -35.16 18.05 4.46
CA LYS C 91 -34.56 17.30 5.56
C LYS C 91 -33.06 17.11 5.35
N GLU C 92 -32.63 16.82 4.09
CA GLU C 92 -31.22 16.64 3.73
C GLU C 92 -30.45 17.95 3.96
N LEU C 93 -31.03 19.07 3.46
CA LEU C 93 -30.49 20.44 3.57
C LEU C 93 -30.32 20.82 5.05
N GLU C 94 -31.38 20.64 5.85
CA GLU C 94 -31.39 20.96 7.28
C GLU C 94 -30.31 20.20 8.05
N ALA C 95 -30.10 18.91 7.71
CA ALA C 95 -29.10 18.05 8.32
C ALA C 95 -27.66 18.58 8.02
N VAL C 96 -27.42 19.06 6.78
CA VAL C 96 -26.13 19.61 6.36
C VAL C 96 -25.85 20.90 7.16
N CYS C 97 -26.88 21.77 7.26
CA CYS C 97 -26.81 23.04 7.99
C CYS C 97 -26.51 22.82 9.46
N GLN C 98 -27.17 21.83 10.11
CA GLN C 98 -26.94 21.52 11.51
C GLN C 98 -25.54 20.96 11.74
N ASP C 99 -25.03 20.16 10.78
CA ASP C 99 -23.71 19.57 10.82
C ASP C 99 -22.61 20.66 10.89
N VAL C 100 -22.69 21.64 9.98
CA VAL C 100 -21.71 22.71 9.89
C VAL C 100 -21.91 23.77 11.03
N LEU C 101 -23.16 24.05 11.47
CA LEU C 101 -23.41 24.99 12.57
C LEU C 101 -22.85 24.48 13.91
N SER C 102 -22.88 23.15 14.11
CA SER C 102 -22.34 22.52 15.33
C SER C 102 -20.80 22.64 15.31
N LEU C 103 -20.16 22.47 14.13
CA LEU C 103 -18.71 22.59 13.98
C LEU C 103 -18.30 24.01 14.29
N LEU C 104 -19.07 25.00 13.79
CA LEU C 104 -18.83 26.42 14.01
C LEU C 104 -18.95 26.77 15.51
N ASP C 105 -20.05 26.35 16.15
CA ASP C 105 -20.31 26.66 17.56
C ASP C 105 -19.44 25.90 18.57
N ASN C 106 -19.21 24.60 18.34
CA ASN C 106 -18.48 23.77 19.30
C ASN C 106 -16.96 23.65 19.04
N TYR C 107 -16.45 24.11 17.87
CA TYR C 107 -15.02 24.04 17.56
C TYR C 107 -14.42 25.33 17.03
N LEU C 108 -14.93 25.82 15.88
CA LEU C 108 -14.36 26.95 15.14
C LEU C 108 -14.45 28.32 15.83
N ILE C 109 -15.67 28.82 16.15
CA ILE C 109 -15.84 30.13 16.81
C ILE C 109 -15.20 30.10 18.21
N LYS C 110 -15.41 29.01 18.95
CA LYS C 110 -14.89 28.79 20.30
C LYS C 110 -13.36 28.95 20.40
N ASN C 111 -12.61 28.34 19.46
CA ASN C 111 -11.14 28.38 19.46
C ASN C 111 -10.52 29.68 18.89
N CYS C 112 -11.34 30.68 18.52
CA CYS C 112 -10.82 31.96 18.01
C CYS C 112 -10.30 32.82 19.14
N SER C 113 -9.04 33.26 19.05
CA SER C 113 -8.43 34.13 20.07
C SER C 113 -8.93 35.56 19.88
N GLU C 114 -8.74 36.43 20.90
CA GLU C 114 -9.15 37.83 20.88
C GLU C 114 -8.62 38.58 19.65
N THR C 115 -7.36 38.32 19.26
CA THR C 115 -6.68 38.94 18.11
C THR C 115 -7.01 38.27 16.75
N GLN C 116 -7.64 37.08 16.75
CA GLN C 116 -8.00 36.35 15.51
C GLN C 116 -9.31 36.87 14.90
N TYR C 117 -9.31 38.16 14.50
CA TYR C 117 -10.46 38.88 13.92
C TYR C 117 -10.95 38.26 12.60
N GLU C 118 -10.02 37.92 11.67
CA GLU C 118 -10.32 37.37 10.35
C GLU C 118 -11.17 36.12 10.45
N SER C 119 -10.71 35.17 11.29
CA SER C 119 -11.36 33.89 11.55
C SER C 119 -12.73 34.08 12.21
N LYS C 120 -12.81 34.96 13.23
CA LYS C 120 -14.04 35.26 13.93
C LYS C 120 -15.14 35.78 12.96
N VAL C 121 -14.78 36.71 12.05
CA VAL C 121 -15.72 37.27 11.06
C VAL C 121 -16.09 36.18 10.05
N PHE C 122 -15.10 35.44 9.54
CA PHE C 122 -15.31 34.35 8.58
C PHE C 122 -16.33 33.32 9.09
N TYR C 123 -16.14 32.82 10.34
CA TYR C 123 -17.00 31.83 10.96
C TYR C 123 -18.36 32.38 11.33
N LEU C 124 -18.44 33.64 11.82
CA LEU C 124 -19.73 34.26 12.16
C LEU C 124 -20.55 34.54 10.89
N LYS C 125 -19.87 34.85 9.76
CA LYS C 125 -20.49 35.05 8.44
C LYS C 125 -21.06 33.68 8.00
N MET C 126 -20.29 32.58 8.19
CA MET C 126 -20.71 31.22 7.86
C MET C 126 -21.95 30.88 8.67
N LYS C 127 -21.93 31.19 9.99
CA LYS C 127 -23.05 30.96 10.91
C LYS C 127 -24.30 31.66 10.38
N GLY C 128 -24.14 32.90 9.93
CA GLY C 128 -25.22 33.71 9.37
C GLY C 128 -25.76 33.08 8.10
N ASP C 129 -24.84 32.62 7.23
CA ASP C 129 -25.16 32.00 5.95
C ASP C 129 -25.99 30.73 6.12
N TYR C 130 -25.56 29.79 6.98
CA TYR C 130 -26.25 28.53 7.16
C TYR C 130 -27.59 28.65 7.88
N TYR C 131 -27.77 29.69 8.71
CA TYR C 131 -29.06 29.94 9.35
C TYR C 131 -29.98 30.59 8.30
N ARG C 132 -29.40 31.36 7.35
CA ARG C 132 -30.12 31.97 6.23
C ARG C 132 -30.61 30.86 5.28
N TYR C 133 -29.77 29.82 5.06
CA TYR C 133 -30.12 28.68 4.21
C TYR C 133 -31.28 27.91 4.84
N LEU C 134 -31.29 27.83 6.19
CA LEU C 134 -32.36 27.20 6.95
C LEU C 134 -33.64 28.02 6.84
N ALA C 135 -33.50 29.37 6.88
CA ALA C 135 -34.61 30.33 6.78
C ALA C 135 -35.29 30.27 5.43
N GLU C 136 -34.52 29.99 4.36
CA GLU C 136 -35.00 29.88 2.98
C GLU C 136 -36.07 28.79 2.81
N VAL C 137 -35.98 27.70 3.59
CA VAL C 137 -36.90 26.55 3.50
C VAL C 137 -37.90 26.49 4.69
N ALA C 138 -37.63 27.23 5.80
CA ALA C 138 -38.46 27.22 7.00
C ALA C 138 -39.71 28.08 6.89
N THR C 139 -40.72 27.74 7.73
CA THR C 139 -42.02 28.45 7.83
C THR C 139 -42.40 28.64 9.31
N GLY C 140 -43.39 29.48 9.56
CA GLY C 140 -43.93 29.77 10.88
C GLY C 140 -42.92 30.22 11.93
N GLU C 141 -43.07 29.67 13.16
CA GLU C 141 -42.22 29.96 14.31
C GLU C 141 -40.80 29.44 14.12
N LYS C 142 -40.64 28.31 13.39
CA LYS C 142 -39.32 27.74 13.09
C LYS C 142 -38.51 28.73 12.26
N ARG C 143 -39.17 29.41 11.31
CA ARG C 143 -38.55 30.43 10.46
C ARG C 143 -38.11 31.63 11.29
N ALA C 144 -38.99 32.13 12.18
CA ALA C 144 -38.70 33.27 13.05
C ALA C 144 -37.41 33.04 13.86
N THR C 145 -37.21 31.81 14.35
CA THR C 145 -36.07 31.39 15.17
C THR C 145 -34.75 31.46 14.37
N VAL C 146 -34.69 30.78 13.21
CA VAL C 146 -33.48 30.76 12.37
C VAL C 146 -33.15 32.15 11.80
N VAL C 147 -34.17 33.00 11.53
CA VAL C 147 -33.98 34.38 11.04
C VAL C 147 -33.27 35.22 12.11
N GLU C 148 -33.71 35.05 13.38
CA GLU C 148 -33.16 35.72 14.56
C GLU C 148 -31.69 35.30 14.74
N SER C 149 -31.40 33.98 14.60
CA SER C 149 -30.07 33.40 14.71
C SER C 149 -29.12 33.93 13.63
N SER C 150 -29.61 34.03 12.38
CA SER C 150 -28.88 34.54 11.22
C SER C 150 -28.50 36.02 11.42
N GLU C 151 -29.48 36.84 11.88
CA GLU C 151 -29.29 38.25 12.16
C GLU C 151 -28.21 38.43 13.24
N LYS C 152 -28.31 37.65 14.35
CA LYS C 152 -27.38 37.68 15.48
C LYS C 152 -25.93 37.41 15.04
N ALA C 153 -25.75 36.42 14.14
CA ALA C 153 -24.45 36.04 13.62
C ALA C 153 -23.86 37.11 12.70
N TYR C 154 -24.64 37.60 11.71
CA TYR C 154 -24.20 38.63 10.76
C TYR C 154 -23.91 39.96 11.48
N SER C 155 -24.80 40.36 12.43
CA SER C 155 -24.65 41.58 13.22
C SER C 155 -23.32 41.60 13.99
N GLU C 156 -22.96 40.46 14.63
CA GLU C 156 -21.72 40.32 15.40
C GLU C 156 -20.50 40.42 14.47
N ALA C 157 -20.53 39.71 13.33
CA ALA C 157 -19.48 39.72 12.30
C ALA C 157 -19.28 41.12 11.72
N HIS C 158 -20.38 41.86 11.50
CA HIS C 158 -20.37 43.20 10.96
C HIS C 158 -19.70 44.19 11.91
N GLU C 159 -19.97 44.05 13.23
CA GLU C 159 -19.38 44.90 14.27
C GLU C 159 -17.87 44.68 14.36
N ILE C 160 -17.39 43.42 14.28
CA ILE C 160 -15.97 43.07 14.33
C ILE C 160 -15.24 43.58 13.07
N SER C 161 -15.80 43.30 11.86
CA SER C 161 -15.21 43.71 10.58
C SER C 161 -15.07 45.23 10.43
N LYS C 162 -16.07 46.00 10.92
CA LYS C 162 -16.05 47.48 10.87
C LYS C 162 -14.94 48.02 11.76
N GLU C 163 -14.73 47.40 12.92
CA GLU C 163 -13.75 47.78 13.93
C GLU C 163 -12.31 47.39 13.58
N HIS C 164 -12.09 46.17 13.04
CA HIS C 164 -10.74 45.65 12.81
C HIS C 164 -10.32 45.43 11.34
N MET C 165 -11.24 45.49 10.35
CA MET C 165 -10.87 45.29 8.94
C MET C 165 -11.06 46.53 8.06
N GLN C 166 -10.16 46.69 7.05
CA GLN C 166 -10.22 47.76 6.03
C GLN C 166 -11.45 47.54 5.14
N PRO C 167 -12.13 48.62 4.67
CA PRO C 167 -13.35 48.43 3.85
C PRO C 167 -13.18 47.61 2.57
N THR C 168 -11.91 47.45 2.10
CA THR C 168 -11.56 46.69 0.90
C THR C 168 -11.25 45.23 1.17
N HIS C 169 -11.21 44.81 2.46
CA HIS C 169 -10.92 43.41 2.81
C HIS C 169 -11.97 42.46 2.22
N PRO C 170 -11.52 41.41 1.48
CA PRO C 170 -12.49 40.48 0.87
C PRO C 170 -13.50 39.89 1.84
N ILE C 171 -13.07 39.52 3.07
CA ILE C 171 -13.96 38.96 4.11
C ILE C 171 -15.03 40.00 4.52
N ARG C 172 -14.61 41.27 4.71
CA ARG C 172 -15.51 42.37 5.07
C ARG C 172 -16.54 42.64 3.98
N LEU C 173 -16.09 42.71 2.71
CA LEU C 173 -16.96 42.93 1.55
C LEU C 173 -17.92 41.74 1.37
N GLY C 174 -17.38 40.52 1.49
CA GLY C 174 -18.14 39.28 1.36
C GLY C 174 -19.28 39.17 2.36
N LEU C 175 -19.03 39.65 3.59
CA LEU C 175 -20.01 39.67 4.66
C LEU C 175 -21.11 40.67 4.35
N ALA C 176 -20.71 41.88 3.88
CA ALA C 176 -21.63 42.95 3.50
C ALA C 176 -22.54 42.49 2.35
N LEU C 177 -22.01 41.67 1.41
CA LEU C 177 -22.75 41.11 0.29
C LEU C 177 -23.84 40.14 0.78
N ASN C 178 -23.47 39.16 1.62
CA ASN C 178 -24.41 38.17 2.12
C ASN C 178 -25.41 38.76 3.12
N TYR C 179 -24.96 39.67 3.98
CA TYR C 179 -25.82 40.34 4.97
C TYR C 179 -26.88 41.21 4.26
N SER C 180 -26.51 41.91 3.16
CA SER C 180 -27.46 42.70 2.38
C SER C 180 -28.48 41.79 1.68
N VAL C 181 -28.02 40.61 1.19
CA VAL C 181 -28.87 39.60 0.55
C VAL C 181 -29.90 39.11 1.60
N PHE C 182 -29.44 38.92 2.87
CA PHE C 182 -30.27 38.51 4.00
C PHE C 182 -31.38 39.53 4.23
N TYR C 183 -31.04 40.82 4.25
CA TYR C 183 -31.99 41.91 4.44
C TYR C 183 -33.06 41.96 3.35
N TYR C 184 -32.64 41.83 2.07
CA TYR C 184 -33.55 41.86 0.93
C TYR C 184 -34.41 40.60 0.82
N GLU C 185 -33.78 39.43 0.66
CA GLU C 185 -34.48 38.16 0.46
C GLU C 185 -35.20 37.61 1.69
N ILE C 186 -34.55 37.57 2.87
CA ILE C 186 -35.12 36.97 4.08
C ILE C 186 -35.98 37.95 4.90
N GLN C 187 -35.41 39.10 5.29
CA GLN C 187 -36.10 40.09 6.13
C GLN C 187 -37.10 40.97 5.37
N ASN C 188 -37.03 40.99 4.02
CA ASN C 188 -37.85 41.83 3.13
C ASN C 188 -37.72 43.31 3.53
N ALA C 189 -36.46 43.72 3.77
CA ALA C 189 -36.07 45.08 4.13
C ALA C 189 -35.17 45.61 3.00
N PRO C 190 -35.76 46.06 1.86
CA PRO C 190 -34.92 46.54 0.74
C PRO C 190 -34.13 47.82 1.07
N GLU C 191 -34.68 48.72 1.91
CA GLU C 191 -34.01 49.95 2.31
C GLU C 191 -32.73 49.65 3.10
N GLN C 192 -32.80 48.69 4.04
CA GLN C 192 -31.65 48.25 4.85
C GLN C 192 -30.64 47.52 3.98
N ALA C 193 -31.13 46.70 3.02
CA ALA C 193 -30.30 45.92 2.08
C ALA C 193 -29.49 46.83 1.19
N CYS C 194 -30.14 47.85 0.58
CA CYS C 194 -29.52 48.82 -0.32
C CYS C 194 -28.52 49.68 0.42
N HIS C 195 -28.87 50.16 1.64
CA HIS C 195 -28.00 51.00 2.44
C HIS C 195 -26.70 50.28 2.80
N LEU C 196 -26.80 49.01 3.24
CA LEU C 196 -25.64 48.19 3.59
C LEU C 196 -24.73 47.94 2.39
N ALA C 197 -25.32 47.58 1.24
CA ALA C 197 -24.59 47.30 0.01
C ALA C 197 -23.93 48.57 -0.57
N LYS C 198 -24.63 49.73 -0.51
CA LYS C 198 -24.09 51.00 -1.01
C LYS C 198 -22.95 51.51 -0.14
N THR C 199 -23.13 51.49 1.21
CA THR C 199 -22.10 51.93 2.18
C THR C 199 -20.82 51.12 1.98
N ALA C 200 -20.94 49.77 1.93
CA ALA C 200 -19.83 48.85 1.73
C ALA C 200 -19.07 49.12 0.43
N PHE C 201 -19.81 49.38 -0.66
CA PHE C 201 -19.24 49.66 -1.99
C PHE C 201 -18.56 51.03 -2.00
N ASP C 202 -19.24 52.07 -1.46
CA ASP C 202 -18.72 53.44 -1.40
C ASP C 202 -17.47 53.54 -0.51
N ASP C 203 -17.45 52.83 0.64
CA ASP C 203 -16.31 52.81 1.56
C ASP C 203 -15.08 52.16 0.91
N ALA C 204 -15.31 51.05 0.17
CA ALA C 204 -14.26 50.32 -0.54
C ALA C 204 -13.76 51.11 -1.76
N ILE C 205 -14.66 51.90 -2.40
CA ILE C 205 -14.31 52.73 -3.56
C ILE C 205 -13.43 53.91 -3.08
N ALA C 206 -13.77 54.49 -1.90
CA ALA C 206 -13.04 55.60 -1.28
C ALA C 206 -11.59 55.22 -0.95
N GLU C 207 -11.36 53.94 -0.62
CA GLU C 207 -10.01 53.44 -0.28
C GLU C 207 -9.53 52.34 -1.23
N LEU C 208 -9.74 52.48 -2.55
CA LEU C 208 -9.27 51.49 -3.52
C LEU C 208 -7.76 51.35 -3.45
N ASP C 209 -7.07 52.41 -2.98
CA ASP C 209 -5.61 52.43 -2.79
C ASP C 209 -5.15 51.40 -1.75
N THR C 210 -6.07 50.87 -0.92
CA THR C 210 -5.72 49.85 0.08
C THR C 210 -5.72 48.43 -0.51
N LEU C 211 -5.90 48.28 -1.84
CA LEU C 211 -5.83 46.97 -2.49
C LEU C 211 -4.46 46.71 -3.10
N ASN C 212 -4.00 45.48 -2.95
CA ASN C 212 -2.71 45.00 -3.47
C ASN C 212 -2.94 43.97 -4.58
N GLU C 213 -1.93 43.75 -5.43
CA GLU C 213 -1.98 42.83 -6.57
C GLU C 213 -2.47 41.42 -6.19
N ASP C 214 -2.21 40.98 -4.95
CA ASP C 214 -2.60 39.66 -4.47
C ASP C 214 -4.06 39.57 -4.01
N SER C 215 -4.72 40.71 -3.67
CA SER C 215 -6.11 40.69 -3.20
C SER C 215 -7.09 41.56 -4.01
N TYR C 216 -6.57 42.33 -5.00
CA TYR C 216 -7.36 43.21 -5.87
C TYR C 216 -8.50 42.44 -6.55
N LYS C 217 -8.17 41.30 -7.21
CA LYS C 217 -9.13 40.49 -7.94
C LYS C 217 -10.28 39.97 -7.07
N ASP C 218 -9.98 39.50 -5.84
CA ASP C 218 -10.96 38.98 -4.87
C ASP C 218 -11.95 40.03 -4.39
N SER C 219 -11.46 41.23 -4.06
CA SER C 219 -12.25 42.35 -3.56
C SER C 219 -13.11 42.96 -4.65
N THR C 220 -12.53 43.18 -5.86
CA THR C 220 -13.25 43.76 -7.00
C THR C 220 -14.36 42.82 -7.48
N LEU C 221 -14.17 41.48 -7.36
CA LEU C 221 -15.17 40.48 -7.74
C LEU C 221 -16.42 40.62 -6.86
N ILE C 222 -16.24 40.89 -5.54
CA ILE C 222 -17.35 41.08 -4.60
C ILE C 222 -17.98 42.45 -4.85
N MET C 223 -17.15 43.48 -5.08
CA MET C 223 -17.60 44.84 -5.35
C MET C 223 -18.51 44.90 -6.57
N GLN C 224 -18.23 44.05 -7.59
CA GLN C 224 -19.03 43.93 -8.80
C GLN C 224 -20.41 43.36 -8.44
N LEU C 225 -20.43 42.30 -7.61
CA LEU C 225 -21.66 41.65 -7.14
C LEU C 225 -22.51 42.60 -6.29
N LEU C 226 -21.85 43.47 -5.47
CA LEU C 226 -22.50 44.48 -4.65
C LEU C 226 -23.21 45.51 -5.53
N ARG C 227 -22.58 45.91 -6.67
CA ARG C 227 -23.18 46.86 -7.62
C ARG C 227 -24.29 46.18 -8.42
N ASP C 228 -24.05 44.92 -8.86
CA ASP C 228 -25.02 44.13 -9.62
C ASP C 228 -26.33 43.97 -8.84
N ASN C 229 -26.23 43.63 -7.54
CA ASN C 229 -27.36 43.48 -6.63
C ASN C 229 -28.09 44.80 -6.44
N LEU C 230 -27.32 45.91 -6.24
CA LEU C 230 -27.87 47.25 -6.06
C LEU C 230 -28.62 47.72 -7.29
N THR C 231 -28.07 47.45 -8.50
CA THR C 231 -28.67 47.79 -9.80
C THR C 231 -30.03 47.07 -9.92
N LEU C 232 -30.06 45.77 -9.55
CA LEU C 232 -31.24 44.92 -9.58
C LEU C 232 -32.29 45.40 -8.57
N TRP C 233 -31.86 45.73 -7.33
CA TRP C 233 -32.75 46.18 -6.26
C TRP C 233 -33.31 47.59 -6.49
N THR C 234 -32.56 48.47 -7.18
CA THR C 234 -33.01 49.84 -7.46
C THR C 234 -33.67 49.95 -8.86
N SER C 235 -33.86 48.81 -9.55
CA SER C 235 -34.46 48.76 -10.89
C SER C 235 -35.97 49.12 -10.85
N MET D 1 -35.18 18.37 9.76
CA MET D 1 -34.45 18.99 10.87
C MET D 1 -34.08 17.92 11.88
N VAL D 2 -32.82 17.98 12.39
CA VAL D 2 -32.28 17.04 13.36
C VAL D 2 -33.30 16.79 14.48
N ASP D 3 -33.81 15.55 14.51
CA ASP D 3 -34.79 15.04 15.46
C ASP D 3 -34.05 14.07 16.35
N ARG D 4 -33.74 14.50 17.58
CA ARG D 4 -33.01 13.75 18.59
C ARG D 4 -33.69 12.40 18.88
N GLU D 5 -35.04 12.38 18.99
CA GLU D 5 -35.83 11.18 19.25
C GLU D 5 -35.65 10.17 18.11
N GLN D 6 -35.67 10.62 16.83
CA GLN D 6 -35.46 9.74 15.67
C GLN D 6 -34.05 9.18 15.64
N LEU D 7 -33.05 10.01 15.97
CA LEU D 7 -31.65 9.62 16.01
C LEU D 7 -31.36 8.60 17.12
N VAL D 8 -32.07 8.68 18.27
CA VAL D 8 -31.91 7.72 19.37
C VAL D 8 -32.61 6.42 18.99
N GLN D 9 -33.77 6.53 18.30
CA GLN D 9 -34.51 5.35 17.85
C GLN D 9 -33.72 4.58 16.77
N LYS D 10 -32.96 5.28 15.89
CA LYS D 10 -32.14 4.61 14.88
C LYS D 10 -31.03 3.79 15.57
N ALA D 11 -30.40 4.35 16.62
CA ALA D 11 -29.35 3.69 17.40
C ALA D 11 -29.90 2.46 18.10
N ARG D 12 -31.17 2.52 18.57
CA ARG D 12 -31.84 1.37 19.18
C ARG D 12 -32.07 0.26 18.15
N LEU D 13 -32.44 0.66 16.89
CA LEU D 13 -32.66 -0.26 15.76
C LEU D 13 -31.34 -0.90 15.33
N ALA D 14 -30.30 -0.07 15.10
CA ALA D 14 -28.96 -0.47 14.69
C ALA D 14 -28.33 -1.47 15.67
N GLU D 15 -28.61 -1.32 16.99
CA GLU D 15 -28.13 -2.22 18.04
C GLU D 15 -28.72 -3.61 17.85
N GLN D 16 -30.04 -3.67 17.61
CA GLN D 16 -30.78 -4.92 17.40
C GLN D 16 -30.36 -5.57 16.10
N ALA D 17 -30.08 -4.75 15.06
CA ALA D 17 -29.64 -5.20 13.74
C ALA D 17 -28.13 -5.51 13.72
N GLU D 18 -27.43 -5.33 14.86
CA GLU D 18 -25.99 -5.55 15.05
C GLU D 18 -25.16 -4.77 14.03
N ARG D 19 -25.57 -3.50 13.79
CA ARG D 19 -24.93 -2.58 12.86
C ARG D 19 -24.38 -1.44 13.70
N TYR D 20 -23.28 -1.76 14.41
CA TYR D 20 -22.66 -0.86 15.38
C TYR D 20 -22.03 0.40 14.76
N ASP D 21 -21.63 0.37 13.47
CA ASP D 21 -21.12 1.59 12.80
C ASP D 21 -22.28 2.60 12.68
N ASP D 22 -23.48 2.13 12.28
CA ASP D 22 -24.71 2.92 12.15
C ASP D 22 -25.17 3.43 13.52
N MET D 23 -25.02 2.59 14.58
CA MET D 23 -25.38 2.94 15.96
C MET D 23 -24.47 4.09 16.46
N ALA D 24 -23.13 3.95 16.27
CA ALA D 24 -22.16 4.95 16.67
C ALA D 24 -22.40 6.26 15.94
N ALA D 25 -22.81 6.19 14.66
CA ALA D 25 -23.10 7.37 13.83
C ALA D 25 -24.24 8.17 14.42
N ALA D 26 -25.36 7.51 14.71
CA ALA D 26 -26.56 8.08 15.29
C ALA D 26 -26.26 8.72 16.65
N MET D 27 -25.51 8.01 17.53
CA MET D 27 -25.18 8.53 18.85
C MET D 27 -24.19 9.68 18.81
N LYS D 28 -23.28 9.69 17.79
CA LYS D 28 -22.35 10.80 17.57
C LYS D 28 -23.18 12.04 17.22
N ASN D 29 -24.20 11.89 16.33
CA ASN D 29 -25.09 12.97 15.92
C ASN D 29 -25.89 13.54 17.10
N VAL D 30 -26.33 12.65 18.03
CA VAL D 30 -27.07 13.05 19.25
C VAL D 30 -26.15 13.91 20.12
N THR D 31 -24.90 13.44 20.34
CA THR D 31 -23.85 14.12 21.13
C THR D 31 -23.56 15.51 20.54
N GLU D 32 -23.48 15.59 19.20
CA GLU D 32 -23.19 16.81 18.44
C GLU D 32 -24.30 17.86 18.53
N LEU D 33 -25.41 17.56 19.24
CA LEU D 33 -26.51 18.51 19.44
C LEU D 33 -26.24 19.40 20.66
N ASN D 34 -25.09 19.17 21.33
CA ASN D 34 -24.56 19.88 22.49
C ASN D 34 -25.48 19.88 23.73
N GLU D 35 -26.46 18.97 23.75
CA GLU D 35 -27.36 18.80 24.91
C GLU D 35 -26.89 17.56 25.68
N PRO D 36 -26.94 17.56 27.04
CA PRO D 36 -26.47 16.38 27.80
C PRO D 36 -27.23 15.09 27.49
N LEU D 37 -26.53 13.94 27.61
CA LEU D 37 -27.12 12.64 27.35
C LEU D 37 -27.75 12.04 28.59
N SER D 38 -28.87 11.32 28.43
CA SER D 38 -29.55 10.62 29.52
C SER D 38 -28.76 9.35 29.83
N ASN D 39 -29.12 8.62 30.91
CA ASN D 39 -28.44 7.36 31.27
C ASN D 39 -28.53 6.35 30.12
N GLU D 40 -29.72 6.26 29.47
CA GLU D 40 -29.98 5.38 28.33
C GLU D 40 -29.13 5.78 27.13
N GLU D 41 -29.13 7.08 26.76
CA GLU D 41 -28.37 7.66 25.65
C GLU D 41 -26.87 7.47 25.86
N ARG D 42 -26.39 7.70 27.10
CA ARG D 42 -25.00 7.55 27.52
C ARG D 42 -24.51 6.11 27.28
N ASN D 43 -25.37 5.12 27.59
CA ASN D 43 -25.05 3.71 27.42
C ASN D 43 -25.14 3.29 25.96
N LEU D 44 -26.09 3.88 25.18
CA LEU D 44 -26.22 3.59 23.75
C LEU D 44 -24.93 4.00 23.02
N LEU D 45 -24.36 5.17 23.36
CA LEU D 45 -23.11 5.68 22.80
C LEU D 45 -21.94 4.77 23.17
N SER D 46 -21.86 4.38 24.46
CA SER D 46 -20.80 3.53 25.00
C SER D 46 -20.78 2.16 24.32
N VAL D 47 -21.96 1.49 24.25
CA VAL D 47 -22.15 0.17 23.61
C VAL D 47 -21.76 0.25 22.12
N ALA D 48 -22.22 1.31 21.43
CA ALA D 48 -21.95 1.54 20.01
C ALA D 48 -20.45 1.56 19.73
N TYR D 49 -19.72 2.49 20.34
CA TYR D 49 -18.28 2.62 20.15
C TYR D 49 -17.47 1.44 20.73
N LYS D 50 -17.95 0.81 21.82
CA LYS D 50 -17.27 -0.35 22.43
C LYS D 50 -17.23 -1.51 21.43
N ASN D 51 -18.34 -1.76 20.72
CA ASN D 51 -18.45 -2.80 19.71
C ASN D 51 -17.63 -2.48 18.46
N VAL D 52 -17.61 -1.19 18.03
CA VAL D 52 -16.86 -0.75 16.86
C VAL D 52 -15.35 -0.96 17.11
N VAL D 53 -14.81 -0.40 18.21
CA VAL D 53 -13.40 -0.54 18.57
C VAL D 53 -13.07 -2.01 18.93
N GLY D 54 -14.01 -2.69 19.59
CA GLY D 54 -13.89 -4.08 20.01
C GLY D 54 -13.59 -5.03 18.87
N ALA D 55 -14.25 -4.81 17.72
CA ALA D 55 -14.06 -5.58 16.49
C ALA D 55 -12.61 -5.48 16.02
N ARG D 56 -12.04 -4.25 16.06
CA ARG D 56 -10.66 -3.98 15.68
C ARG D 56 -9.68 -4.56 16.69
N ARG D 57 -9.99 -4.45 17.99
CA ARG D 57 -9.17 -4.98 19.09
C ARG D 57 -9.03 -6.49 18.97
N SER D 58 -10.15 -7.19 18.72
CA SER D 58 -10.19 -8.63 18.54
C SER D 58 -9.37 -9.05 17.31
N SER D 59 -9.53 -8.33 16.18
CA SER D 59 -8.80 -8.60 14.93
C SER D 59 -7.31 -8.40 15.13
N TRP D 60 -6.93 -7.28 15.77
CA TRP D 60 -5.55 -6.92 16.05
C TRP D 60 -4.86 -8.03 16.85
N ARG D 61 -5.53 -8.53 17.93
CA ARG D 61 -5.02 -9.62 18.77
C ARG D 61 -4.77 -10.89 17.96
N VAL D 62 -5.70 -11.26 17.07
CA VAL D 62 -5.61 -12.43 16.21
C VAL D 62 -4.41 -12.30 15.24
N ILE D 63 -4.29 -11.15 14.55
CA ILE D 63 -3.20 -10.86 13.59
C ILE D 63 -1.83 -10.84 14.32
N SER D 64 -1.75 -10.16 15.49
CA SER D 64 -0.53 -10.09 16.30
C SER D 64 -0.05 -11.50 16.72
N SER D 65 -1.00 -12.37 17.12
CA SER D 65 -0.75 -13.76 17.52
C SER D 65 -0.16 -14.54 16.34
N ILE D 66 -0.70 -14.34 15.13
CA ILE D 66 -0.24 -14.96 13.88
C ILE D 66 1.16 -14.44 13.54
N GLU D 67 1.38 -13.11 13.70
CA GLU D 67 2.65 -12.44 13.44
C GLU D 67 3.78 -13.01 14.29
N GLN D 68 3.50 -13.32 15.58
CA GLN D 68 4.45 -13.90 16.52
C GLN D 68 4.87 -15.31 16.09
N LYS D 69 3.90 -16.13 15.65
CA LYS D 69 4.12 -17.49 15.15
C LYS D 69 4.81 -17.48 13.77
N THR D 70 4.40 -16.56 12.86
CA THR D 70 4.96 -16.43 11.51
C THR D 70 6.42 -15.94 11.52
N SER D 71 6.81 -15.14 12.54
CA SER D 71 8.17 -14.61 12.69
C SER D 71 9.17 -15.74 12.99
N ALA D 72 8.71 -16.77 13.74
CA ALA D 72 9.49 -17.93 14.14
C ALA D 72 9.91 -18.83 12.96
N ASP D 73 8.99 -19.07 12.00
CA ASP D 73 9.29 -19.92 10.84
C ASP D 73 10.22 -19.24 9.82
N GLY D 74 10.19 -17.91 9.77
CA GLY D 74 11.05 -17.12 8.90
C GLY D 74 10.63 -17.09 7.44
N ASN D 75 9.37 -16.67 7.18
CA ASN D 75 8.83 -16.49 5.83
C ASN D 75 8.74 -14.97 5.59
N GLU D 76 9.76 -14.45 4.88
CA GLU D 76 9.95 -13.05 4.55
C GLU D 76 8.69 -12.34 4.00
N LYS D 77 8.14 -12.86 2.87
CA LYS D 77 6.97 -12.30 2.19
C LYS D 77 5.70 -12.36 3.03
N LYS D 78 5.50 -13.45 3.78
CA LYS D 78 4.33 -13.65 4.64
C LYS D 78 4.32 -12.67 5.81
N ILE D 79 5.48 -12.54 6.53
CA ILE D 79 5.66 -11.63 7.68
C ILE D 79 5.30 -10.17 7.36
N GLU D 80 5.76 -9.67 6.19
CA GLU D 80 5.49 -8.31 5.75
C GLU D 80 3.98 -8.09 5.52
N MET D 81 3.32 -9.06 4.90
CA MET D 81 1.90 -9.05 4.59
C MET D 81 1.04 -9.05 5.89
N VAL D 82 1.45 -9.85 6.90
CA VAL D 82 0.79 -9.96 8.21
C VAL D 82 0.97 -8.63 8.97
N ARG D 83 2.21 -8.10 9.00
CA ARG D 83 2.58 -6.85 9.64
C ARG D 83 1.82 -5.65 9.06
N ALA D 84 1.68 -5.61 7.72
CA ALA D 84 0.95 -4.55 7.01
C ALA D 84 -0.56 -4.61 7.35
N TYR D 85 -1.12 -5.82 7.45
CA TYR D 85 -2.51 -6.03 7.80
C TYR D 85 -2.77 -5.57 9.25
N ARG D 86 -1.81 -5.85 10.16
CA ARG D 86 -1.87 -5.43 11.56
C ARG D 86 -1.91 -3.90 11.63
N GLU D 87 -1.13 -3.25 10.75
CA GLU D 87 -1.04 -1.79 10.64
C GLU D 87 -2.34 -1.21 10.12
N LYS D 88 -2.98 -1.88 9.14
CA LYS D 88 -4.25 -1.45 8.56
C LYS D 88 -5.33 -1.38 9.65
N ILE D 89 -5.43 -2.46 10.47
CA ILE D 89 -6.38 -2.60 11.59
C ILE D 89 -6.03 -1.55 12.67
N GLU D 90 -4.74 -1.39 12.99
CA GLU D 90 -4.23 -0.42 13.97
C GLU D 90 -4.74 0.99 13.64
N LYS D 91 -4.56 1.42 12.37
CA LYS D 91 -4.99 2.74 11.87
C LYS D 91 -6.51 2.90 12.04
N GLU D 92 -7.29 1.85 11.75
CA GLU D 92 -8.75 1.84 11.90
C GLU D 92 -9.13 2.04 13.38
N LEU D 93 -8.48 1.28 14.28
CA LEU D 93 -8.66 1.32 15.72
C LEU D 93 -8.37 2.73 16.26
N GLU D 94 -7.21 3.29 15.89
CA GLU D 94 -6.75 4.62 16.30
C GLU D 94 -7.74 5.72 15.88
N ALA D 95 -8.31 5.61 14.67
CA ALA D 95 -9.31 6.53 14.13
C ALA D 95 -10.59 6.50 14.98
N VAL D 96 -11.03 5.31 15.41
CA VAL D 96 -12.23 5.13 16.24
C VAL D 96 -12.01 5.78 17.60
N CYS D 97 -10.82 5.57 18.23
CA CYS D 97 -10.45 6.14 19.52
C CYS D 97 -10.41 7.66 19.46
N GLN D 98 -9.84 8.24 18.38
CA GLN D 98 -9.78 9.69 18.19
C GLN D 98 -11.20 10.25 18.09
N ASP D 99 -12.08 9.56 17.33
CA ASP D 99 -13.46 9.96 17.12
C ASP D 99 -14.20 10.08 18.46
N VAL D 100 -14.07 9.05 19.33
CA VAL D 100 -14.66 9.00 20.67
C VAL D 100 -14.08 10.09 21.54
N LEU D 101 -12.73 10.12 21.65
CA LEU D 101 -12.02 11.04 22.54
C LEU D 101 -12.34 12.51 22.24
N SER D 102 -12.57 12.87 20.96
CA SER D 102 -12.94 14.23 20.59
C SER D 102 -14.37 14.55 21.06
N LEU D 103 -15.30 13.56 20.97
CA LEU D 103 -16.68 13.71 21.45
C LEU D 103 -16.68 13.92 22.96
N LEU D 104 -15.84 13.14 23.67
CA LEU D 104 -15.69 13.21 25.12
C LEU D 104 -15.12 14.58 25.55
N ASP D 105 -14.02 15.01 24.92
CA ASP D 105 -13.36 16.27 25.27
C ASP D 105 -14.11 17.53 24.83
N ASN D 106 -14.68 17.54 23.62
CA ASN D 106 -15.33 18.74 23.08
C ASN D 106 -16.85 18.84 23.33
N TYR D 107 -17.50 17.75 23.79
CA TYR D 107 -18.95 17.77 24.05
C TYR D 107 -19.35 17.22 25.41
N LEU D 108 -19.04 15.94 25.67
CA LEU D 108 -19.51 15.20 26.85
C LEU D 108 -18.96 15.65 28.20
N ILE D 109 -17.62 15.63 28.40
CA ILE D 109 -16.99 16.06 29.67
C ILE D 109 -17.24 17.57 29.86
N LYS D 110 -17.11 18.34 28.77
CA LYS D 110 -17.29 19.79 28.72
C LYS D 110 -18.64 20.25 29.30
N ASN D 111 -19.74 19.59 28.91
CA ASN D 111 -21.11 19.94 29.32
C ASN D 111 -21.54 19.37 30.68
N CYS D 112 -20.65 18.67 31.40
CA CYS D 112 -20.98 18.12 32.73
C CYS D 112 -21.01 19.23 33.77
N SER D 113 -22.14 19.37 34.50
CA SER D 113 -22.28 20.37 35.55
C SER D 113 -21.56 19.89 36.82
N GLU D 114 -21.29 20.81 37.76
CA GLU D 114 -20.61 20.53 39.03
C GLU D 114 -21.26 19.37 39.79
N THR D 115 -22.61 19.31 39.80
CA THR D 115 -23.40 18.29 40.49
C THR D 115 -23.54 16.97 39.68
N GLN D 116 -23.21 16.97 38.37
CA GLN D 116 -23.33 15.77 37.50
C GLN D 116 -22.11 14.83 37.66
N TYR D 117 -21.91 14.29 38.88
CA TYR D 117 -20.80 13.41 39.27
C TYR D 117 -20.78 12.09 38.49
N GLU D 118 -21.93 11.38 38.39
CA GLU D 118 -22.08 10.11 37.68
C GLU D 118 -21.58 10.20 36.23
N SER D 119 -22.07 11.22 35.48
CA SER D 119 -21.70 11.47 34.08
C SER D 119 -20.21 11.79 33.95
N LYS D 120 -19.67 12.65 34.84
CA LYS D 120 -18.25 13.03 34.85
C LYS D 120 -17.35 11.80 35.01
N VAL D 121 -17.69 10.87 35.94
CA VAL D 121 -16.95 9.63 36.18
C VAL D 121 -17.08 8.71 34.96
N PHE D 122 -18.32 8.53 34.44
CA PHE D 122 -18.61 7.70 33.27
C PHE D 122 -17.75 8.11 32.06
N TYR D 123 -17.73 9.41 31.73
CA TYR D 123 -16.99 9.96 30.59
C TYR D 123 -15.48 9.92 30.81
N LEU D 124 -15.00 10.22 32.04
CA LEU D 124 -13.56 10.16 32.34
C LEU D 124 -13.06 8.71 32.31
N LYS D 125 -13.92 7.74 32.69
CA LYS D 125 -13.61 6.30 32.63
C LYS D 125 -13.49 5.92 31.14
N MET D 126 -14.41 6.43 30.28
CA MET D 126 -14.41 6.21 28.83
C MET D 126 -13.11 6.75 28.25
N LYS D 127 -12.73 8.00 28.66
CA LYS D 127 -11.49 8.65 28.23
C LYS D 127 -10.27 7.75 28.57
N GLY D 128 -10.25 7.18 29.77
CA GLY D 128 -9.18 6.29 30.21
C GLY D 128 -9.16 5.00 29.40
N ASP D 129 -10.36 4.46 29.11
CA ASP D 129 -10.54 3.24 28.32
C ASP D 129 -10.00 3.37 26.92
N TYR D 130 -10.39 4.43 26.19
CA TYR D 130 -9.97 4.63 24.81
C TYR D 130 -8.48 5.00 24.66
N TYR D 131 -7.88 5.63 25.68
CA TYR D 131 -6.44 5.90 25.66
C TYR D 131 -5.70 4.58 25.99
N ARG D 132 -6.33 3.69 26.81
CA ARG D 132 -5.79 2.36 27.14
C ARG D 132 -5.83 1.49 25.87
N TYR D 133 -6.90 1.61 25.05
CA TYR D 133 -7.03 0.86 23.80
C TYR D 133 -5.93 1.31 22.83
N LEU D 134 -5.59 2.62 22.86
CA LEU D 134 -4.52 3.21 22.04
C LEU D 134 -3.18 2.68 22.52
N ALA D 135 -3.00 2.56 23.87
CA ALA D 135 -1.78 2.08 24.51
C ALA D 135 -1.49 0.62 24.18
N GLU D 136 -2.55 -0.19 24.00
CA GLU D 136 -2.48 -1.62 23.68
C GLU D 136 -1.76 -1.89 22.37
N VAL D 137 -1.86 -0.96 21.41
CA VAL D 137 -1.27 -1.10 20.07
C VAL D 137 -0.04 -0.20 19.86
N ALA D 138 0.16 0.82 20.73
CA ALA D 138 1.26 1.79 20.61
C ALA D 138 2.59 1.28 21.14
N THR D 139 3.68 1.88 20.62
CA THR D 139 5.07 1.59 20.97
C THR D 139 5.85 2.91 21.15
N GLY D 140 7.04 2.81 21.74
CA GLY D 140 7.94 3.94 21.97
C GLY D 140 7.35 5.11 22.73
N GLU D 141 7.68 6.33 22.28
CA GLU D 141 7.24 7.59 22.89
C GLU D 141 5.74 7.81 22.72
N LYS D 142 5.16 7.31 21.60
CA LYS D 142 3.73 7.41 21.34
C LYS D 142 2.97 6.65 22.43
N ARG D 143 3.49 5.49 22.87
CA ARG D 143 2.90 4.67 23.93
C ARG D 143 2.96 5.40 25.25
N ALA D 144 4.12 5.98 25.59
CA ALA D 144 4.33 6.73 26.84
C ALA D 144 3.29 7.84 27.01
N THR D 145 2.96 8.54 25.90
CA THR D 145 2.01 9.64 25.85
C THR D 145 0.58 9.18 26.17
N VAL D 146 0.05 8.17 25.43
CA VAL D 146 -1.30 7.65 25.64
C VAL D 146 -1.47 6.97 27.02
N VAL D 147 -0.38 6.35 27.57
CA VAL D 147 -0.40 5.73 28.90
C VAL D 147 -0.60 6.81 29.98
N GLU D 148 0.11 7.94 29.82
CA GLU D 148 0.04 9.11 30.70
C GLU D 148 -1.38 9.70 30.66
N SER D 149 -1.97 9.82 29.45
CA SER D 149 -3.33 10.33 29.21
C SER D 149 -4.38 9.43 29.87
N SER D 150 -4.23 8.09 29.74
CA SER D 150 -5.11 7.08 30.32
C SER D 150 -5.08 7.16 31.84
N GLU D 151 -3.88 7.24 32.44
CA GLU D 151 -3.67 7.37 33.88
C GLU D 151 -4.37 8.63 34.40
N LYS D 152 -4.15 9.78 33.71
CA LYS D 152 -4.73 11.09 34.06
C LYS D 152 -6.26 11.05 34.09
N ALA D 153 -6.88 10.34 33.11
CA ALA D 153 -8.34 10.22 33.02
C ALA D 153 -8.90 9.32 34.12
N TYR D 154 -8.33 8.10 34.32
CA TYR D 154 -8.76 7.15 35.35
C TYR D 154 -8.56 7.74 36.76
N SER D 155 -7.39 8.40 37.01
CA SER D 155 -7.04 9.03 38.29
C SER D 155 -8.07 10.09 38.69
N GLU D 156 -8.48 10.95 37.73
CA GLU D 156 -9.48 12.01 37.95
C GLU D 156 -10.84 11.40 38.29
N ALA D 157 -11.27 10.37 37.51
CA ALA D 157 -12.53 9.65 37.70
C ALA D 157 -12.56 8.94 39.05
N HIS D 158 -11.42 8.37 39.48
CA HIS D 158 -11.28 7.67 40.76
C HIS D 158 -11.43 8.62 41.94
N GLU D 159 -10.86 9.83 41.84
CA GLU D 159 -10.94 10.86 42.88
C GLU D 159 -12.40 11.34 43.06
N ILE D 160 -13.13 11.54 41.95
CA ILE D 160 -14.54 11.98 41.97
C ILE D 160 -15.44 10.88 42.54
N SER D 161 -15.31 9.63 42.05
CA SER D 161 -16.11 8.48 42.48
C SER D 161 -15.94 8.17 43.98
N LYS D 162 -14.70 8.28 44.51
CA LYS D 162 -14.42 8.04 45.93
C LYS D 162 -15.10 9.08 46.81
N GLU D 163 -15.13 10.34 46.35
CA GLU D 163 -15.70 11.49 47.05
C GLU D 163 -17.23 11.56 46.99
N HIS D 164 -17.83 11.28 45.82
CA HIS D 164 -19.28 11.46 45.64
C HIS D 164 -20.12 10.20 45.41
N MET D 165 -19.51 9.04 45.17
CA MET D 165 -20.29 7.83 44.90
C MET D 165 -20.08 6.74 45.95
N GLN D 166 -21.13 5.93 46.19
CA GLN D 166 -21.09 4.82 47.15
C GLN D 166 -20.23 3.69 46.60
N PRO D 167 -19.47 2.93 47.45
CA PRO D 167 -18.58 1.87 46.93
C PRO D 167 -19.28 0.77 46.12
N THR D 168 -20.61 0.65 46.24
CA THR D 168 -21.44 -0.34 45.53
C THR D 168 -21.96 0.18 44.19
N HIS D 169 -21.77 1.48 43.87
CA HIS D 169 -22.25 2.05 42.62
C HIS D 169 -21.63 1.36 41.39
N PRO D 170 -22.47 0.87 40.44
CA PRO D 170 -21.92 0.17 39.26
C PRO D 170 -20.84 0.96 38.51
N ILE D 171 -21.01 2.28 38.35
CA ILE D 171 -20.04 3.16 37.67
C ILE D 171 -18.71 3.18 38.43
N ARG D 172 -18.76 3.29 39.78
CA ARG D 172 -17.58 3.31 40.64
C ARG D 172 -16.83 1.96 40.56
N LEU D 173 -17.57 0.84 40.66
CA LEU D 173 -17.01 -0.51 40.58
C LEU D 173 -16.41 -0.77 39.19
N GLY D 174 -17.15 -0.37 38.15
CA GLY D 174 -16.74 -0.51 36.75
C GLY D 174 -15.44 0.20 36.45
N LEU D 175 -15.25 1.38 37.05
CA LEU D 175 -14.04 2.18 36.91
C LEU D 175 -12.87 1.48 37.59
N ALA D 176 -13.10 0.96 38.81
CA ALA D 176 -12.10 0.23 39.59
C ALA D 176 -11.63 -1.02 38.85
N LEU D 177 -12.56 -1.68 38.13
CA LEU D 177 -12.29 -2.87 37.32
C LEU D 177 -11.35 -2.54 36.15
N ASN D 178 -11.69 -1.52 35.34
CA ASN D 178 -10.89 -1.13 34.19
C ASN D 178 -9.55 -0.46 34.59
N TYR D 179 -9.54 0.34 35.65
CA TYR D 179 -8.34 0.99 36.17
C TYR D 179 -7.34 -0.06 36.68
N SER D 180 -7.81 -1.13 37.37
CA SER D 180 -6.96 -2.21 37.84
C SER D 180 -6.38 -3.00 36.66
N VAL D 181 -7.20 -3.21 35.60
CA VAL D 181 -6.78 -3.87 34.36
C VAL D 181 -5.66 -3.04 33.71
N PHE D 182 -5.78 -1.69 33.75
CA PHE D 182 -4.80 -0.74 33.23
C PHE D 182 -3.46 -0.93 33.96
N TYR D 183 -3.50 -1.01 35.31
CA TYR D 183 -2.31 -1.20 36.14
C TYR D 183 -1.60 -2.51 35.82
N TYR D 184 -2.35 -3.62 35.69
CA TYR D 184 -1.79 -4.94 35.41
C TYR D 184 -1.29 -5.07 33.97
N GLU D 185 -2.18 -4.90 32.98
CA GLU D 185 -1.83 -5.09 31.57
C GLU D 185 -0.95 -4.00 30.96
N ILE D 186 -1.27 -2.71 31.18
CA ILE D 186 -0.54 -1.60 30.57
C ILE D 186 0.69 -1.14 31.37
N GLN D 187 0.51 -0.80 32.65
CA GLN D 187 1.59 -0.29 33.51
C GLN D 187 2.53 -1.38 34.04
N ASN D 188 2.12 -2.66 33.96
CA ASN D 188 2.83 -3.83 34.48
C ASN D 188 3.14 -3.65 36.00
N ALA D 189 2.11 -3.17 36.73
CA ALA D 189 2.14 -2.93 38.16
C ALA D 189 1.10 -3.88 38.80
N PRO D 190 1.45 -5.18 39.00
CA PRO D 190 0.46 -6.12 39.56
C PRO D 190 0.07 -5.81 41.02
N GLU D 191 1.01 -5.27 41.82
CA GLU D 191 0.77 -4.90 43.21
C GLU D 191 -0.28 -3.79 43.31
N GLN D 192 -0.18 -2.75 42.43
CA GLN D 192 -1.14 -1.64 42.37
C GLN D 192 -2.50 -2.12 41.83
N ALA D 193 -2.46 -3.06 40.85
CA ALA D 193 -3.64 -3.64 40.22
C ALA D 193 -4.46 -4.42 41.24
N CYS D 194 -3.79 -5.31 42.01
CA CYS D 194 -4.41 -6.15 43.03
C CYS D 194 -4.95 -5.32 44.18
N HIS D 195 -4.18 -4.29 44.63
CA HIS D 195 -4.60 -3.42 45.72
C HIS D 195 -5.88 -2.66 45.38
N LEU D 196 -5.96 -2.10 44.16
CA LEU D 196 -7.12 -1.36 43.68
C LEU D 196 -8.35 -2.25 43.57
N ALA D 197 -8.20 -3.45 42.99
CA ALA D 197 -9.27 -4.42 42.82
C ALA D 197 -9.76 -4.97 44.17
N LYS D 198 -8.84 -5.24 45.12
CA LYS D 198 -9.20 -5.75 46.45
C LYS D 198 -9.92 -4.69 47.28
N THR D 199 -9.40 -3.43 47.30
CA THR D 199 -9.99 -2.31 48.04
C THR D 199 -11.43 -2.07 47.57
N ALA D 200 -11.63 -1.99 46.23
CA ALA D 200 -12.94 -1.78 45.60
C ALA D 200 -13.93 -2.88 45.97
N PHE D 201 -13.49 -4.15 45.97
CA PHE D 201 -14.30 -5.31 46.31
C PHE D 201 -14.64 -5.32 47.81
N ASP D 202 -13.62 -5.10 48.67
CA ASP D 202 -13.78 -5.08 50.13
C ASP D 202 -14.67 -3.92 50.59
N ASP D 203 -14.55 -2.72 49.96
CA ASP D 203 -15.37 -1.56 50.29
C ASP D 203 -16.84 -1.78 49.92
N ALA D 204 -17.09 -2.43 48.76
CA ALA D 204 -18.44 -2.77 48.31
C ALA D 204 -19.05 -3.90 49.15
N ILE D 205 -18.20 -4.84 49.65
CA ILE D 205 -18.63 -5.94 50.50
C ILE D 205 -19.02 -5.40 51.89
N ALA D 206 -18.24 -4.42 52.40
CA ALA D 206 -18.48 -3.76 53.70
C ALA D 206 -19.82 -3.02 53.73
N GLU D 207 -20.28 -2.50 52.58
CA GLU D 207 -21.55 -1.78 52.49
C GLU D 207 -22.52 -2.44 51.50
N LEU D 208 -22.65 -3.78 51.55
CA LEU D 208 -23.61 -4.48 50.68
C LEU D 208 -25.02 -4.00 50.93
N ASP D 209 -25.29 -3.46 52.14
CA ASP D 209 -26.60 -2.91 52.51
C ASP D 209 -26.96 -1.70 51.64
N THR D 210 -25.98 -1.07 50.97
CA THR D 210 -26.26 0.08 50.11
C THR D 210 -26.70 -0.33 48.67
N LEU D 211 -26.66 -1.63 48.33
CA LEU D 211 -27.07 -2.06 46.99
C LEU D 211 -28.51 -1.67 46.76
N ASN D 212 -28.81 -1.19 45.54
CA ASN D 212 -30.14 -0.77 45.12
C ASN D 212 -30.80 -1.94 44.40
N GLU D 213 -32.07 -2.21 44.71
CA GLU D 213 -32.84 -3.31 44.11
C GLU D 213 -32.82 -3.29 42.57
N ASP D 214 -32.75 -2.09 41.96
CA ASP D 214 -32.74 -1.95 40.52
C ASP D 214 -31.35 -2.10 39.90
N SER D 215 -30.27 -1.94 40.72
CA SER D 215 -28.88 -2.04 40.28
C SER D 215 -28.08 -3.13 41.06
N TYR D 216 -28.80 -4.06 41.74
CA TYR D 216 -28.21 -5.16 42.52
C TYR D 216 -27.50 -6.17 41.62
N LYS D 217 -28.07 -6.44 40.42
CA LYS D 217 -27.51 -7.38 39.46
C LYS D 217 -26.25 -6.84 38.79
N ASP D 218 -26.25 -5.54 38.43
CA ASP D 218 -25.12 -4.88 37.77
C ASP D 218 -23.91 -4.72 38.70
N SER D 219 -24.16 -4.40 39.98
CA SER D 219 -23.11 -4.21 40.99
C SER D 219 -22.36 -5.50 41.29
N THR D 220 -23.10 -6.60 41.49
CA THR D 220 -22.58 -7.94 41.79
C THR D 220 -21.87 -8.54 40.57
N LEU D 221 -22.33 -8.22 39.34
CA LEU D 221 -21.71 -8.69 38.09
C LEU D 221 -20.27 -8.17 37.96
N ILE D 222 -20.03 -6.90 38.35
CA ILE D 222 -18.69 -6.29 38.32
C ILE D 222 -17.84 -6.85 39.47
N MET D 223 -18.46 -7.00 40.66
CA MET D 223 -17.80 -7.55 41.85
C MET D 223 -17.25 -8.94 41.58
N GLN D 224 -17.97 -9.74 40.77
CA GLN D 224 -17.57 -11.09 40.36
C GLN D 224 -16.33 -11.00 39.49
N LEU D 225 -16.31 -10.05 38.52
CA LEU D 225 -15.18 -9.79 37.62
C LEU D 225 -13.94 -9.32 38.39
N LEU D 226 -14.16 -8.49 39.43
CA LEU D 226 -13.10 -7.99 40.31
C LEU D 226 -12.43 -9.15 41.07
N ARG D 227 -13.22 -10.14 41.52
CA ARG D 227 -12.70 -11.33 42.21
C ARG D 227 -12.03 -12.27 41.22
N ASP D 228 -12.66 -12.46 40.03
CA ASP D 228 -12.13 -13.31 38.96
C ASP D 228 -10.73 -12.86 38.53
N ASN D 229 -10.56 -11.54 38.33
CA ASN D 229 -9.28 -10.92 37.97
C ASN D 229 -8.25 -11.09 39.08
N LEU D 230 -8.66 -10.88 40.34
CA LEU D 230 -7.81 -11.03 41.52
C LEU D 230 -7.32 -12.47 41.68
N THR D 231 -8.23 -13.44 41.47
CA THR D 231 -7.94 -14.88 41.54
C THR D 231 -6.87 -15.23 40.49
N LEU D 232 -7.03 -14.70 39.25
CA LEU D 232 -6.12 -14.88 38.12
C LEU D 232 -4.76 -14.24 38.40
N TRP D 233 -4.75 -13.00 38.92
CA TRP D 233 -3.52 -12.25 39.21
C TRP D 233 -2.74 -12.81 40.41
N THR D 234 -3.43 -13.42 41.39
CA THR D 234 -2.77 -13.99 42.58
C THR D 234 -2.50 -15.50 42.40
N SER D 235 -2.78 -16.06 41.20
CA SER D 235 -2.58 -17.47 40.90
C SER D 235 -1.09 -17.84 40.82
N VAL E 2 20.38 -9.36 -18.43
CA VAL E 2 20.65 -10.41 -17.45
C VAL E 2 19.54 -10.48 -16.41
N ASP E 3 18.86 -11.64 -16.33
CA ASP E 3 17.75 -11.88 -15.39
C ASP E 3 18.23 -11.91 -13.92
N ARG E 4 17.31 -11.62 -12.98
CA ARG E 4 17.52 -11.54 -11.53
C ARG E 4 18.16 -12.82 -10.94
N GLU E 5 17.51 -13.99 -11.13
CA GLU E 5 17.96 -15.29 -10.61
C GLU E 5 19.41 -15.61 -11.00
N GLN E 6 19.79 -15.38 -12.28
CA GLN E 6 21.13 -15.62 -12.82
C GLN E 6 22.18 -14.72 -12.17
N LEU E 7 21.80 -13.46 -11.87
CA LEU E 7 22.66 -12.48 -11.21
C LEU E 7 23.00 -12.93 -9.79
N VAL E 8 22.01 -13.52 -9.08
CA VAL E 8 22.15 -14.01 -7.71
C VAL E 8 23.03 -15.28 -7.69
N GLN E 9 22.91 -16.15 -8.73
CA GLN E 9 23.75 -17.36 -8.81
C GLN E 9 25.19 -17.00 -9.18
N LYS E 10 25.37 -15.92 -9.98
CA LYS E 10 26.69 -15.42 -10.36
C LYS E 10 27.40 -14.96 -9.09
N ALA E 11 26.66 -14.29 -8.19
CA ALA E 11 27.13 -13.80 -6.90
C ALA E 11 27.56 -14.94 -5.97
N ARG E 12 26.71 -15.99 -5.82
CA ARG E 12 26.99 -17.16 -4.98
C ARG E 12 28.23 -17.92 -5.43
N LEU E 13 28.43 -18.01 -6.77
CA LEU E 13 29.60 -18.65 -7.38
C LEU E 13 30.86 -17.83 -7.11
N ALA E 14 30.77 -16.48 -7.31
CA ALA E 14 31.86 -15.51 -7.10
C ALA E 14 32.35 -15.54 -5.66
N GLU E 15 31.43 -15.78 -4.68
CA GLU E 15 31.73 -15.89 -3.25
C GLU E 15 32.64 -17.09 -3.00
N GLN E 16 32.27 -18.25 -3.59
CA GLN E 16 33.03 -19.50 -3.47
C GLN E 16 34.37 -19.39 -4.17
N ALA E 17 34.42 -18.68 -5.32
CA ALA E 17 35.62 -18.43 -6.12
C ALA E 17 36.47 -17.29 -5.54
N GLU E 18 36.00 -16.66 -4.43
CA GLU E 18 36.65 -15.54 -3.72
C GLU E 18 36.93 -14.37 -4.67
N ARG E 19 35.95 -14.08 -5.54
CA ARG E 19 35.99 -12.99 -6.53
C ARG E 19 34.90 -12.00 -6.11
N TYR E 20 35.18 -11.26 -5.04
CA TYR E 20 34.25 -10.34 -4.41
C TYR E 20 33.90 -9.11 -5.27
N ASP E 21 34.76 -8.71 -6.22
CA ASP E 21 34.45 -7.61 -7.14
C ASP E 21 33.29 -8.04 -8.05
N ASP E 22 33.34 -9.29 -8.57
CA ASP E 22 32.31 -9.91 -9.40
C ASP E 22 31.02 -10.09 -8.60
N MET E 23 31.15 -10.42 -7.30
CA MET E 23 30.05 -10.62 -6.35
C MET E 23 29.30 -9.32 -6.11
N ALA E 24 30.05 -8.23 -5.86
CA ALA E 24 29.50 -6.90 -5.63
C ALA E 24 28.81 -6.35 -6.88
N ALA E 25 29.42 -6.57 -8.06
CA ALA E 25 28.89 -6.13 -9.36
C ALA E 25 27.52 -6.75 -9.63
N ALA E 26 27.39 -8.05 -9.35
CA ALA E 26 26.16 -8.81 -9.51
C ALA E 26 25.08 -8.29 -8.57
N MET E 27 25.39 -8.16 -7.25
CA MET E 27 24.44 -7.69 -6.23
C MET E 27 24.02 -6.24 -6.44
N LYS E 28 24.91 -5.41 -7.04
CA LYS E 28 24.59 -4.02 -7.38
C LYS E 28 23.50 -4.03 -8.46
N ASN E 29 23.66 -4.90 -9.48
CA ASN E 29 22.69 -5.07 -10.57
C ASN E 29 21.33 -5.52 -10.04
N VAL E 30 21.31 -6.43 -9.04
CA VAL E 30 20.09 -6.94 -8.41
C VAL E 30 19.36 -5.78 -7.72
N THR E 31 20.12 -4.97 -6.93
CA THR E 31 19.64 -3.80 -6.20
C THR E 31 19.03 -2.77 -7.17
N GLU E 32 19.70 -2.56 -8.31
CA GLU E 32 19.31 -1.61 -9.35
C GLU E 32 18.01 -2.00 -10.08
N LEU E 33 17.40 -3.15 -9.74
CA LEU E 33 16.14 -3.61 -10.32
C LEU E 33 14.95 -3.01 -9.55
N ASN E 34 15.24 -2.22 -8.49
CA ASN E 34 14.33 -1.49 -7.61
C ASN E 34 13.32 -2.38 -6.88
N GLU E 35 13.59 -3.70 -6.81
CA GLU E 35 12.76 -4.65 -6.06
C GLU E 35 13.47 -4.95 -4.75
N PRO E 36 12.75 -5.08 -3.61
CA PRO E 36 13.42 -5.33 -2.32
C PRO E 36 14.24 -6.62 -2.28
N LEU E 37 15.31 -6.63 -1.47
CA LEU E 37 16.17 -7.80 -1.34
C LEU E 37 15.69 -8.71 -0.24
N SER E 38 15.84 -10.03 -0.43
CA SER E 38 15.51 -11.05 0.57
C SER E 38 16.63 -11.06 1.63
N ASN E 39 16.46 -11.81 2.74
CA ASN E 39 17.48 -11.91 3.78
C ASN E 39 18.79 -12.47 3.19
N GLU E 40 18.70 -13.47 2.28
CA GLU E 40 19.84 -14.09 1.60
C GLU E 40 20.53 -13.08 0.68
N GLU E 41 19.74 -12.38 -0.17
CA GLU E 41 20.22 -11.35 -1.11
C GLU E 41 20.87 -10.18 -0.37
N ARG E 42 20.25 -9.75 0.76
CA ARG E 42 20.72 -8.67 1.62
C ARG E 42 22.12 -8.99 2.18
N ASN E 43 22.34 -10.26 2.57
CA ASN E 43 23.61 -10.70 3.12
C ASN E 43 24.65 -10.91 2.02
N LEU E 44 24.22 -11.35 0.81
CA LEU E 44 25.13 -11.51 -0.33
C LEU E 44 25.74 -10.15 -0.71
N LEU E 45 24.92 -9.08 -0.73
CA LEU E 45 25.34 -7.71 -1.01
C LEU E 45 26.30 -7.21 0.07
N SER E 46 25.96 -7.42 1.36
CA SER E 46 26.75 -7.01 2.50
C SER E 46 28.13 -7.66 2.51
N VAL E 47 28.19 -9.00 2.34
CA VAL E 47 29.42 -9.81 2.29
C VAL E 47 30.32 -9.33 1.13
N ALA E 48 29.71 -9.14 -0.06
CA ALA E 48 30.40 -8.70 -1.27
C ALA E 48 31.14 -7.40 -1.04
N TYR E 49 30.40 -6.34 -0.68
CA TYR E 49 30.98 -5.03 -0.45
C TYR E 49 31.89 -4.98 0.78
N LYS E 50 31.61 -5.77 1.83
CA LYS E 50 32.45 -5.83 3.04
C LYS E 50 33.87 -6.32 2.68
N ASN E 51 33.94 -7.36 1.84
CA ASN E 51 35.20 -7.93 1.37
C ASN E 51 35.94 -7.00 0.39
N VAL E 52 35.19 -6.32 -0.51
CA VAL E 52 35.75 -5.36 -1.48
C VAL E 52 36.40 -4.19 -0.74
N VAL E 53 35.64 -3.50 0.15
CA VAL E 53 36.15 -2.38 0.92
C VAL E 53 37.24 -2.86 1.92
N GLY E 54 37.05 -4.05 2.50
CA GLY E 54 37.97 -4.67 3.44
C GLY E 54 39.38 -4.82 2.89
N ALA E 55 39.49 -5.22 1.60
CA ALA E 55 40.76 -5.36 0.87
C ALA E 55 41.50 -4.03 0.82
N ARG E 56 40.77 -2.92 0.55
CA ARG E 56 41.32 -1.58 0.51
C ARG E 56 41.70 -1.08 1.88
N ARG E 57 40.85 -1.37 2.90
CA ARG E 57 41.07 -0.98 4.29
C ARG E 57 42.37 -1.60 4.79
N SER E 58 42.56 -2.91 4.52
CA SER E 58 43.77 -3.65 4.91
C SER E 58 45.01 -3.06 4.21
N SER E 59 44.93 -2.81 2.89
CA SER E 59 46.02 -2.24 2.10
C SER E 59 46.39 -0.85 2.60
N TRP E 60 45.36 0.01 2.84
CA TRP E 60 45.52 1.38 3.34
C TRP E 60 46.28 1.37 4.65
N ARG E 61 45.89 0.49 5.60
CA ARG E 61 46.55 0.34 6.90
C ARG E 61 48.04 0.00 6.75
N VAL E 62 48.37 -0.95 5.85
CA VAL E 62 49.74 -1.38 5.57
C VAL E 62 50.57 -0.23 4.98
N ILE E 63 50.05 0.44 3.94
CA ILE E 63 50.72 1.57 3.28
C ILE E 63 50.88 2.76 4.24
N SER E 64 49.82 3.12 5.03
CA SER E 64 49.90 4.22 6.00
C SER E 64 50.99 3.96 7.02
N SER E 65 51.09 2.71 7.53
CA SER E 65 52.12 2.27 8.49
C SER E 65 53.52 2.50 7.89
N ILE E 66 53.71 2.13 6.60
CA ILE E 66 54.96 2.32 5.86
C ILE E 66 55.18 3.82 5.61
N GLU E 67 54.13 4.53 5.14
CA GLU E 67 54.14 5.98 4.84
C GLU E 67 54.63 6.80 6.02
N GLN E 68 54.15 6.47 7.24
CA GLN E 68 54.53 7.16 8.45
C GLN E 68 55.94 6.78 8.88
N LYS E 69 56.37 5.54 8.60
CA LYS E 69 57.71 5.06 8.89
C LYS E 69 58.68 5.77 7.92
N THR E 70 58.26 5.92 6.64
CA THR E 70 59.00 6.60 5.56
C THR E 70 59.08 8.09 5.87
N SER E 71 57.98 8.67 6.42
CA SER E 71 57.89 10.07 6.81
C SER E 71 58.92 10.38 7.89
N ALA E 72 58.95 9.54 8.95
CA ALA E 72 59.87 9.61 10.08
C ALA E 72 61.33 9.52 9.64
N ASP E 73 61.62 8.72 8.58
CA ASP E 73 62.97 8.59 8.00
C ASP E 73 63.35 9.94 7.37
N GLY E 74 62.50 10.48 6.50
CA GLY E 74 62.73 11.78 5.89
C GLY E 74 62.87 11.89 4.39
N ASN E 75 63.30 10.82 3.70
CA ASN E 75 63.50 10.83 2.23
C ASN E 75 62.25 11.33 1.49
N GLU E 76 62.31 12.58 0.99
CA GLU E 76 61.22 13.28 0.28
C GLU E 76 60.76 12.54 -1.00
N LYS E 77 61.70 11.99 -1.81
CA LYS E 77 61.39 11.23 -3.02
C LYS E 77 60.68 9.92 -2.68
N LYS E 78 61.09 9.25 -1.58
CA LYS E 78 60.47 8.01 -1.09
C LYS E 78 59.08 8.30 -0.54
N ILE E 79 58.92 9.39 0.26
CA ILE E 79 57.63 9.80 0.85
C ILE E 79 56.60 10.08 -0.28
N GLU E 80 56.96 10.95 -1.27
CA GLU E 80 56.11 11.34 -2.40
C GLU E 80 55.46 10.14 -3.11
N MET E 81 56.25 9.07 -3.32
CA MET E 81 55.86 7.82 -3.95
C MET E 81 54.86 7.03 -3.08
N VAL E 82 55.24 6.72 -1.81
CA VAL E 82 54.41 6.00 -0.83
C VAL E 82 53.09 6.76 -0.64
N ARG E 83 53.16 8.11 -0.52
CA ARG E 83 52.01 9.01 -0.33
C ARG E 83 51.03 8.88 -1.50
N ALA E 84 51.56 8.86 -2.75
CA ALA E 84 50.75 8.74 -3.95
C ALA E 84 50.04 7.38 -3.99
N TYR E 85 50.71 6.31 -3.49
CA TYR E 85 50.13 4.96 -3.44
C TYR E 85 49.02 4.89 -2.40
N ARG E 86 49.23 5.54 -1.24
CA ARG E 86 48.24 5.63 -0.15
C ARG E 86 46.99 6.35 -0.67
N GLU E 87 47.20 7.49 -1.35
CA GLU E 87 46.16 8.29 -1.98
C GLU E 87 45.40 7.49 -3.05
N LYS E 88 46.11 6.64 -3.84
CA LYS E 88 45.50 5.78 -4.88
C LYS E 88 44.51 4.79 -4.24
N ILE E 89 44.93 4.11 -3.15
CA ILE E 89 44.13 3.15 -2.39
C ILE E 89 42.94 3.88 -1.72
N GLU E 90 43.19 5.09 -1.14
CA GLU E 90 42.18 5.95 -0.51
C GLU E 90 41.03 6.23 -1.48
N LYS E 91 41.37 6.69 -2.71
CA LYS E 91 40.42 7.00 -3.78
C LYS E 91 39.60 5.77 -4.13
N GLU E 92 40.24 4.56 -4.19
CA GLU E 92 39.56 3.29 -4.47
C GLU E 92 38.56 2.97 -3.38
N LEU E 93 38.97 3.09 -2.10
CA LEU E 93 38.17 2.86 -0.91
C LEU E 93 36.95 3.79 -0.90
N GLU E 94 37.17 5.10 -1.10
CA GLU E 94 36.12 6.13 -1.13
C GLU E 94 35.08 5.85 -2.21
N ALA E 95 35.53 5.39 -3.39
CA ALA E 95 34.67 5.03 -4.52
C ALA E 95 33.78 3.84 -4.16
N VAL E 96 34.31 2.84 -3.43
CA VAL E 96 33.56 1.66 -2.99
C VAL E 96 32.49 2.09 -1.98
N CYS E 97 32.87 2.89 -0.95
CA CYS E 97 31.96 3.41 0.07
C CYS E 97 30.83 4.24 -0.56
N GLN E 98 31.14 5.11 -1.54
CA GLN E 98 30.13 5.93 -2.22
C GLN E 98 29.22 5.12 -3.12
N ASP E 99 29.74 4.01 -3.69
CA ASP E 99 29.01 3.07 -4.55
C ASP E 99 27.94 2.42 -3.68
N VAL E 100 28.33 1.96 -2.46
CA VAL E 100 27.43 1.34 -1.47
C VAL E 100 26.40 2.34 -0.99
N LEU E 101 26.88 3.52 -0.53
CA LEU E 101 26.03 4.56 0.04
C LEU E 101 24.95 5.06 -0.92
N SER E 102 25.25 5.12 -2.23
CA SER E 102 24.27 5.53 -3.23
C SER E 102 23.20 4.45 -3.40
N LEU E 103 23.60 3.15 -3.36
CA LEU E 103 22.69 2.01 -3.44
C LEU E 103 21.76 2.03 -2.23
N LEU E 104 22.31 2.29 -1.04
CA LEU E 104 21.56 2.37 0.21
C LEU E 104 20.56 3.53 0.20
N ASP E 105 21.01 4.74 -0.18
CA ASP E 105 20.17 5.94 -0.21
C ASP E 105 19.13 5.96 -1.32
N ASN E 106 19.51 5.58 -2.54
CA ASN E 106 18.61 5.67 -3.68
C ASN E 106 17.79 4.40 -3.98
N TYR E 107 18.10 3.26 -3.34
CA TYR E 107 17.36 2.02 -3.60
C TYR E 107 16.91 1.28 -2.33
N LEU E 108 17.86 0.87 -1.49
CA LEU E 108 17.62 0.01 -0.33
C LEU E 108 16.81 0.63 0.82
N ILE E 109 17.28 1.74 1.43
CA ILE E 109 16.56 2.41 2.53
C ILE E 109 15.22 2.97 2.01
N LYS E 110 15.25 3.54 0.80
CA LYS E 110 14.11 4.15 0.10
C LYS E 110 12.92 3.17 0.00
N ASN E 111 13.17 1.92 -0.42
CA ASN E 111 12.14 0.90 -0.64
C ASN E 111 11.69 0.14 0.62
N CYS E 112 12.20 0.50 1.80
CA CYS E 112 11.80 -0.14 3.06
C CYS E 112 10.43 0.36 3.49
N SER E 113 9.48 -0.56 3.71
CA SER E 113 8.14 -0.21 4.17
C SER E 113 8.18 0.11 5.68
N GLU E 114 7.11 0.77 6.20
CA GLU E 114 6.98 1.14 7.61
C GLU E 114 7.18 -0.05 8.53
N THR E 115 6.64 -1.23 8.16
CA THR E 115 6.73 -2.48 8.93
C THR E 115 8.05 -3.27 8.71
N GLN E 116 8.87 -2.90 7.70
CA GLN E 116 10.14 -3.59 7.40
C GLN E 116 11.27 -3.07 8.29
N TYR E 117 11.13 -3.24 9.62
CA TYR E 117 12.07 -2.78 10.65
C TYR E 117 13.46 -3.39 10.52
N GLU E 118 13.56 -4.73 10.36
CA GLU E 118 14.83 -5.48 10.22
C GLU E 118 15.71 -4.92 9.10
N SER E 119 15.13 -4.77 7.88
CA SER E 119 15.81 -4.24 6.70
C SER E 119 16.25 -2.78 6.93
N LYS E 120 15.37 -1.94 7.51
CA LYS E 120 15.66 -0.54 7.80
C LYS E 120 16.87 -0.40 8.72
N VAL E 121 16.95 -1.23 9.79
CA VAL E 121 18.07 -1.22 10.74
C VAL E 121 19.33 -1.75 10.04
N PHE E 122 19.22 -2.87 9.29
CA PHE E 122 20.33 -3.49 8.53
C PHE E 122 21.00 -2.46 7.60
N TYR E 123 20.20 -1.76 6.78
CA TYR E 123 20.68 -0.77 5.82
C TYR E 123 21.20 0.50 6.49
N LEU E 124 20.55 0.99 7.57
CA LEU E 124 21.02 2.18 8.29
C LEU E 124 22.34 1.89 9.01
N LYS E 125 22.53 0.63 9.49
CA LYS E 125 23.76 0.16 10.11
C LYS E 125 24.86 0.16 9.03
N MET E 126 24.54 -0.31 7.80
CA MET E 126 25.45 -0.34 6.66
C MET E 126 25.87 1.08 6.32
N LYS E 127 24.89 2.02 6.29
CA LYS E 127 25.12 3.44 6.04
C LYS E 127 26.13 3.99 7.06
N GLY E 128 25.95 3.66 8.33
CA GLY E 128 26.84 4.07 9.40
C GLY E 128 28.22 3.49 9.26
N ASP E 129 28.30 2.21 8.82
CA ASP E 129 29.54 1.48 8.62
C ASP E 129 30.39 2.10 7.53
N TYR E 130 29.80 2.34 6.34
CA TYR E 130 30.55 2.87 5.20
C TYR E 130 30.95 4.35 5.38
N TYR E 131 30.19 5.13 6.19
CA TYR E 131 30.59 6.50 6.50
C TYR E 131 31.72 6.45 7.53
N ARG E 132 31.72 5.40 8.40
CA ARG E 132 32.78 5.16 9.40
C ARG E 132 34.07 4.76 8.66
N TYR E 133 33.96 3.94 7.57
CA TYR E 133 35.11 3.54 6.76
C TYR E 133 35.70 4.75 6.04
N LEU E 134 34.85 5.71 5.66
CA LEU E 134 35.25 6.98 5.04
C LEU E 134 35.96 7.84 6.09
N ALA E 135 35.46 7.83 7.33
CA ALA E 135 36.01 8.59 8.47
C ALA E 135 37.41 8.09 8.86
N GLU E 136 37.67 6.79 8.70
CA GLU E 136 38.95 6.14 8.99
C GLU E 136 40.12 6.69 8.15
N VAL E 137 39.83 7.16 6.91
CA VAL E 137 40.84 7.68 5.98
C VAL E 137 40.75 9.23 5.84
N ALA E 138 39.65 9.85 6.27
CA ALA E 138 39.44 11.29 6.16
C ALA E 138 40.12 12.11 7.25
N THR E 139 40.40 13.39 6.95
CA THR E 139 41.02 14.37 7.84
C THR E 139 40.28 15.70 7.74
N GLY E 140 40.55 16.59 8.69
CA GLY E 140 39.98 17.94 8.78
C GLY E 140 38.48 18.05 8.67
N GLU E 141 38.02 19.03 7.87
CA GLU E 141 36.61 19.35 7.63
C GLU E 141 35.85 18.21 6.97
N LYS E 142 36.52 17.44 6.08
CA LYS E 142 35.95 16.28 5.36
C LYS E 142 35.61 15.16 6.33
N ARG E 143 36.47 14.95 7.35
CA ARG E 143 36.29 13.95 8.40
C ARG E 143 35.09 14.30 9.26
N ALA E 144 34.97 15.57 9.68
CA ALA E 144 33.85 16.06 10.49
C ALA E 144 32.49 15.75 9.84
N THR E 145 32.40 15.90 8.50
CA THR E 145 31.21 15.66 7.69
C THR E 145 30.80 14.19 7.71
N VAL E 146 31.72 13.26 7.33
CA VAL E 146 31.43 11.82 7.30
C VAL E 146 31.16 11.25 8.71
N VAL E 147 31.79 11.81 9.77
CA VAL E 147 31.57 11.39 11.16
C VAL E 147 30.11 11.72 11.58
N GLU E 148 29.64 12.92 11.19
CA GLU E 148 28.29 13.42 11.44
C GLU E 148 27.28 12.51 10.73
N SER E 149 27.57 12.15 9.46
CA SER E 149 26.73 11.27 8.63
C SER E 149 26.62 9.87 9.24
N SER E 150 27.75 9.32 9.74
CA SER E 150 27.84 8.01 10.38
C SER E 150 27.00 7.97 11.65
N GLU E 151 27.13 9.01 12.50
CA GLU E 151 26.38 9.17 13.74
C GLU E 151 24.87 9.21 13.44
N LYS E 152 24.46 10.02 12.45
CA LYS E 152 23.05 10.18 12.03
C LYS E 152 22.44 8.84 11.61
N ALA E 153 23.20 8.01 10.87
CA ALA E 153 22.74 6.69 10.40
C ALA E 153 22.61 5.70 11.54
N TYR E 154 23.65 5.62 12.41
CA TYR E 154 23.67 4.71 13.55
C TYR E 154 22.58 5.06 14.57
N SER E 155 22.44 6.37 14.87
CA SER E 155 21.45 6.90 15.81
C SER E 155 20.01 6.52 15.39
N GLU E 156 19.70 6.64 14.08
CA GLU E 156 18.39 6.31 13.53
C GLU E 156 18.12 4.81 13.65
N ALA E 157 19.11 3.98 13.30
CA ALA E 157 19.04 2.51 13.38
C ALA E 157 18.85 2.04 14.82
N HIS E 158 19.53 2.70 15.77
CA HIS E 158 19.45 2.39 17.19
C HIS E 158 18.06 2.68 17.74
N GLU E 159 17.45 3.80 17.32
CA GLU E 159 16.12 4.23 17.71
C GLU E 159 15.05 3.20 17.28
N ILE E 160 15.15 2.71 16.01
CA ILE E 160 14.23 1.72 15.42
C ILE E 160 14.38 0.36 16.09
N SER E 161 15.63 -0.14 16.23
CA SER E 161 15.94 -1.44 16.83
C SER E 161 15.47 -1.54 18.29
N LYS E 162 15.62 -0.45 19.07
CA LYS E 162 15.20 -0.41 20.48
C LYS E 162 13.68 -0.51 20.59
N GLU E 163 12.96 0.13 19.66
CA GLU E 163 11.50 0.18 19.61
C GLU E 163 10.84 -1.09 19.07
N HIS E 164 11.41 -1.70 18.01
CA HIS E 164 10.77 -2.82 17.34
C HIS E 164 11.47 -4.17 17.43
N MET E 165 12.74 -4.23 17.86
CA MET E 165 13.47 -5.51 17.90
C MET E 165 13.83 -5.94 19.31
N GLN E 166 13.89 -7.27 19.51
CA GLN E 166 14.24 -7.87 20.80
C GLN E 166 15.74 -7.67 21.06
N PRO E 167 16.17 -7.46 22.33
CA PRO E 167 17.60 -7.21 22.60
C PRO E 167 18.57 -8.32 22.16
N THR E 168 18.05 -9.53 21.91
CA THR E 168 18.82 -10.70 21.47
C THR E 168 18.91 -10.82 19.95
N HIS E 169 18.19 -9.96 19.20
CA HIS E 169 18.20 -10.03 17.73
C HIS E 169 19.60 -9.78 17.17
N PRO E 170 20.13 -10.68 16.30
CA PRO E 170 21.50 -10.49 15.76
C PRO E 170 21.73 -9.12 15.12
N ILE E 171 20.74 -8.59 14.37
CA ILE E 171 20.84 -7.28 13.72
C ILE E 171 20.97 -6.16 14.78
N ARG E 172 20.16 -6.22 15.86
CA ARG E 172 20.19 -5.26 16.96
C ARG E 172 21.54 -5.28 17.69
N LEU E 173 22.04 -6.49 18.02
CA LEU E 173 23.33 -6.70 18.68
C LEU E 173 24.48 -6.23 17.77
N GLY E 174 24.41 -6.59 16.49
CA GLY E 174 25.40 -6.24 15.49
C GLY E 174 25.57 -4.74 15.33
N LEU E 175 24.45 -4.01 15.42
CA LEU E 175 24.41 -2.55 15.33
C LEU E 175 25.07 -1.95 16.56
N ALA E 176 24.73 -2.48 17.76
CA ALA E 176 25.29 -2.04 19.03
C ALA E 176 26.81 -2.24 19.06
N LEU E 177 27.30 -3.33 18.45
CA LEU E 177 28.71 -3.66 18.34
C LEU E 177 29.45 -2.61 17.48
N ASN E 178 28.97 -2.34 16.27
CA ASN E 178 29.61 -1.39 15.35
C ASN E 178 29.45 0.07 15.81
N TYR E 179 28.30 0.43 16.39
CA TYR E 179 28.04 1.78 16.92
C TYR E 179 28.97 2.06 18.12
N SER E 180 29.22 1.07 19.00
CA SER E 180 30.14 1.23 20.14
C SER E 180 31.58 1.38 19.64
N VAL E 181 31.95 0.63 18.57
CA VAL E 181 33.27 0.71 17.91
C VAL E 181 33.44 2.14 17.35
N PHE E 182 32.35 2.70 16.77
CA PHE E 182 32.33 4.07 16.23
C PHE E 182 32.63 5.08 17.33
N TYR E 183 31.97 4.94 18.50
CA TYR E 183 32.16 5.82 19.66
C TYR E 183 33.61 5.78 20.16
N TYR E 184 34.19 4.57 20.31
CA TYR E 184 35.56 4.39 20.80
C TYR E 184 36.61 4.83 19.79
N GLU E 185 36.64 4.22 18.60
CA GLU E 185 37.66 4.48 17.58
C GLU E 185 37.52 5.82 16.87
N ILE E 186 36.32 6.19 16.40
CA ILE E 186 36.11 7.41 15.61
C ILE E 186 35.86 8.66 16.48
N GLN E 187 34.86 8.62 17.37
CA GLN E 187 34.49 9.76 18.21
C GLN E 187 35.40 9.98 19.42
N ASN E 188 36.22 8.98 19.78
CA ASN E 188 37.12 8.97 20.94
C ASN E 188 36.31 9.26 22.24
N ALA E 189 35.16 8.58 22.35
CA ALA E 189 34.24 8.66 23.47
C ALA E 189 34.18 7.26 24.12
N PRO E 190 35.18 6.88 24.95
CA PRO E 190 35.18 5.54 25.54
C PRO E 190 34.03 5.28 26.51
N GLU E 191 33.59 6.32 27.26
CA GLU E 191 32.48 6.23 28.21
C GLU E 191 31.17 5.89 27.49
N GLN E 192 30.91 6.55 26.34
CA GLN E 192 29.72 6.29 25.50
C GLN E 192 29.79 4.92 24.85
N ALA E 193 31.01 4.51 24.41
CA ALA E 193 31.30 3.23 23.78
C ALA E 193 31.02 2.08 24.73
N CYS E 194 31.56 2.17 25.97
CA CYS E 194 31.39 1.17 27.01
C CYS E 194 29.94 1.06 27.45
N HIS E 195 29.26 2.21 27.64
CA HIS E 195 27.86 2.24 28.07
C HIS E 195 26.96 1.54 27.07
N LEU E 196 27.15 1.83 25.76
CA LEU E 196 26.36 1.23 24.69
C LEU E 196 26.59 -0.28 24.60
N ALA E 197 27.86 -0.72 24.66
CA ALA E 197 28.23 -2.14 24.60
C ALA E 197 27.75 -2.91 25.82
N LYS E 198 27.82 -2.31 27.04
CA LYS E 198 27.38 -2.95 28.27
C LYS E 198 25.86 -3.08 28.29
N THR E 199 25.12 -1.99 27.94
CA THR E 199 23.64 -1.98 27.92
C THR E 199 23.13 -3.06 26.98
N ALA E 200 23.67 -3.13 25.74
CA ALA E 200 23.31 -4.11 24.72
C ALA E 200 23.55 -5.54 25.20
N PHE E 201 24.69 -5.80 25.87
CA PHE E 201 25.04 -7.11 26.40
C PHE E 201 24.14 -7.49 27.58
N ASP E 202 23.95 -6.56 28.54
CA ASP E 202 23.12 -6.75 29.73
C ASP E 202 21.64 -6.96 29.37
N ASP E 203 21.12 -6.22 28.36
CA ASP E 203 19.73 -6.35 27.91
C ASP E 203 19.50 -7.72 27.24
N ALA E 204 20.48 -8.20 26.46
CA ALA E 204 20.44 -9.49 25.78
C ALA E 204 20.60 -10.64 26.80
N ILE E 205 21.39 -10.41 27.89
CA ILE E 205 21.59 -11.39 28.96
C ILE E 205 20.30 -11.53 29.78
N ALA E 206 19.62 -10.40 30.05
CA ALA E 206 18.36 -10.34 30.79
C ALA E 206 17.23 -11.11 30.10
N GLU E 207 17.26 -11.16 28.74
CA GLU E 207 16.25 -11.88 27.97
C GLU E 207 16.85 -12.98 27.11
N LEU E 208 17.77 -13.79 27.68
CA LEU E 208 18.35 -14.93 26.95
C LEU E 208 17.28 -15.91 26.54
N ASP E 209 16.14 -15.93 27.26
CA ASP E 209 14.99 -16.78 26.95
C ASP E 209 14.36 -16.43 25.58
N THR E 210 14.66 -15.23 25.04
CA THR E 210 14.13 -14.83 23.74
C THR E 210 14.99 -15.33 22.56
N LEU E 211 16.16 -15.96 22.81
CA LEU E 211 17.01 -16.48 21.73
C LEU E 211 16.22 -17.48 20.92
N ASN E 212 16.38 -17.41 19.60
CA ASN E 212 15.71 -18.27 18.63
C ASN E 212 16.60 -19.46 18.31
N GLU E 213 16.01 -20.66 18.25
CA GLU E 213 16.72 -21.90 17.94
C GLU E 213 17.56 -21.82 16.64
N ASP E 214 17.10 -21.03 15.67
CA ASP E 214 17.77 -20.87 14.38
C ASP E 214 18.87 -19.81 14.39
N SER E 215 18.77 -18.80 15.29
CA SER E 215 19.76 -17.70 15.35
C SER E 215 20.42 -17.50 16.74
N TYR E 216 20.43 -18.55 17.61
CA TYR E 216 21.05 -18.42 18.94
C TYR E 216 22.57 -18.30 18.82
N LYS E 217 23.19 -19.10 17.91
CA LYS E 217 24.63 -19.10 17.64
C LYS E 217 25.06 -17.74 17.07
N ASP E 218 24.20 -17.15 16.22
CA ASP E 218 24.42 -15.87 15.57
C ASP E 218 24.45 -14.70 16.56
N SER E 219 23.58 -14.74 17.58
CA SER E 219 23.48 -13.73 18.63
C SER E 219 24.65 -13.82 19.61
N THR E 220 24.93 -15.05 20.12
CA THR E 220 26.00 -15.32 21.09
C THR E 220 27.38 -14.96 20.52
N LEU E 221 27.57 -15.11 19.19
CA LEU E 221 28.81 -14.75 18.50
C LEU E 221 29.09 -13.25 18.62
N ILE E 222 28.02 -12.40 18.49
CA ILE E 222 28.15 -10.94 18.63
C ILE E 222 28.30 -10.58 20.11
N MET E 223 27.54 -11.25 21.00
CA MET E 223 27.60 -11.04 22.45
C MET E 223 29.02 -11.27 22.98
N GLN E 224 29.75 -12.25 22.41
CA GLN E 224 31.14 -12.56 22.75
C GLN E 224 32.03 -11.39 22.36
N LEU E 225 31.83 -10.84 21.13
CA LEU E 225 32.57 -9.69 20.61
C LEU E 225 32.31 -8.45 21.43
N LEU E 226 31.05 -8.26 21.92
CA LEU E 226 30.66 -7.14 22.78
C LEU E 226 31.40 -7.21 24.11
N ARG E 227 31.58 -8.41 24.68
CA ARG E 227 32.32 -8.60 25.92
C ARG E 227 33.82 -8.45 25.69
N ASP E 228 34.36 -9.01 24.58
CA ASP E 228 35.78 -8.93 24.23
C ASP E 228 36.22 -7.49 24.04
N ASN E 229 35.37 -6.67 23.40
CA ASN E 229 35.62 -5.24 23.19
C ASN E 229 35.55 -4.49 24.52
N LEU E 230 34.55 -4.83 25.37
CA LEU E 230 34.36 -4.23 26.69
C LEU E 230 35.53 -4.54 27.64
N THR E 231 36.08 -5.78 27.58
CA THR E 231 37.23 -6.25 28.38
C THR E 231 38.47 -5.46 27.96
N LEU E 232 38.65 -5.27 26.63
CA LEU E 232 39.77 -4.54 26.03
C LEU E 232 39.72 -3.05 26.41
N TRP E 233 38.52 -2.43 26.33
CA TRP E 233 38.33 -1.01 26.63
C TRP E 233 38.45 -0.69 28.12
N THR E 234 38.09 -1.63 29.02
CA THR E 234 38.19 -1.43 30.47
C THR E 234 39.55 -1.92 31.03
N SER E 235 40.45 -2.41 30.15
CA SER E 235 41.82 -2.82 30.45
C SER E 235 42.68 -1.60 30.11
N ASP E 236 42.38 -0.97 28.94
CA ASP E 236 43.02 0.23 28.41
C ASP E 236 42.58 1.51 29.19
N GLN E 237 41.80 1.32 30.28
CA GLN E 237 41.32 2.37 31.16
C GLN E 237 41.57 2.01 32.63
N VAL F 2 58.82 6.48 -14.94
CA VAL F 2 59.43 6.41 -13.61
C VAL F 2 60.78 5.68 -13.65
N ASP F 3 61.71 6.03 -12.72
CA ASP F 3 63.05 5.43 -12.57
C ASP F 3 62.94 3.94 -12.22
N ARG F 4 63.98 3.15 -12.54
CA ARG F 4 64.02 1.70 -12.26
C ARG F 4 63.84 1.42 -10.77
N GLU F 5 64.57 2.18 -9.91
CA GLU F 5 64.51 2.06 -8.45
C GLU F 5 63.10 2.26 -7.90
N GLN F 6 62.34 3.26 -8.43
CA GLN F 6 60.97 3.57 -8.04
C GLN F 6 60.01 2.42 -8.36
N LEU F 7 60.14 1.77 -9.55
CA LEU F 7 59.28 0.65 -9.96
C LEU F 7 59.53 -0.58 -9.09
N VAL F 8 60.81 -0.86 -8.74
CA VAL F 8 61.20 -1.97 -7.87
C VAL F 8 60.61 -1.73 -6.47
N GLN F 9 60.67 -0.47 -6.01
CA GLN F 9 60.13 -0.08 -4.70
C GLN F 9 58.59 -0.12 -4.71
N LYS F 10 57.94 0.25 -5.84
CA LYS F 10 56.48 0.20 -5.98
C LYS F 10 55.98 -1.26 -5.94
N ALA F 11 56.81 -2.21 -6.40
CA ALA F 11 56.54 -3.65 -6.36
C ALA F 11 56.63 -4.16 -4.93
N ARG F 12 57.66 -3.69 -4.16
CA ARG F 12 57.89 -4.04 -2.76
C ARG F 12 56.72 -3.56 -1.88
N LEU F 13 56.17 -2.37 -2.18
CA LEU F 13 55.00 -1.79 -1.50
C LEU F 13 53.75 -2.61 -1.77
N ALA F 14 53.49 -2.92 -3.07
CA ALA F 14 52.34 -3.70 -3.54
C ALA F 14 52.30 -5.11 -2.93
N GLU F 15 53.49 -5.72 -2.68
CA GLU F 15 53.63 -7.03 -2.05
C GLU F 15 53.10 -6.96 -0.61
N GLN F 16 53.52 -5.92 0.13
CA GLN F 16 53.13 -5.70 1.51
C GLN F 16 51.65 -5.37 1.61
N ALA F 17 51.12 -4.62 0.62
CA ALA F 17 49.72 -4.23 0.51
C ALA F 17 48.84 -5.34 -0.06
N GLU F 18 49.46 -6.50 -0.42
CA GLU F 18 48.83 -7.70 -1.01
C GLU F 18 48.03 -7.33 -2.28
N ARG F 19 48.63 -6.47 -3.12
CA ARG F 19 48.07 -6.00 -4.39
C ARG F 19 48.99 -6.54 -5.48
N TYR F 20 48.88 -7.84 -5.72
CA TYR F 20 49.75 -8.58 -6.62
C TYR F 20 49.63 -8.18 -8.10
N ASP F 21 48.48 -7.63 -8.54
CA ASP F 21 48.32 -7.14 -9.91
C ASP F 21 49.25 -5.92 -10.10
N ASP F 22 49.27 -5.00 -9.12
CA ASP F 22 50.13 -3.81 -9.09
C ASP F 22 51.60 -4.22 -9.00
N MET F 23 51.88 -5.31 -8.26
CA MET F 23 53.21 -5.86 -8.06
C MET F 23 53.77 -6.39 -9.37
N ALA F 24 52.97 -7.20 -10.08
CA ALA F 24 53.32 -7.79 -11.37
C ALA F 24 53.51 -6.72 -12.44
N ALA F 25 52.66 -5.68 -12.44
CA ALA F 25 52.72 -4.57 -13.39
C ALA F 25 54.06 -3.83 -13.29
N ALA F 26 54.52 -3.57 -12.05
CA ALA F 26 55.78 -2.89 -11.80
C ALA F 26 56.97 -3.75 -12.23
N MET F 27 56.99 -5.05 -11.86
CA MET F 27 58.08 -5.96 -12.21
C MET F 27 58.13 -6.24 -13.72
N LYS F 28 56.97 -6.18 -14.41
CA LYS F 28 56.91 -6.33 -15.87
C LYS F 28 57.63 -5.14 -16.51
N ASN F 29 57.37 -3.91 -15.99
CA ASN F 29 58.00 -2.67 -16.44
C ASN F 29 59.51 -2.71 -16.26
N VAL F 30 59.99 -3.27 -15.12
CA VAL F 30 61.42 -3.42 -14.79
C VAL F 30 62.07 -4.34 -15.83
N THR F 31 61.42 -5.50 -16.11
CA THR F 31 61.87 -6.51 -17.08
C THR F 31 61.97 -5.89 -18.49
N GLU F 32 60.96 -5.07 -18.85
CA GLU F 32 60.85 -4.40 -20.14
C GLU F 32 61.93 -3.31 -20.38
N LEU F 33 62.83 -3.08 -19.38
CA LEU F 33 63.93 -2.13 -19.50
C LEU F 33 65.17 -2.79 -20.15
N ASN F 34 65.06 -4.10 -20.50
CA ASN F 34 66.06 -4.97 -21.15
C ASN F 34 67.30 -5.30 -20.28
N GLU F 35 67.42 -4.68 -19.09
CA GLU F 35 68.54 -4.88 -18.17
C GLU F 35 68.30 -6.12 -17.30
N PRO F 36 69.35 -6.93 -17.01
CA PRO F 36 69.14 -8.15 -16.19
C PRO F 36 68.62 -7.85 -14.78
N LEU F 37 67.85 -8.81 -14.23
CA LEU F 37 67.29 -8.68 -12.89
C LEU F 37 68.23 -9.26 -11.84
N SER F 38 68.28 -8.62 -10.66
CA SER F 38 69.08 -9.08 -9.52
C SER F 38 68.33 -10.26 -8.87
N ASN F 39 68.96 -10.95 -7.90
CA ASN F 39 68.32 -12.07 -7.19
C ASN F 39 67.02 -11.62 -6.52
N GLU F 40 67.03 -10.40 -5.90
CA GLU F 40 65.87 -9.79 -5.25
C GLU F 40 64.78 -9.47 -6.26
N GLU F 41 65.13 -8.79 -7.37
CA GLU F 41 64.22 -8.42 -8.47
C GLU F 41 63.60 -9.65 -9.12
N ARG F 42 64.42 -10.71 -9.34
CA ARG F 42 64.03 -12.00 -9.92
C ARG F 42 62.94 -12.66 -9.08
N ASN F 43 63.09 -12.60 -7.74
CA ASN F 43 62.13 -13.17 -6.80
C ASN F 43 60.87 -12.31 -6.68
N LEU F 44 61.00 -10.96 -6.76
CA LEU F 44 59.86 -10.04 -6.72
C LEU F 44 58.93 -10.32 -7.91
N LEU F 45 59.49 -10.54 -9.12
CA LEU F 45 58.74 -10.88 -10.34
C LEU F 45 58.05 -12.23 -10.19
N SER F 46 58.79 -13.25 -9.68
CA SER F 46 58.30 -14.61 -9.47
C SER F 46 57.11 -14.64 -8.51
N VAL F 47 57.25 -13.99 -7.32
CA VAL F 47 56.21 -13.89 -6.28
C VAL F 47 54.96 -13.17 -6.84
N ALA F 48 55.18 -12.05 -7.56
CA ALA F 48 54.14 -11.22 -8.17
C ALA F 48 53.23 -12.01 -9.09
N TYR F 49 53.81 -12.69 -10.08
CA TYR F 49 53.07 -13.50 -11.05
C TYR F 49 52.57 -14.81 -10.46
N LYS F 50 53.29 -15.41 -9.49
CA LYS F 50 52.85 -16.66 -8.83
C LYS F 50 51.52 -16.43 -8.11
N ASN F 51 51.39 -15.29 -7.41
CA ASN F 51 50.17 -14.90 -6.69
C ASN F 51 49.04 -14.54 -7.65
N VAL F 52 49.34 -13.84 -8.76
CA VAL F 52 48.35 -13.45 -9.77
C VAL F 52 47.74 -14.70 -10.42
N VAL F 53 48.60 -15.59 -10.97
CA VAL F 53 48.14 -16.84 -11.60
C VAL F 53 47.52 -17.79 -10.55
N GLY F 54 48.11 -17.82 -9.35
CA GLY F 54 47.64 -18.64 -8.23
C GLY F 54 46.20 -18.40 -7.85
N ALA F 55 45.78 -17.12 -7.86
CA ALA F 55 44.40 -16.69 -7.58
C ALA F 55 43.44 -17.32 -8.58
N ARG F 56 43.82 -17.33 -9.88
CA ARG F 56 43.02 -17.91 -10.96
C ARG F 56 43.01 -19.43 -10.87
N ARG F 57 44.18 -20.05 -10.55
CA ARG F 57 44.33 -21.50 -10.40
C ARG F 57 43.41 -22.01 -9.30
N SER F 58 43.41 -21.33 -8.14
CA SER F 58 42.55 -21.67 -7.00
C SER F 58 41.07 -21.55 -7.37
N SER F 59 40.68 -20.43 -8.02
CA SER F 59 39.31 -20.18 -8.45
C SER F 59 38.85 -21.22 -9.45
N TRP F 60 39.70 -21.52 -10.47
CA TRP F 60 39.44 -22.51 -11.51
C TRP F 60 39.16 -23.87 -10.91
N ARG F 61 39.98 -24.31 -9.93
CA ARG F 61 39.82 -25.59 -9.24
C ARG F 61 38.46 -25.65 -8.52
N VAL F 62 38.07 -24.57 -7.82
CA VAL F 62 36.79 -24.47 -7.09
C VAL F 62 35.61 -24.58 -8.06
N ILE F 63 35.62 -23.77 -9.15
CA ILE F 63 34.57 -23.73 -10.17
C ILE F 63 34.48 -25.09 -10.90
N SER F 64 35.64 -25.69 -11.29
CA SER F 64 35.71 -27.00 -11.96
C SER F 64 35.08 -28.09 -11.10
N SER F 65 35.35 -28.08 -9.79
CA SER F 65 34.81 -29.01 -8.80
C SER F 65 33.28 -28.90 -8.76
N ILE F 66 32.76 -27.65 -8.76
CA ILE F 66 31.32 -27.33 -8.76
C ILE F 66 30.71 -27.79 -10.09
N GLU F 67 31.40 -27.53 -11.22
CA GLU F 67 30.98 -27.92 -12.57
C GLU F 67 30.78 -29.44 -12.72
N GLN F 68 31.67 -30.24 -12.09
CA GLN F 68 31.61 -31.71 -12.10
C GLN F 68 30.36 -32.19 -11.33
N LYS F 69 30.08 -31.58 -10.16
CA LYS F 69 28.93 -31.89 -9.31
C LYS F 69 27.62 -31.40 -9.95
N THR F 70 27.63 -30.18 -10.56
CA THR F 70 26.47 -29.57 -11.23
C THR F 70 26.05 -30.34 -12.49
N SER F 71 27.01 -30.97 -13.20
CA SER F 71 26.76 -31.77 -14.41
C SER F 71 25.90 -33.00 -14.10
N ALA F 72 26.09 -33.58 -12.89
CA ALA F 72 25.37 -34.75 -12.40
C ALA F 72 23.87 -34.48 -12.16
N ASP F 73 23.53 -33.31 -11.57
CA ASP F 73 22.13 -32.94 -11.27
C ASP F 73 21.34 -32.58 -12.53
N LYS F 77 20.58 -25.08 -16.72
CA LYS F 77 20.63 -23.63 -16.52
C LYS F 77 21.79 -23.21 -15.58
N LYS F 78 21.95 -23.91 -14.44
CA LYS F 78 23.02 -23.67 -13.47
C LYS F 78 24.37 -24.09 -14.05
N ILE F 79 24.44 -25.30 -14.67
CA ILE F 79 25.65 -25.83 -15.29
C ILE F 79 26.15 -24.90 -16.41
N GLU F 80 25.21 -24.28 -17.16
CA GLU F 80 25.47 -23.33 -18.26
C GLU F 80 26.21 -22.06 -17.74
N MET F 81 25.80 -21.57 -16.57
CA MET F 81 26.31 -20.40 -15.85
C MET F 81 27.70 -20.67 -15.23
N VAL F 82 27.87 -21.87 -14.64
CA VAL F 82 29.13 -22.34 -14.03
C VAL F 82 30.19 -22.50 -15.15
N ARG F 83 29.78 -23.04 -16.32
CA ARG F 83 30.62 -23.24 -17.51
C ARG F 83 31.13 -21.91 -18.06
N ALA F 84 30.25 -20.89 -18.14
CA ALA F 84 30.55 -19.53 -18.61
C ALA F 84 31.56 -18.85 -17.70
N TYR F 85 31.48 -19.16 -16.39
CA TYR F 85 32.37 -18.63 -15.35
C TYR F 85 33.74 -19.33 -15.34
N ARG F 86 33.75 -20.66 -15.53
CA ARG F 86 34.96 -21.49 -15.60
C ARG F 86 35.84 -21.09 -16.78
N GLU F 87 35.19 -20.76 -17.92
CA GLU F 87 35.84 -20.31 -19.15
C GLU F 87 36.36 -18.89 -19.01
N LYS F 88 35.65 -18.02 -18.22
CA LYS F 88 36.05 -16.63 -17.95
C LYS F 88 37.40 -16.63 -17.18
N ILE F 89 37.48 -17.43 -16.09
CA ILE F 89 38.66 -17.60 -15.25
C ILE F 89 39.82 -18.24 -16.07
N GLU F 90 39.50 -19.28 -16.88
CA GLU F 90 40.47 -19.97 -17.75
C GLU F 90 41.19 -18.96 -18.67
N LYS F 91 40.41 -18.10 -19.37
CA LYS F 91 40.92 -17.06 -20.26
C LYS F 91 41.85 -16.09 -19.51
N GLU F 92 41.46 -15.71 -18.27
CA GLU F 92 42.26 -14.83 -17.41
C GLU F 92 43.59 -15.47 -17.07
N LEU F 93 43.57 -16.76 -16.67
CA LEU F 93 44.73 -17.58 -16.33
C LEU F 93 45.70 -17.66 -17.51
N GLU F 94 45.17 -18.02 -18.69
CA GLU F 94 45.94 -18.16 -19.94
C GLU F 94 46.64 -16.84 -20.32
N ALA F 95 45.95 -15.70 -20.13
CA ALA F 95 46.48 -14.36 -20.40
C ALA F 95 47.66 -14.04 -19.49
N VAL F 96 47.58 -14.44 -18.20
CA VAL F 96 48.64 -14.23 -17.21
C VAL F 96 49.88 -15.07 -17.58
N CYS F 97 49.68 -16.38 -17.86
CA CYS F 97 50.76 -17.29 -18.26
C CYS F 97 51.42 -16.82 -19.56
N GLN F 98 50.65 -16.16 -20.45
CA GLN F 98 51.12 -15.61 -21.72
C GLN F 98 52.12 -14.48 -21.52
N ASP F 99 51.81 -13.53 -20.61
CA ASP F 99 52.65 -12.37 -20.26
C ASP F 99 53.98 -12.80 -19.64
N VAL F 100 53.96 -13.82 -18.75
CA VAL F 100 55.14 -14.38 -18.06
C VAL F 100 56.10 -15.00 -19.09
N LEU F 101 55.59 -15.94 -19.91
CA LEU F 101 56.36 -16.64 -20.94
C LEU F 101 56.86 -15.67 -22.02
N SER F 102 56.09 -14.59 -22.31
CA SER F 102 56.47 -13.54 -23.26
C SER F 102 57.68 -12.78 -22.70
N LEU F 103 57.61 -12.38 -21.41
CA LEU F 103 58.70 -11.68 -20.71
C LEU F 103 59.91 -12.61 -20.50
N LEU F 104 59.68 -13.94 -20.32
CA LEU F 104 60.73 -14.94 -20.15
C LEU F 104 61.50 -15.21 -21.45
N ASP F 105 60.79 -15.37 -22.59
CA ASP F 105 61.38 -15.65 -23.90
C ASP F 105 61.98 -14.40 -24.57
N ASN F 106 61.29 -13.24 -24.50
CA ASN F 106 61.70 -11.99 -25.16
C ASN F 106 62.70 -11.15 -24.34
N TYR F 107 62.83 -11.38 -23.01
CA TYR F 107 63.75 -10.57 -22.21
C TYR F 107 64.67 -11.36 -21.27
N LEU F 108 64.08 -12.12 -20.32
CA LEU F 108 64.80 -12.82 -19.25
C LEU F 108 65.75 -13.93 -19.71
N ILE F 109 65.26 -14.98 -20.41
CA ILE F 109 66.12 -16.08 -20.89
C ILE F 109 67.12 -15.56 -21.93
N LYS F 110 66.65 -14.65 -22.82
CA LYS F 110 67.41 -14.01 -23.89
C LYS F 110 68.69 -13.33 -23.37
N ASN F 111 68.58 -12.54 -22.28
CA ASN F 111 69.70 -11.78 -21.70
C ASN F 111 70.63 -12.58 -20.76
N CYS F 112 70.39 -13.90 -20.59
CA CYS F 112 71.24 -14.74 -19.73
C CYS F 112 72.55 -15.05 -20.44
N SER F 113 73.68 -14.81 -19.76
CA SER F 113 75.00 -15.06 -20.30
C SER F 113 75.31 -16.57 -20.34
N GLU F 114 76.32 -16.96 -21.14
CA GLU F 114 76.76 -18.35 -21.30
C GLU F 114 77.06 -19.02 -19.95
N THR F 115 77.71 -18.29 -19.02
CA THR F 115 78.09 -18.79 -17.70
C THR F 115 76.93 -18.72 -16.68
N GLU F 118 72.67 -19.93 -12.59
CA GLU F 118 71.58 -19.76 -11.63
C GLU F 118 70.34 -19.16 -12.28
N SER F 119 70.50 -18.00 -12.96
CA SER F 119 69.45 -17.28 -13.66
C SER F 119 68.82 -18.13 -14.77
N LYS F 120 69.66 -18.80 -15.58
CA LYS F 120 69.21 -19.68 -16.68
C LYS F 120 68.31 -20.80 -16.16
N VAL F 121 68.69 -21.46 -15.04
CA VAL F 121 67.91 -22.53 -14.41
C VAL F 121 66.60 -21.95 -13.83
N PHE F 122 66.69 -20.82 -13.09
CA PHE F 122 65.56 -20.12 -12.49
C PHE F 122 64.47 -19.79 -13.54
N TYR F 123 64.87 -19.18 -14.67
CA TYR F 123 63.96 -18.78 -15.74
C TYR F 123 63.41 -19.97 -16.51
N LEU F 124 64.24 -21.02 -16.77
CA LEU F 124 63.79 -22.23 -17.48
C LEU F 124 62.81 -23.01 -16.61
N LYS F 125 62.99 -22.99 -15.26
CA LYS F 125 62.09 -23.61 -14.29
C LYS F 125 60.74 -22.86 -14.34
N MET F 126 60.79 -21.50 -14.38
CA MET F 126 59.60 -20.64 -14.50
C MET F 126 58.85 -20.97 -15.78
N LYS F 127 59.60 -21.11 -16.91
CA LYS F 127 59.05 -21.48 -18.21
C LYS F 127 58.28 -22.80 -18.11
N GLY F 128 58.88 -23.79 -17.45
CA GLY F 128 58.30 -25.11 -17.21
C GLY F 128 57.08 -25.07 -16.32
N ASP F 129 57.06 -24.13 -15.33
CA ASP F 129 55.96 -23.93 -14.39
C ASP F 129 54.73 -23.33 -15.07
N TYR F 130 54.91 -22.22 -15.84
CA TYR F 130 53.80 -21.53 -16.48
C TYR F 130 53.19 -22.31 -17.65
N TYR F 131 53.98 -23.19 -18.31
CA TYR F 131 53.43 -24.06 -19.35
C TYR F 131 52.67 -25.21 -18.67
N ARG F 132 53.11 -25.60 -17.45
CA ARG F 132 52.46 -26.62 -16.63
C ARG F 132 51.12 -26.09 -16.12
N TYR F 133 51.04 -24.77 -15.81
CA TYR F 133 49.80 -24.10 -15.36
C TYR F 133 48.81 -24.04 -16.52
N LEU F 134 49.33 -23.85 -17.76
CA LEU F 134 48.54 -23.85 -18.99
C LEU F 134 48.01 -25.25 -19.28
N ALA F 135 48.84 -26.30 -19.04
CA ALA F 135 48.50 -27.72 -19.26
C ALA F 135 47.44 -28.25 -18.29
N GLU F 136 47.29 -27.59 -17.11
CA GLU F 136 46.32 -27.91 -16.08
C GLU F 136 44.88 -27.60 -16.54
N VAL F 137 44.72 -26.53 -17.36
CA VAL F 137 43.40 -26.11 -17.85
C VAL F 137 43.19 -26.49 -19.32
N LYS F 142 46.09 -28.57 -28.29
CA LYS F 142 46.38 -27.42 -27.43
C LYS F 142 47.17 -27.81 -26.17
N ARG F 143 46.75 -28.91 -25.49
CA ARG F 143 47.39 -29.44 -24.28
C ARG F 143 48.74 -30.08 -24.58
N ALA F 144 48.80 -30.97 -25.61
CA ALA F 144 49.99 -31.71 -26.06
C ALA F 144 51.10 -30.76 -26.55
N THR F 145 50.72 -29.54 -26.98
CA THR F 145 51.63 -28.49 -27.44
C THR F 145 52.25 -27.79 -26.23
N VAL F 146 51.42 -27.44 -25.22
CA VAL F 146 51.83 -26.73 -24.00
C VAL F 146 52.56 -27.66 -23.01
N VAL F 147 52.25 -28.98 -23.02
CA VAL F 147 52.89 -29.97 -22.15
C VAL F 147 54.31 -30.27 -22.61
N GLU F 148 54.54 -30.30 -23.94
CA GLU F 148 55.84 -30.54 -24.57
C GLU F 148 56.79 -29.37 -24.31
N SER F 149 56.26 -28.13 -24.32
CA SER F 149 57.02 -26.90 -24.06
C SER F 149 57.50 -26.87 -22.61
N SER F 150 56.73 -27.50 -21.68
CA SER F 150 57.03 -27.62 -20.26
C SER F 150 58.17 -28.63 -20.04
N GLU F 151 58.07 -29.82 -20.68
CA GLU F 151 59.09 -30.88 -20.60
C GLU F 151 60.44 -30.40 -21.14
N LYS F 152 60.42 -29.66 -22.28
CA LYS F 152 61.60 -29.07 -22.92
C LYS F 152 62.30 -28.05 -22.01
N ALA F 153 61.50 -27.23 -21.29
CA ALA F 153 61.99 -26.21 -20.36
C ALA F 153 62.64 -26.87 -19.12
N TYR F 154 61.92 -27.85 -18.49
CA TYR F 154 62.38 -28.59 -17.29
C TYR F 154 63.62 -29.43 -17.57
N SER F 155 63.67 -30.09 -18.75
CA SER F 155 64.79 -30.92 -19.19
C SER F 155 66.07 -30.10 -19.37
N GLU F 156 65.95 -28.90 -19.98
CA GLU F 156 67.08 -28.00 -20.20
C GLU F 156 67.64 -27.48 -18.87
N ALA F 157 66.74 -27.05 -17.96
CA ALA F 157 67.08 -26.55 -16.62
C ALA F 157 67.76 -27.64 -15.78
N HIS F 158 67.30 -28.90 -15.91
CA HIS F 158 67.84 -30.05 -15.19
C HIS F 158 69.26 -30.37 -15.64
N GLU F 159 69.54 -30.29 -16.96
CA GLU F 159 70.86 -30.53 -17.53
C GLU F 159 71.88 -29.48 -17.06
N ILE F 160 71.48 -28.19 -17.02
CA ILE F 160 72.33 -27.09 -16.56
C ILE F 160 72.62 -27.19 -15.05
N SER F 161 71.57 -27.40 -14.23
CA SER F 161 71.69 -27.52 -12.77
C SER F 161 72.54 -28.70 -12.33
N ILE F 171 67.63 -23.66 -5.78
CA ILE F 171 67.14 -23.60 -7.15
C ILE F 171 67.14 -25.00 -7.80
N ARG F 172 68.23 -25.77 -7.61
CA ARG F 172 68.37 -27.13 -8.15
C ARG F 172 67.33 -28.08 -7.55
N LEU F 173 67.16 -28.05 -6.21
CA LEU F 173 66.18 -28.86 -5.49
C LEU F 173 64.75 -28.48 -5.90
N GLY F 174 64.49 -27.16 -5.98
CA GLY F 174 63.21 -26.60 -6.37
C GLY F 174 62.77 -27.02 -7.77
N LEU F 175 63.75 -27.09 -8.71
CA LEU F 175 63.58 -27.51 -10.09
C LEU F 175 63.21 -29.00 -10.14
N ALA F 176 63.86 -29.83 -9.29
CA ALA F 176 63.62 -31.28 -9.17
C ALA F 176 62.24 -31.56 -8.57
N LEU F 177 61.80 -30.72 -7.62
CA LEU F 177 60.49 -30.81 -6.97
C LEU F 177 59.36 -30.56 -7.98
N ASN F 178 59.44 -29.43 -8.72
CA ASN F 178 58.49 -29.00 -9.75
C ASN F 178 58.43 -29.96 -10.94
N TYR F 179 59.62 -30.48 -11.37
CA TYR F 179 59.74 -31.42 -12.49
C TYR F 179 59.14 -32.78 -12.17
N SER F 180 59.32 -33.26 -10.91
CA SER F 180 58.75 -34.54 -10.46
C SER F 180 57.23 -34.44 -10.35
N VAL F 181 56.72 -33.28 -9.89
CA VAL F 181 55.29 -32.97 -9.79
C VAL F 181 54.65 -33.01 -11.19
N PHE F 182 55.39 -32.50 -12.21
CA PHE F 182 54.99 -32.48 -13.61
C PHE F 182 54.87 -33.91 -14.13
N TYR F 183 55.85 -34.79 -13.83
CA TYR F 183 55.86 -36.19 -14.24
C TYR F 183 54.65 -36.96 -13.65
N TYR F 184 54.35 -36.79 -12.34
CA TYR F 184 53.25 -37.46 -11.61
C TYR F 184 51.84 -36.94 -11.94
N GLU F 185 51.63 -35.62 -11.92
CA GLU F 185 50.32 -35.03 -12.17
C GLU F 185 50.00 -34.83 -13.67
N ILE F 186 50.94 -34.27 -14.46
CA ILE F 186 50.68 -33.95 -15.87
C ILE F 186 50.96 -35.12 -16.83
N GLN F 187 52.17 -35.71 -16.79
CA GLN F 187 52.58 -36.79 -17.69
C GLN F 187 52.05 -38.17 -17.29
N ASN F 188 51.54 -38.32 -16.03
CA ASN F 188 51.04 -39.58 -15.45
C ASN F 188 52.13 -40.67 -15.52
N ALA F 189 53.37 -40.28 -15.19
CA ALA F 189 54.55 -41.13 -15.17
C ALA F 189 55.05 -41.19 -13.71
N PRO F 190 54.43 -42.04 -12.85
CA PRO F 190 54.85 -42.09 -11.44
C PRO F 190 56.27 -42.63 -11.24
N GLU F 191 56.72 -43.58 -12.09
CA GLU F 191 58.06 -44.16 -12.03
C GLU F 191 59.13 -43.10 -12.29
N GLN F 192 58.92 -42.22 -13.30
CA GLN F 192 59.82 -41.12 -13.64
C GLN F 192 59.80 -40.04 -12.54
N ALA F 193 58.60 -39.78 -11.96
CA ALA F 193 58.38 -38.80 -10.90
C ALA F 193 59.14 -39.19 -9.63
N CYS F 194 58.99 -40.47 -9.21
CA CYS F 194 59.64 -41.02 -8.03
C CYS F 194 61.16 -41.07 -8.20
N HIS F 195 61.65 -41.50 -9.38
CA HIS F 195 63.07 -41.60 -9.68
C HIS F 195 63.75 -40.23 -9.59
N LEU F 196 63.13 -39.18 -10.18
CA LEU F 196 63.65 -37.81 -10.16
C LEU F 196 63.70 -37.26 -8.73
N ALA F 197 62.62 -37.44 -7.96
CA ALA F 197 62.51 -36.97 -6.58
C ALA F 197 63.48 -37.71 -5.64
N LYS F 198 63.65 -39.04 -5.82
CA LYS F 198 64.56 -39.85 -5.01
C LYS F 198 66.02 -39.50 -5.30
N THR F 199 66.40 -39.40 -6.60
CA THR F 199 67.78 -39.05 -7.02
C THR F 199 68.19 -37.70 -6.43
N ALA F 200 67.32 -36.68 -6.57
CA ALA F 200 67.53 -35.32 -6.05
C ALA F 200 67.74 -35.32 -4.53
N PHE F 201 66.91 -36.09 -3.79
CA PHE F 201 66.98 -36.22 -2.34
C PHE F 201 68.24 -36.97 -1.90
N ASP F 202 68.54 -38.12 -2.56
CA ASP F 202 69.71 -38.95 -2.27
C ASP F 202 71.02 -38.22 -2.58
N ASP F 203 71.07 -37.44 -3.68
CA ASP F 203 72.26 -36.67 -4.06
C ASP F 203 72.54 -35.55 -3.06
N ALA F 204 71.47 -34.90 -2.55
CA ALA F 204 71.57 -33.83 -1.56
C ALA F 204 71.91 -34.40 -0.18
N SER F 215 71.05 -19.61 4.13
CA SER F 215 71.19 -20.45 2.94
C SER F 215 70.93 -21.94 3.22
N TYR F 216 71.04 -22.35 4.49
CA TYR F 216 70.83 -23.73 4.94
C TYR F 216 69.34 -24.07 5.14
N LYS F 217 68.55 -23.13 5.72
CA LYS F 217 67.11 -23.29 5.99
C LYS F 217 66.27 -23.39 4.72
N ASP F 218 66.58 -22.56 3.69
CA ASP F 218 65.89 -22.54 2.41
C ASP F 218 66.07 -23.85 1.65
N SER F 219 67.30 -24.41 1.70
CA SER F 219 67.68 -25.68 1.06
C SER F 219 66.96 -26.87 1.71
N THR F 220 66.90 -26.89 3.06
CA THR F 220 66.26 -27.94 3.85
C THR F 220 64.73 -27.96 3.65
N LEU F 221 64.11 -26.78 3.41
CA LEU F 221 62.66 -26.62 3.18
C LEU F 221 62.23 -27.21 1.82
N ILE F 222 63.17 -27.32 0.86
CA ILE F 222 62.96 -27.88 -0.47
C ILE F 222 63.13 -29.40 -0.46
N MET F 223 63.97 -29.93 0.46
CA MET F 223 64.26 -31.35 0.63
C MET F 223 63.13 -32.07 1.40
N GLN F 224 62.48 -31.36 2.34
CA GLN F 224 61.36 -31.90 3.14
C GLN F 224 60.09 -32.02 2.30
N LEU F 225 59.84 -31.02 1.42
CA LEU F 225 58.69 -30.97 0.51
C LEU F 225 58.81 -32.03 -0.60
N LEU F 226 60.05 -32.40 -0.95
CA LEU F 226 60.36 -33.44 -1.94
C LEU F 226 60.20 -34.83 -1.29
N ARG F 227 60.67 -34.99 -0.02
CA ARG F 227 60.59 -36.23 0.76
C ARG F 227 59.14 -36.59 1.11
N ASP F 228 58.30 -35.57 1.39
CA ASP F 228 56.87 -35.73 1.71
C ASP F 228 56.11 -36.29 0.50
N ASN F 229 56.51 -35.89 -0.73
CA ASN F 229 55.95 -36.35 -2.00
C ASN F 229 56.23 -37.83 -2.25
N LEU F 230 57.43 -38.31 -1.83
CA LEU F 230 57.88 -39.71 -1.96
C LEU F 230 57.03 -40.68 -1.13
N THR F 231 56.41 -40.17 -0.04
CA THR F 231 55.54 -40.93 0.85
C THR F 231 54.10 -41.02 0.30
N LEU F 232 53.64 -39.95 -0.37
CA LEU F 232 52.30 -39.83 -0.96
C LEU F 232 52.11 -40.64 -2.25
N TRP F 233 53.19 -40.87 -3.03
CA TRP F 233 53.13 -41.62 -4.29
C TRP F 233 53.44 -43.12 -4.14
N THR F 234 54.28 -43.50 -3.15
CA THR F 234 54.64 -44.89 -2.88
C THR F 234 53.46 -45.68 -2.32
N SER F 235 52.57 -45.01 -1.55
CA SER F 235 51.39 -45.59 -0.93
C SER F 235 50.29 -45.78 -1.97
N THR G 10 -8.83 13.95 -27.90
CA THR G 10 -9.45 12.63 -27.77
C THR G 10 -10.85 12.59 -28.40
N ALA G 11 -11.26 11.39 -28.86
CA ALA G 11 -12.55 11.13 -29.49
C ALA G 11 -13.73 11.25 -28.51
N ARG G 12 -14.91 11.63 -29.03
CA ARG G 12 -16.14 11.79 -28.27
C ARG G 12 -17.10 10.63 -28.52
N LYS G 14 -21.24 9.07 -27.87
CA LYS G 14 -22.59 9.64 -27.92
C LYS G 14 -22.93 10.25 -26.55
N VAL G 15 -23.55 11.43 -26.55
CA VAL G 15 -23.96 12.17 -25.35
C VAL G 15 -25.14 11.46 -24.68
N THR H 10 -36.87 -23.17 12.28
CA THR H 10 -36.55 -22.89 10.88
C THR H 10 -35.55 -23.91 10.29
N ALA H 11 -35.62 -24.15 8.97
CA ALA H 11 -34.75 -25.07 8.23
C ALA H 11 -33.33 -24.52 8.11
N ARG H 12 -32.33 -25.43 8.04
CA ARG H 12 -30.93 -25.08 7.92
C ARG H 12 -30.40 -25.34 6.51
N LYS H 14 -26.64 -25.09 4.05
CA LYS H 14 -25.22 -25.36 4.32
C LYS H 14 -24.58 -24.13 4.98
N VAL H 15 -23.75 -24.36 6.02
CA VAL H 15 -23.05 -23.33 6.78
C VAL H 15 -21.97 -22.65 5.92
N THR I 10 -32.78 37.66 -9.78
CA THR I 10 -32.50 37.49 -8.34
C THR I 10 -31.07 37.88 -7.98
N ALA I 11 -30.87 38.36 -6.73
CA ALA I 11 -29.57 38.79 -6.16
C ALA I 11 -28.61 37.62 -5.96
N ARG I 12 -27.31 37.89 -6.08
CA ARG I 12 -26.24 36.90 -5.91
C ARG I 12 -25.51 37.09 -4.58
N LYS I 14 -22.02 35.68 -2.12
CA LYS I 14 -20.61 35.34 -2.38
C LYS I 14 -20.51 33.90 -2.88
N VAL I 15 -19.66 33.68 -3.89
CA VAL I 15 -19.42 32.37 -4.50
C VAL I 15 -18.66 31.44 -3.53
N THR J 10 -5.96 -14.07 30.63
CA THR J 10 -6.02 -12.61 30.70
C THR J 10 -7.25 -12.10 31.48
N ALA J 11 -7.07 -10.95 32.16
CA ALA J 11 -8.09 -10.27 32.97
C ALA J 11 -9.21 -9.69 32.12
N ARG J 12 -10.43 -9.62 32.69
CA ARG J 12 -11.60 -9.08 32.00
C ARG J 12 -11.95 -7.68 32.49
N LYS J 14 -14.82 -4.26 32.05
CA LYS J 14 -16.28 -4.15 31.99
C LYS J 14 -16.78 -4.45 30.58
N VAL J 15 -17.89 -5.23 30.49
CA VAL J 15 -18.53 -5.64 29.24
C VAL J 15 -19.21 -4.43 28.58
N THR K 10 43.25 -3.65 19.32
CA THR K 10 42.09 -2.88 18.88
C THR K 10 40.79 -3.73 18.87
N ALA K 11 39.65 -3.04 19.05
CA ALA K 11 38.30 -3.63 19.09
C ALA K 11 37.86 -4.19 17.74
N ARG K 12 36.98 -5.19 17.78
CA ARG K 12 36.44 -5.85 16.60
C ARG K 12 35.01 -5.41 16.28
N LYS K 14 31.48 -6.13 13.61
CA LYS K 14 30.82 -7.34 13.10
C LYS K 14 31.52 -7.82 11.83
N VAL K 15 31.73 -9.14 11.71
CA VAL K 15 32.39 -9.78 10.56
C VAL K 15 31.46 -9.73 9.33
N LYS L 14 56.39 -25.63 -5.46
CA LYS L 14 57.01 -24.42 -4.91
C LYS L 14 56.50 -23.17 -5.62
N UNK M 1 39.95 33.90 -35.33
CA UNK M 1 39.95 32.76 -34.42
C UNK M 1 39.29 33.07 -33.06
N UNK M 2 39.05 34.38 -32.76
CA UNK M 2 38.43 34.86 -31.52
C UNK M 2 36.94 34.49 -31.43
N UNK M 3 36.16 34.79 -32.50
CA UNK M 3 34.73 34.46 -32.59
C UNK M 3 34.55 32.96 -32.84
N UNK M 4 35.58 32.31 -33.45
CA UNK M 4 35.62 30.85 -33.75
C UNK M 4 35.71 30.07 -32.44
N UNK M 5 36.43 30.63 -31.44
CA UNK M 5 36.58 30.04 -30.10
C UNK M 5 35.32 30.32 -29.26
N UNK M 6 34.62 31.44 -29.54
CA UNK M 6 33.38 31.85 -28.85
C UNK M 6 32.20 30.94 -29.22
N UNK M 7 32.17 30.42 -30.46
CA UNK M 7 31.13 29.51 -30.97
C UNK M 7 31.36 28.09 -30.45
N UNK M 8 32.65 27.73 -30.22
CA UNK M 8 33.07 26.43 -29.71
C UNK M 8 32.66 26.24 -28.24
N UNK M 9 32.75 27.32 -27.43
CA UNK M 9 32.36 27.35 -26.03
C UNK M 9 30.83 27.39 -25.89
N UNK M 10 30.13 27.95 -26.92
CA UNK M 10 28.67 28.06 -27.00
C UNK M 10 27.99 26.72 -27.37
N UNK M 11 28.77 25.79 -27.96
CA UNK M 11 28.34 24.44 -28.34
C UNK M 11 28.54 23.46 -27.17
N UNK M 12 29.62 23.66 -26.37
CA UNK M 12 29.95 22.85 -25.19
C UNK M 12 28.96 23.06 -24.06
N UNK M 13 28.46 24.31 -23.87
CA UNK M 13 27.46 24.68 -22.85
C UNK M 13 26.07 24.14 -23.20
N UNK M 14 25.74 24.06 -24.50
CA UNK M 14 24.46 23.54 -25.00
C UNK M 14 24.42 22.00 -24.86
N UNK M 15 25.58 21.33 -25.10
CA UNK M 15 25.76 19.88 -24.98
C UNK M 15 25.87 19.45 -23.50
N UNK M 16 26.21 20.40 -22.61
CA UNK M 16 26.32 20.21 -21.16
C UNK M 16 24.92 20.03 -20.54
N UNK M 17 23.90 20.66 -21.17
CA UNK M 17 22.49 20.59 -20.76
C UNK M 17 21.92 19.18 -21.00
N UNK M 18 22.46 18.47 -22.02
CA UNK M 18 22.08 17.10 -22.35
C UNK M 18 22.71 16.13 -21.33
N UNK M 19 23.95 16.44 -20.88
CA UNK M 19 24.69 15.68 -19.88
C UNK M 19 24.11 15.91 -18.49
N UNK M 20 23.64 17.15 -18.20
CA UNK M 20 23.03 17.55 -16.93
C UNK M 20 21.56 17.88 -17.11
N UNK N 1 20.89 26.86 -33.24
CA UNK N 1 20.53 27.97 -32.37
C UNK N 1 19.05 27.90 -31.96
N UNK N 2 18.20 27.36 -32.86
CA UNK N 2 16.74 27.20 -32.66
C UNK N 2 16.42 26.13 -31.62
N UNK N 3 17.25 25.06 -31.55
CA UNK N 3 17.11 23.96 -30.60
C UNK N 3 17.60 24.36 -29.20
N UNK N 4 18.61 25.26 -29.12
CA UNK N 4 19.18 25.78 -27.88
C UNK N 4 18.20 26.70 -27.14
N UNK N 5 17.42 27.50 -27.90
CA UNK N 5 16.40 28.41 -27.37
C UNK N 5 15.14 27.64 -26.98
N UNK N 6 14.89 26.49 -27.64
CA UNK N 6 13.75 25.60 -27.39
C UNK N 6 13.93 24.84 -26.06
N UNK N 7 15.20 24.53 -25.70
CA UNK N 7 15.57 23.83 -24.46
C UNK N 7 15.49 24.75 -23.25
N UNK N 8 15.82 26.05 -23.43
CA UNK N 8 15.77 27.08 -22.38
C UNK N 8 14.32 27.41 -21.98
N UNK N 9 13.39 27.42 -22.97
CA UNK N 9 11.97 27.71 -22.76
C UNK N 9 11.27 26.51 -22.11
N UNK O 1 37.05 -4.55 -29.71
CA UNK O 1 36.93 -3.11 -29.99
C UNK O 1 37.35 -2.24 -28.81
N UNK O 2 37.05 -2.67 -27.56
CA UNK O 2 37.38 -1.96 -26.32
C UNK O 2 38.88 -1.99 -26.00
N UNK O 3 39.61 -3.00 -26.52
CA UNK O 3 41.05 -3.17 -26.33
C UNK O 3 41.84 -2.37 -27.38
N UNK O 4 41.23 -2.14 -28.57
CA UNK O 4 41.81 -1.37 -29.67
C UNK O 4 41.79 0.14 -29.36
N UNK O 5 40.71 0.60 -28.71
CA UNK O 5 40.49 1.99 -28.30
C UNK O 5 41.37 2.38 -27.11
N UNK O 6 41.61 1.43 -26.18
CA UNK O 6 42.44 1.62 -24.98
C UNK O 6 43.95 1.65 -25.31
N UNK O 7 44.35 1.02 -26.44
CA UNK O 7 45.74 0.96 -26.89
C UNK O 7 46.17 2.23 -27.63
N UNK O 8 45.23 2.82 -28.43
CA UNK O 8 45.44 4.04 -29.22
C UNK O 8 45.58 5.28 -28.31
N UNK O 9 44.81 5.32 -27.21
CA UNK O 9 44.82 6.41 -26.22
C UNK O 9 46.06 6.36 -25.34
N UNK O 10 46.58 5.14 -25.03
CA UNK O 10 47.77 4.92 -24.21
C UNK O 10 49.03 5.29 -24.97
N UNK P 1 30.24 11.03 -11.46
CA UNK P 1 31.66 10.74 -11.65
C UNK P 1 32.14 11.15 -13.04
N UNK P 2 31.40 10.74 -14.10
CA UNK P 2 31.70 11.07 -15.50
C UNK P 2 31.37 12.54 -15.78
N UNK P 3 30.43 13.12 -15.00
CA UNK P 3 30.03 14.54 -15.08
C UNK P 3 31.16 15.45 -14.62
N UNK P 4 31.96 14.98 -13.63
CA UNK P 4 33.15 15.67 -13.10
C UNK P 4 34.33 15.49 -14.06
N UNK P 5 34.37 14.36 -14.79
CA UNK P 5 35.41 14.00 -15.77
C UNK P 5 35.34 14.87 -17.02
N UNK P 6 34.12 15.29 -17.42
CA UNK P 6 33.86 16.15 -18.58
C UNK P 6 34.18 17.61 -18.29
N UNK P 7 33.97 18.06 -17.03
CA UNK P 7 34.26 19.43 -16.57
C UNK P 7 35.78 19.71 -16.50
N UNK P 8 36.58 18.67 -16.15
CA UNK P 8 38.05 18.73 -16.05
C UNK P 8 38.69 18.59 -17.44
N UNK P 9 38.02 17.86 -18.37
CA UNK P 9 38.49 17.67 -19.74
C UNK P 9 38.36 18.96 -20.55
N UNK P 10 37.31 19.78 -20.26
CA UNK P 10 37.04 21.06 -20.92
C UNK P 10 38.10 22.11 -20.53
N UNK P 11 38.53 22.09 -19.24
CA UNK P 11 39.53 23.00 -18.69
C UNK P 11 40.93 22.72 -19.28
N UNK P 12 41.27 21.43 -19.51
CA UNK P 12 42.55 21.00 -20.08
C UNK P 12 42.62 21.29 -21.58
N UNK P 13 41.48 21.25 -22.29
CA UNK P 13 41.39 21.53 -23.72
C UNK P 13 41.51 23.02 -24.00
#